data_6PWU
#
_entry.id   6PWU
#
_cell.length_a   1.00
_cell.length_b   1.00
_cell.length_c   1.00
_cell.angle_alpha   90.00
_cell.angle_beta   90.00
_cell.angle_gamma   90.00
#
_symmetry.space_group_name_H-M   'P 1'
#
loop_
_entity.id
_entity.type
_entity.pdbx_description
1 polymer 'Envelope glycoprotein gp160'
2 polymer 'Antibody PG16 Fab heavy chain'
3 polymer 'Antibody PG16 Fab light chain'
4 branched beta-D-galactopyranose-(1-4)-2-acetamido-2-deoxy-beta-D-glucopyranose-(1-2)-alpha-D-mannopyranose-(1-6)-beta-D-mannopyranose-(1-4)-2-acetamido-2-deoxy-beta-D-glucopyranose-(1-4)-2-acetamido-2-deoxy-beta-D-glucopyranose
5 branched alpha-D-mannopyranose-(1-3)-[alpha-D-mannopyranose-(1-6)]beta-D-mannopyranose-(1-4)-2-acetamido-2-deoxy-beta-D-glucopyranose-(1-4)-2-acetamido-2-deoxy-beta-D-glucopyranose
6 branched beta-D-mannopyranose-(1-4)-2-acetamido-2-deoxy-beta-D-glucopyranose-(1-4)-2-acetamido-2-deoxy-beta-D-glucopyranose
7 branched 2-acetamido-2-deoxy-beta-D-glucopyranose-(1-4)-2-acetamido-2-deoxy-beta-D-glucopyranose
8 branched 2-acetamido-2-deoxy-beta-D-glucopyranose-(1-4)-[alpha-L-fucopyranose-(1-6)]2-acetamido-2-deoxy-beta-D-glucopyranose
9 branched alpha-D-mannopyranose-(1-3)-[alpha-D-mannopyranose-(1-6)]alpha-D-mannopyranose-(1-6)-[alpha-D-mannopyranose-(1-3)]beta-D-mannopyranose-(1-4)-2-acetamido-2-deoxy-beta-D-glucopyranose-(1-4)-2-acetamido-2-deoxy-beta-D-glucopyranose
10 branched beta-D-mannopyranose-(1-4)-2-acetamido-2-deoxy-beta-D-glucopyranose-(1-4)-[alpha-L-fucopyranose-(1-6)]2-acetamido-2-deoxy-beta-D-glucopyranose
11 non-polymer 2-acetamido-2-deoxy-beta-D-glucopyranose
#
loop_
_entity_poly.entity_id
_entity_poly.type
_entity_poly.pdbx_seq_one_letter_code
_entity_poly.pdbx_strand_id
1 'polypeptide(L)'
;MRVRGIQRNCQHLWRWGTLILGMLMICSAAENLWVTVYYGVPVWKDAETTLFCASDAKAYDTEVHNVWATHACVPTDPNP
QEIYMENVTEEFNMWKNNMVEQMHTDIISLWDQSLKPCVQLTPLCVTLDCSYNITNNITNSITNSSVNMREEIKNCSFNM
TTELRDKNRKVYSLFYKLDVVQINNGNNSSNLYRLINCNTSALTQACPKVTFEPIPIRYCAPAGYAILKCNDKEFNGTGL
CKNVSTVQCTHGIRPVVSTQLLLNGSLAEGKVMIRSENITNNVKNIIVQLNETVTINCTRPNNNTRKSVRIGPGQTFYAT
GDIIGDIRQAHCNVSGSQWNRALHQVVGQLREYWNTTIIFKNSSGGDLEITTHSFNCGGEFFYCNTSGLFNSNWTHNDTA
SMKPNDTITLPCRIKQIINMWQRVGQAIYAPPIQGVIRCESNITGLILTRDGGGNINESQIFRPGGGDMRDNWRSELYKY
KVVRIEPLGVAPTKAKRRVVEREKRAVVELGAVFIGFLGTAGSTMGAASITLTVQVRKLLSGIVQQQSNLLRAIEAQQHL
LKLTVWGIKQLQARVLAVERYLRDQQLLGIWGCSGKLICTTNVPWNSSWSNKSEREIWENMTWLQWDKEISNYTHIIYEL
IEESQKQQEKNEQELLELDKWANLWNWFDISNWLWYIKIFIMIVGGLIGLRIVFAVLSVINRVRQGYSPLSFQTLTPNPR
DPDRPGRIEGEGGEQDRGRSIRLVSGFLALAWDDLRNLCLSSYHQLRDFILIVARTVELLGHSSLKGLRLGWEGLKYLGN
LLLYWGRELKTSAINLFDTIAIVVAGWTDRVIEVGQRLGRAILNIPRRIRQGLERALL
;
A,C,E
2 'polypeptide(L)'
;MEFGLSWVFLVALLRGVQCQEQLVESGGGVVQPGGSLRLSCLASGFTFHKYGMHWVRQAPGKGLEWVALISDDGMRKYHS
DSMWGRVTISRDNSKNTLYLQFSSLKVEDTAMFFCAREAGGPIWHDDVKYYDFNDGYYNYHYMDVWGKGTTVTVSSASTK
GPSVFPLAPSSKSTSGGTAALGCLVKDYFPEPVTVSWNSGALTSGVHTFPAVLQSSGLYSLSSVVTVPSSSLGTQTYICN
VNHKPSNTKVDKRVEPKSCDKASGGGSAWSHPQFEKGGGSGGGSGGSSAWSHPQFEK
;
H
3 'polypeptide(L)'
;MAWALLLLTLLTQGTGSWAQSALTQPASVSGSPGQTITISCNGTSSDVGGFDSVSWYQQSPGKAPKVMVFDVSHRPSGIS
NRFSGSKSGNTASLTISGLHIEDEGDYFCSSLTDRSHRIFGGGTKVTVLGQPKAAPSVTLFPPSSEELQANKATLVCLIS
DFYPGAVTVAWKADSSPVKAGVETTTPSKQSNNKYAASSYLSLTPEQWKSHKSYSCQVTHEGSTVEKTVAPTECSGGSGG
HHHHHHHHHH
;
L
#
# COMPACT_ATOMS: atom_id res chain seq x y z
N GLU A 31 37.77 25.14 -57.56
CA GLU A 31 36.71 24.98 -58.56
C GLU A 31 35.88 23.75 -58.18
N ASN A 32 36.53 22.59 -58.18
CA ASN A 32 35.86 21.34 -57.82
C ASN A 32 35.30 21.43 -56.40
N LEU A 33 33.97 21.30 -56.29
CA LEU A 33 33.27 21.39 -55.01
C LEU A 33 33.06 19.99 -54.44
N TRP A 34 34.16 19.38 -54.01
CA TRP A 34 34.07 18.08 -53.34
C TRP A 34 33.39 18.26 -51.98
N VAL A 35 32.30 17.54 -51.76
CA VAL A 35 31.62 17.62 -50.48
C VAL A 35 32.49 16.95 -49.42
N THR A 36 32.46 17.51 -48.21
CA THR A 36 33.22 17.00 -47.07
C THR A 36 32.34 17.06 -45.83
N VAL A 37 32.32 15.96 -45.08
CA VAL A 37 31.50 15.81 -43.89
C VAL A 37 32.38 16.04 -42.66
N TYR A 38 31.81 16.68 -41.64
CA TYR A 38 32.47 16.94 -40.39
C TYR A 38 31.51 16.61 -39.25
N TYR A 39 32.07 16.30 -38.09
CA TYR A 39 31.30 15.98 -36.89
C TYR A 39 31.95 16.67 -35.70
N GLY A 40 31.24 16.66 -34.58
CA GLY A 40 31.69 17.41 -33.41
C GLY A 40 31.76 18.90 -33.61
N VAL A 41 30.98 19.43 -34.54
CA VAL A 41 31.01 20.86 -34.90
C VAL A 41 30.04 21.59 -33.97
N PRO A 42 30.36 22.77 -33.45
CA PRO A 42 29.41 23.45 -32.54
C PRO A 42 28.15 23.88 -33.28
N VAL A 43 27.01 23.31 -32.87
CA VAL A 43 25.71 23.65 -33.40
C VAL A 43 24.74 23.78 -32.23
N TRP A 44 23.83 24.75 -32.34
CA TRP A 44 22.87 25.06 -31.28
C TRP A 44 21.50 25.24 -31.91
N LYS A 45 20.54 24.42 -31.48
CA LYS A 45 19.19 24.43 -32.02
C LYS A 45 18.19 24.28 -30.88
N ASP A 46 16.90 24.33 -31.23
CA ASP A 46 15.83 24.24 -30.24
C ASP A 46 15.71 22.79 -29.81
N ALA A 47 15.83 22.56 -28.50
CA ALA A 47 15.74 21.23 -27.91
C ALA A 47 14.39 21.02 -27.25
N GLU A 48 13.93 19.76 -27.26
CA GLU A 48 12.74 19.34 -26.53
C GLU A 48 13.07 17.95 -25.97
N THR A 49 13.53 17.91 -24.72
CA THR A 49 13.99 16.66 -24.10
C THR A 49 13.58 16.68 -22.63
N THR A 50 14.10 15.71 -21.88
CA THR A 50 13.79 15.54 -20.47
C THR A 50 14.93 16.08 -19.62
N LEU A 51 14.58 16.79 -18.55
CA LEU A 51 15.53 17.29 -17.58
C LEU A 51 15.74 16.25 -16.48
N PHE A 52 16.80 16.46 -15.70
CA PHE A 52 17.20 15.54 -14.64
C PHE A 52 17.41 16.32 -13.36
N CYS A 53 16.71 15.92 -12.30
CA CYS A 53 16.81 16.60 -11.02
C CYS A 53 18.20 16.42 -10.40
N ALA A 54 18.60 17.41 -9.62
CA ALA A 54 19.87 17.38 -8.91
C ALA A 54 19.82 18.43 -7.81
N SER A 55 20.79 18.36 -6.90
CA SER A 55 20.89 19.32 -5.82
C SER A 55 22.34 19.34 -5.32
N ASP A 56 22.65 20.36 -4.51
CA ASP A 56 23.98 20.47 -3.94
C ASP A 56 24.22 19.34 -2.95
N ALA A 57 25.49 19.19 -2.54
CA ALA A 57 25.85 18.14 -1.60
C ALA A 57 25.18 18.35 -0.24
N LYS A 58 24.92 19.60 0.15
CA LYS A 58 24.33 19.87 1.45
C LYS A 58 22.94 19.27 1.58
N ALA A 59 22.20 19.16 0.47
CA ALA A 59 20.87 18.57 0.52
C ALA A 59 20.94 17.09 0.89
N TYR A 60 21.95 16.38 0.40
CA TYR A 60 22.09 14.95 0.63
C TYR A 60 22.82 14.63 1.93
N ASP A 61 23.67 15.53 2.42
CA ASP A 61 24.33 15.35 3.71
C ASP A 61 23.42 15.64 4.90
N THR A 62 22.17 16.05 4.67
CA THR A 62 21.24 16.26 5.78
C THR A 62 20.79 14.96 6.45
N GLU A 63 21.05 13.81 5.83
CA GLU A 63 20.74 12.47 6.36
C GLU A 63 19.30 12.36 6.85
N VAL A 64 18.38 12.96 6.09
CA VAL A 64 16.94 12.76 6.26
C VAL A 64 16.44 12.07 4.99
N HIS A 65 15.43 11.21 5.16
CA HIS A 65 14.84 10.45 4.05
C HIS A 65 14.50 11.34 2.86
N ASN A 66 13.63 12.33 3.05
CA ASN A 66 13.55 13.44 2.10
C ASN A 66 12.88 14.62 2.76
N VAL A 67 13.59 15.74 2.93
CA VAL A 67 12.90 17.04 3.13
C VAL A 67 12.69 17.64 1.75
N TRP A 68 11.64 17.20 1.08
CA TRP A 68 10.81 17.88 0.09
C TRP A 68 11.49 18.06 -1.27
N ALA A 69 12.79 17.76 -1.41
CA ALA A 69 13.36 17.33 -2.68
C ALA A 69 14.31 16.14 -2.57
N THR A 70 14.77 15.78 -1.37
CA THR A 70 15.98 14.96 -1.26
C THR A 70 15.65 13.50 -1.57
N HIS A 71 15.43 13.27 -2.85
CA HIS A 71 15.24 11.96 -3.43
C HIS A 71 16.63 11.43 -3.77
N ALA A 72 16.69 10.31 -4.49
CA ALA A 72 17.94 9.73 -4.96
C ALA A 72 18.44 10.34 -6.27
N CYS A 73 17.95 11.55 -6.60
CA CYS A 73 18.40 12.29 -7.77
C CYS A 73 19.91 12.44 -7.79
N VAL A 74 20.47 12.57 -8.98
CA VAL A 74 21.91 12.59 -9.20
C VAL A 74 22.47 13.84 -8.51
N PRO A 75 23.37 13.72 -7.53
CA PRO A 75 24.02 14.93 -7.01
C PRO A 75 24.81 15.65 -8.08
N THR A 76 24.94 16.97 -7.89
CA THR A 76 25.55 17.82 -8.90
C THR A 76 27.02 17.45 -9.10
N ASP A 77 27.49 17.66 -10.33
CA ASP A 77 28.90 17.46 -10.66
C ASP A 77 29.76 18.36 -9.78
N PRO A 78 31.00 17.96 -9.47
CA PRO A 78 31.86 18.87 -8.67
C PRO A 78 32.15 20.21 -9.33
N ASN A 79 32.02 20.32 -10.66
CA ASN A 79 32.29 21.57 -11.37
C ASN A 79 31.50 21.61 -12.66
N PRO A 80 30.20 21.94 -12.59
CA PRO A 80 29.42 22.10 -13.83
C PRO A 80 29.96 23.29 -14.63
N GLN A 81 30.46 23.00 -15.83
CA GLN A 81 31.12 24.02 -16.62
C GLN A 81 30.11 25.01 -17.19
N GLU A 82 30.37 26.30 -16.99
CA GLU A 82 29.60 27.39 -17.57
C GLU A 82 30.56 28.17 -18.48
N ILE A 83 30.64 27.75 -19.73
CA ILE A 83 31.59 28.30 -20.69
C ILE A 83 30.94 29.47 -21.41
N TYR A 84 31.61 30.62 -21.41
CA TYR A 84 31.08 31.78 -22.09
C TYR A 84 31.17 31.61 -23.61
N MET A 85 30.44 32.46 -24.32
CA MET A 85 30.44 32.43 -25.79
C MET A 85 29.95 33.79 -26.26
N GLU A 86 30.79 34.50 -27.01
CA GLU A 86 30.57 35.85 -27.49
C GLU A 86 30.51 35.83 -29.02
N ASN A 87 30.05 36.94 -29.59
CA ASN A 87 29.92 37.11 -31.05
C ASN A 87 28.99 36.04 -31.63
N VAL A 88 27.87 35.83 -30.95
CA VAL A 88 26.84 34.87 -31.36
C VAL A 88 25.48 35.51 -31.18
N THR A 89 24.44 34.79 -31.61
CA THR A 89 23.07 35.25 -31.48
C THR A 89 22.16 34.05 -31.25
N GLU A 90 21.11 34.25 -30.48
CA GLU A 90 20.15 33.20 -30.19
C GLU A 90 18.84 33.82 -29.74
N GLU A 91 17.74 33.21 -30.15
CA GLU A 91 16.40 33.69 -29.81
C GLU A 91 15.99 33.14 -28.45
N PHE A 92 14.94 33.76 -27.89
CA PHE A 92 14.41 33.39 -26.59
C PHE A 92 12.91 33.62 -26.58
N ASN A 93 12.16 32.62 -26.10
CA ASN A 93 10.75 32.77 -25.74
C ASN A 93 10.57 32.03 -24.41
N MET A 94 10.70 32.77 -23.31
CA MET A 94 10.66 32.15 -21.99
C MET A 94 9.29 31.54 -21.69
N TRP A 95 8.21 32.15 -22.20
CA TRP A 95 6.88 31.65 -21.91
C TRP A 95 6.59 30.34 -22.61
N LYS A 96 7.19 30.12 -23.78
CA LYS A 96 7.01 28.88 -24.54
C LYS A 96 7.94 27.76 -24.10
N ASN A 97 8.67 27.92 -23.00
CA ASN A 97 9.62 26.90 -22.56
C ASN A 97 8.89 25.73 -21.91
N ASN A 98 9.37 24.52 -22.19
CA ASN A 98 8.79 23.30 -21.65
C ASN A 98 9.40 22.89 -20.31
N MET A 99 10.18 23.76 -19.67
CA MET A 99 10.83 23.39 -18.41
C MET A 99 9.82 23.30 -17.29
N VAL A 100 9.00 24.33 -17.11
CA VAL A 100 8.09 24.38 -15.97
C VAL A 100 7.05 23.28 -16.03
N GLU A 101 6.69 22.84 -17.25
CA GLU A 101 5.76 21.72 -17.41
C GLU A 101 6.28 20.47 -16.71
N GLN A 102 7.45 19.98 -17.16
CA GLN A 102 8.05 18.82 -16.53
C GLN A 102 8.38 19.06 -15.07
N MET A 103 8.74 20.29 -14.71
CA MET A 103 9.08 20.58 -13.32
C MET A 103 7.89 20.36 -12.41
N HIS A 104 6.75 20.99 -12.72
CA HIS A 104 5.59 20.81 -11.84
C HIS A 104 5.02 19.41 -11.95
N THR A 105 5.20 18.74 -13.10
CA THR A 105 4.78 17.34 -13.19
C THR A 105 5.57 16.47 -12.23
N ASP A 106 6.90 16.57 -12.26
CA ASP A 106 7.73 15.80 -11.35
C ASP A 106 7.50 16.19 -9.89
N ILE A 107 7.22 17.48 -9.65
CA ILE A 107 6.95 17.92 -8.28
C ILE A 107 5.66 17.28 -7.77
N ILE A 108 4.62 17.23 -8.61
CA ILE A 108 3.37 16.61 -8.19
C ILE A 108 3.57 15.11 -8.01
N SER A 109 4.41 14.49 -8.84
CA SER A 109 4.68 13.07 -8.70
C SER A 109 5.39 12.78 -7.38
N LEU A 110 6.40 13.59 -7.05
CA LEU A 110 7.11 13.41 -5.77
C LEU A 110 6.19 13.69 -4.59
N TRP A 111 5.27 14.65 -4.74
CA TRP A 111 4.31 14.94 -3.69
C TRP A 111 3.37 13.75 -3.47
N ASP A 112 2.90 13.12 -4.55
CA ASP A 112 2.09 11.93 -4.42
C ASP A 112 2.89 10.79 -3.78
N GLN A 113 4.15 10.64 -4.17
CA GLN A 113 5.00 9.60 -3.60
C GLN A 113 5.16 9.78 -2.09
N SER A 114 5.41 11.02 -1.65
CA SER A 114 5.48 11.31 -0.23
C SER A 114 4.11 11.21 0.44
N LEU A 115 3.02 11.35 -0.32
CA LEU A 115 1.68 11.22 0.22
C LEU A 115 1.32 9.76 0.48
N LYS A 116 1.85 8.83 -0.32
CA LYS A 116 1.56 7.40 -0.21
C LYS A 116 1.77 6.83 1.20
N PRO A 117 2.95 6.97 1.81
CA PRO A 117 3.14 6.38 3.16
C PRO A 117 2.31 7.03 4.26
N CYS A 118 1.67 8.18 4.01
CA CYS A 118 0.89 8.82 5.04
C CYS A 118 -0.37 8.02 5.35
N VAL A 119 -0.74 8.00 6.63
CA VAL A 119 -1.97 7.33 7.04
C VAL A 119 -3.18 8.17 6.64
N GLN A 120 -4.28 7.49 6.35
CA GLN A 120 -5.49 8.18 5.90
C GLN A 120 -6.27 8.73 7.09
N LEU A 121 -7.12 9.73 6.79
CA LEU A 121 -7.93 10.42 7.78
C LEU A 121 -9.40 10.38 7.42
N THR A 122 -9.84 9.30 6.77
CA THR A 122 -11.24 9.11 6.38
C THR A 122 -12.17 8.96 7.58
N PRO A 123 -11.87 8.16 8.61
CA PRO A 123 -12.80 8.07 9.76
C PRO A 123 -12.96 9.36 10.54
N LEU A 124 -12.09 10.36 10.34
CA LEU A 124 -12.20 11.64 11.04
C LEU A 124 -13.41 12.46 10.61
N CYS A 125 -14.09 12.09 9.53
CA CYS A 125 -15.17 12.89 8.96
C CYS A 125 -16.46 12.85 9.76
N VAL A 126 -16.51 12.16 10.90
CA VAL A 126 -17.74 12.12 11.69
C VAL A 126 -18.08 13.51 12.21
N THR A 127 -19.36 13.71 12.51
CA THR A 127 -19.81 14.96 13.09
C THR A 127 -19.25 15.13 14.50
N LEU A 128 -18.78 16.33 14.80
CA LEU A 128 -18.09 16.65 16.05
C LEU A 128 -18.84 17.74 16.80
N ASP A 129 -18.34 18.03 18.01
CA ASP A 129 -18.84 19.13 18.84
C ASP A 129 -17.65 19.92 19.36
N CYS A 130 -17.63 21.22 19.06
CA CYS A 130 -16.52 22.11 19.38
C CYS A 130 -17.01 23.28 20.24
N SER A 131 -16.07 23.88 20.97
CA SER A 131 -16.32 25.05 21.80
C SER A 131 -15.30 26.12 21.43
N TYR A 132 -15.78 27.33 21.19
CA TYR A 132 -14.93 28.43 20.72
C TYR A 132 -14.17 29.07 21.87
N ASN A 133 -14.89 29.61 22.85
CA ASN A 133 -14.24 30.22 24.00
C ASN A 133 -13.70 29.16 24.93
N ILE A 134 -12.42 29.27 25.28
CA ILE A 134 -11.69 28.27 26.06
C ILE A 134 -10.99 28.98 27.22
N THR A 135 -10.34 28.18 28.06
CA THR A 135 -9.72 28.71 29.29
C THR A 135 -8.32 29.25 29.01
N ASN A 136 -8.29 30.32 28.21
CA ASN A 136 -7.08 31.05 27.87
C ASN A 136 -7.31 32.53 28.13
N ASN A 137 -6.19 33.26 28.25
CA ASN A 137 -6.26 34.65 28.70
C ASN A 137 -6.64 35.59 27.56
N ILE A 138 -5.85 35.60 26.48
CA ILE A 138 -6.05 36.56 25.39
C ILE A 138 -7.00 35.94 24.36
N THR A 139 -7.99 36.73 23.95
CA THR A 139 -8.82 36.42 22.78
C THR A 139 -8.83 37.59 21.80
N ASN A 140 -8.70 38.82 22.33
CA ASN A 140 -8.63 40.04 21.54
C ASN A 140 -7.25 40.65 21.72
N SER A 141 -6.43 40.60 20.68
CA SER A 141 -5.08 41.15 20.75
C SER A 141 -5.14 42.66 20.53
N ILE A 142 -3.97 43.29 20.42
CA ILE A 142 -3.93 44.74 20.23
C ILE A 142 -4.46 45.14 18.86
N THR A 143 -4.22 44.31 17.84
CA THR A 143 -4.65 44.61 16.47
C THR A 143 -6.05 44.06 16.23
N ASN A 144 -6.80 44.77 15.39
CA ASN A 144 -8.13 44.33 14.97
C ASN A 144 -8.26 44.64 13.47
N SER A 145 -8.34 43.57 12.67
CA SER A 145 -8.46 43.66 11.22
C SER A 145 -9.53 42.69 10.73
N SER A 146 -10.65 42.63 11.46
CA SER A 146 -11.73 41.67 11.20
C SER A 146 -11.24 40.24 11.36
N VAL A 147 -10.29 40.03 12.27
CA VAL A 147 -9.74 38.71 12.58
C VAL A 147 -9.80 38.38 14.06
N ASN A 148 -9.99 39.35 14.97
CA ASN A 148 -10.06 39.03 16.39
C ASN A 148 -11.30 38.20 16.70
N MET A 149 -12.46 38.56 16.16
CA MET A 149 -13.65 37.73 16.35
C MET A 149 -13.52 36.42 15.62
N ARG A 150 -12.92 36.43 14.42
CA ARG A 150 -12.60 35.22 13.69
C ARG A 150 -11.25 34.66 14.17
N GLU A 151 -11.24 34.27 15.45
CA GLU A 151 -10.01 33.83 16.09
C GLU A 151 -9.47 32.52 15.49
N GLU A 152 -10.32 31.74 14.81
CA GLU A 152 -10.00 30.41 14.27
C GLU A 152 -9.25 29.56 15.29
N ILE A 153 -9.75 29.56 16.52
CA ILE A 153 -9.21 28.73 17.60
C ILE A 153 -10.40 28.19 18.37
N LYS A 154 -10.68 26.89 18.21
CA LYS A 154 -11.68 26.19 19.00
C LYS A 154 -11.08 24.89 19.50
N ASN A 155 -11.64 24.37 20.58
CA ASN A 155 -11.26 23.07 21.12
C ASN A 155 -12.45 22.13 21.00
N CYS A 156 -12.20 20.94 20.47
CA CYS A 156 -13.25 20.10 19.91
C CYS A 156 -13.06 18.66 20.32
N SER A 157 -14.16 17.99 20.63
CA SER A 157 -14.19 16.58 20.96
C SER A 157 -14.65 15.78 19.74
N PHE A 158 -14.17 14.54 19.65
CA PHE A 158 -14.42 13.75 18.46
C PHE A 158 -14.25 12.27 18.79
N ASN A 159 -15.12 11.46 18.22
CA ASN A 159 -15.04 10.01 18.37
C ASN A 159 -13.99 9.45 17.41
N MET A 160 -13.21 8.50 17.90
CA MET A 160 -12.19 7.82 17.11
C MET A 160 -12.19 6.36 17.50
N THR A 161 -12.10 5.49 16.50
CA THR A 161 -12.04 4.06 16.77
C THR A 161 -10.73 3.71 17.45
N THR A 162 -10.81 2.84 18.44
CA THR A 162 -9.62 2.30 19.08
C THR A 162 -8.91 1.35 18.11
N GLU A 163 -7.74 0.86 18.52
CA GLU A 163 -7.01 -0.12 17.72
C GLU A 163 -7.84 -1.34 17.39
N LEU A 164 -8.75 -1.74 18.29
CA LEU A 164 -9.64 -2.86 18.02
C LEU A 164 -10.85 -2.38 17.22
N ARG A 165 -11.54 -3.35 16.60
CA ARG A 165 -12.64 -3.03 15.70
C ARG A 165 -13.78 -2.30 16.42
N ASP A 166 -14.39 -2.94 17.41
CA ASP A 166 -15.59 -2.38 18.03
C ASP A 166 -15.27 -1.29 19.04
N LYS A 167 -14.08 -1.32 19.64
CA LYS A 167 -13.73 -0.34 20.66
C LYS A 167 -13.52 1.04 20.05
N ASN A 168 -14.26 2.03 20.56
CA ASN A 168 -14.11 3.42 20.16
C ASN A 168 -13.95 4.27 21.42
N ARG A 169 -13.66 5.55 21.22
CA ARG A 169 -13.51 6.46 22.35
C ARG A 169 -13.54 7.89 21.85
N LYS A 170 -14.12 8.78 22.66
CA LYS A 170 -14.13 10.20 22.38
C LYS A 170 -12.90 10.84 23.01
N VAL A 171 -12.20 11.67 22.24
CA VAL A 171 -11.02 12.39 22.71
C VAL A 171 -11.08 13.81 22.14
N TYR A 172 -10.41 14.74 22.83
CA TYR A 172 -10.47 16.16 22.51
C TYR A 172 -9.11 16.65 22.02
N SER A 173 -9.16 17.73 21.25
CA SER A 173 -7.96 18.37 20.71
C SER A 173 -8.31 19.82 20.39
N LEU A 174 -7.39 20.52 19.71
CA LEU A 174 -7.57 21.90 19.27
C LEU A 174 -7.57 21.94 17.76
N PHE A 175 -8.49 22.73 17.19
CA PHE A 175 -8.63 22.87 15.75
C PHE A 175 -9.00 24.30 15.41
N TYR A 176 -8.73 24.66 14.15
CA TYR A 176 -9.04 25.98 13.63
C TYR A 176 -10.46 26.01 13.06
N LYS A 177 -10.92 27.21 12.71
CA LYS A 177 -12.22 27.36 12.07
C LYS A 177 -12.16 27.08 10.58
N LEU A 178 -11.03 27.37 9.94
CA LEU A 178 -10.93 27.17 8.50
C LEU A 178 -10.93 25.69 8.11
N ASP A 179 -10.63 24.79 9.04
CA ASP A 179 -10.58 23.38 8.71
C ASP A 179 -11.96 22.81 8.38
N VAL A 180 -13.01 23.35 9.00
CA VAL A 180 -14.38 22.85 8.90
C VAL A 180 -15.32 24.02 8.68
N VAL A 181 -16.61 23.70 8.59
CA VAL A 181 -17.67 24.70 8.49
C VAL A 181 -18.89 24.16 9.24
N GLN A 182 -19.62 25.08 9.88
CA GLN A 182 -20.83 24.71 10.60
C GLN A 182 -21.85 24.08 9.65
N ILE A 183 -22.39 22.93 10.04
CA ILE A 183 -23.37 22.24 9.23
C ILE A 183 -24.66 23.07 9.22
N ASN A 184 -25.00 23.63 8.06
CA ASN A 184 -26.17 24.49 7.92
C ASN A 184 -27.48 23.71 7.74
N ASN A 185 -27.47 22.38 7.90
CA ASN A 185 -28.72 21.64 7.74
C ASN A 185 -29.67 21.90 8.90
N GLY A 186 -29.14 22.16 10.09
CA GLY A 186 -29.94 22.48 11.26
C GLY A 186 -30.26 23.96 11.35
N ASN A 187 -30.56 24.39 12.57
CA ASN A 187 -30.84 25.80 12.82
C ASN A 187 -29.56 26.63 12.73
N ASN A 188 -28.57 26.28 13.54
CA ASN A 188 -27.29 26.97 13.60
C ASN A 188 -26.22 25.89 13.76
N SER A 189 -24.98 26.32 14.07
CA SER A 189 -23.90 25.37 14.27
C SER A 189 -24.23 24.41 15.41
N SER A 190 -24.41 24.95 16.62
CA SER A 190 -24.80 24.16 17.79
C SER A 190 -23.81 23.03 18.06
N ASN A 191 -22.52 23.34 17.87
CA ASN A 191 -21.45 22.35 18.00
C ASN A 191 -21.64 21.22 16.99
N LEU A 192 -21.76 21.60 15.72
CA LEU A 192 -22.00 20.64 14.63
C LEU A 192 -21.30 21.18 13.39
N TYR A 193 -20.27 20.46 12.93
CA TYR A 193 -19.42 20.94 11.85
C TYR A 193 -19.10 19.78 10.90
N ARG A 194 -18.63 20.16 9.70
CA ARG A 194 -18.26 19.22 8.66
C ARG A 194 -17.01 19.73 7.96
N LEU A 195 -16.12 18.83 7.59
CA LEU A 195 -14.90 19.21 6.88
C LEU A 195 -15.24 19.74 5.50
N ILE A 196 -14.52 20.79 5.09
CA ILE A 196 -14.78 21.41 3.79
C ILE A 196 -14.34 20.49 2.65
N ASN A 197 -13.25 19.75 2.85
CA ASN A 197 -12.68 18.90 1.81
C ASN A 197 -13.15 17.45 1.88
N CYS A 198 -13.71 17.01 3.01
CA CYS A 198 -14.15 15.63 3.13
C CYS A 198 -15.31 15.33 2.19
N ASN A 199 -16.34 16.19 2.21
CA ASN A 199 -17.52 15.98 1.37
C ASN A 199 -17.18 16.02 -0.12
N THR A 200 -16.07 16.65 -0.50
CA THR A 200 -15.64 16.71 -1.89
C THR A 200 -14.76 15.52 -2.27
N SER A 201 -13.78 15.19 -1.43
CA SER A 201 -12.88 14.08 -1.71
C SER A 201 -12.32 13.57 -0.38
N ALA A 202 -11.41 12.61 -0.46
CA ALA A 202 -10.81 12.01 0.72
C ALA A 202 -9.73 12.93 1.29
N LEU A 203 -9.05 12.45 2.34
CA LEU A 203 -8.04 13.23 3.03
C LEU A 203 -7.06 12.28 3.71
N THR A 204 -5.78 12.60 3.64
CA THR A 204 -4.74 11.85 4.34
C THR A 204 -3.72 12.83 4.88
N GLN A 205 -2.97 12.37 5.88
CA GLN A 205 -1.97 13.20 6.52
C GLN A 205 -0.83 13.50 5.54
N ALA A 206 0.04 14.43 5.94
CA ALA A 206 1.15 14.92 5.12
C ALA A 206 2.49 14.33 5.53
N CYS A 207 2.51 13.16 6.20
CA CYS A 207 3.75 12.48 6.57
C CYS A 207 4.72 13.37 7.33
N PRO A 208 4.41 13.75 8.61
CA PRO A 208 5.14 14.84 9.29
C PRO A 208 6.66 14.69 9.35
N LYS A 209 7.15 13.46 9.23
CA LYS A 209 8.60 13.26 9.12
C LYS A 209 9.13 13.91 7.84
N VAL A 210 8.30 14.00 6.81
CA VAL A 210 8.61 14.84 5.64
C VAL A 210 8.16 16.26 5.95
N THR A 211 9.03 17.22 5.67
CA THR A 211 8.76 18.65 5.78
C THR A 211 8.52 19.21 4.38
N PHE A 212 8.32 20.53 4.32
CA PHE A 212 7.97 21.23 3.07
C PHE A 212 8.83 22.47 2.89
N GLU A 213 10.20 22.31 3.12
CA GLU A 213 11.17 23.39 3.01
C GLU A 213 11.90 23.33 1.66
N PRO A 214 12.39 24.47 1.12
CA PRO A 214 12.97 24.46 -0.22
C PRO A 214 14.44 24.07 -0.24
N ILE A 215 14.85 23.52 -1.39
CA ILE A 215 16.24 23.11 -1.64
C ILE A 215 16.64 23.70 -2.99
N PRO A 216 17.91 24.12 -3.22
CA PRO A 216 18.28 24.55 -4.57
C PRO A 216 18.30 23.40 -5.56
N ILE A 217 17.38 23.42 -6.52
CA ILE A 217 17.19 22.35 -7.49
C ILE A 217 17.88 22.76 -8.79
N ARG A 218 18.81 21.92 -9.25
CA ARG A 218 19.53 22.12 -10.49
C ARG A 218 19.08 21.06 -11.48
N TYR A 219 18.62 21.50 -12.66
CA TYR A 219 18.09 20.61 -13.69
C TYR A 219 19.14 20.44 -14.78
N CYS A 220 19.71 19.24 -14.88
CA CYS A 220 20.72 18.92 -15.87
C CYS A 220 20.07 18.32 -17.12
N ALA A 221 20.81 18.39 -18.23
CA ALA A 221 20.39 17.90 -19.53
C ALA A 221 21.18 16.65 -19.92
N PRO A 222 20.67 15.83 -20.85
CA PRO A 222 21.41 14.64 -21.28
C PRO A 222 22.51 15.00 -22.27
N ALA A 223 23.24 13.98 -22.69
CA ALA A 223 24.28 14.16 -23.70
C ALA A 223 23.65 14.62 -25.01
N GLY A 224 24.37 15.47 -25.74
CA GLY A 224 23.84 16.10 -26.93
C GLY A 224 22.88 17.25 -26.66
N TYR A 225 22.66 17.62 -25.39
CA TYR A 225 21.78 18.72 -25.01
C TYR A 225 22.47 19.51 -23.92
N ALA A 226 22.16 20.81 -23.86
CA ALA A 226 22.77 21.69 -22.88
C ALA A 226 21.80 22.82 -22.55
N ILE A 227 22.25 23.75 -21.70
CA ILE A 227 21.49 24.91 -21.28
C ILE A 227 22.20 26.15 -21.81
N LEU A 228 21.43 27.14 -22.23
CA LEU A 228 21.94 28.40 -22.77
C LEU A 228 21.42 29.52 -21.90
N LYS A 229 22.34 30.25 -21.25
CA LYS A 229 22.03 31.37 -20.38
C LYS A 229 22.46 32.67 -21.04
N CYS A 230 21.61 33.69 -20.91
CA CYS A 230 21.88 35.03 -21.42
C CYS A 230 22.24 35.92 -20.24
N ASN A 231 23.49 36.37 -20.20
CA ASN A 231 23.98 37.21 -19.11
C ASN A 231 23.64 38.68 -19.28
N ASP A 232 22.88 39.06 -20.30
CA ASP A 232 22.52 40.45 -20.50
C ASP A 232 21.39 40.85 -19.56
N LYS A 233 21.60 41.95 -18.84
CA LYS A 233 20.61 42.38 -17.85
C LYS A 233 19.44 43.10 -18.51
N GLU A 234 19.71 43.97 -19.47
CA GLU A 234 18.63 44.66 -20.17
C GLU A 234 17.83 43.73 -21.07
N PHE A 235 18.36 42.56 -21.42
CA PHE A 235 17.64 41.59 -22.22
C PHE A 235 16.38 41.14 -21.48
N ASN A 236 15.22 41.42 -22.07
CA ASN A 236 13.94 41.05 -21.47
C ASN A 236 13.70 39.56 -21.68
N GLY A 237 12.52 39.09 -21.27
CA GLY A 237 12.24 37.66 -21.23
C GLY A 237 12.26 36.97 -22.57
N THR A 238 12.04 37.70 -23.66
CA THR A 238 12.03 37.15 -25.02
C THR A 238 12.89 38.01 -25.92
N GLY A 239 13.05 37.56 -27.15
CA GLY A 239 13.83 38.27 -28.15
C GLY A 239 15.21 37.66 -28.32
N LEU A 240 16.06 38.41 -29.01
CA LEU A 240 17.41 37.94 -29.32
C LEU A 240 18.39 38.32 -28.20
N CYS A 241 19.42 37.49 -28.05
CA CYS A 241 20.50 37.73 -27.11
C CYS A 241 21.80 37.23 -27.70
N LYS A 242 22.91 37.80 -27.24
CA LYS A 242 24.24 37.52 -27.77
C LYS A 242 25.21 36.99 -26.73
N ASN A 243 25.12 37.46 -25.48
CA ASN A 243 26.07 37.06 -24.44
C ASN A 243 25.67 35.66 -23.97
N VAL A 244 26.19 34.66 -24.66
CA VAL A 244 25.77 33.27 -24.48
C VAL A 244 26.66 32.63 -23.42
N SER A 245 26.08 31.74 -22.62
CA SER A 245 26.83 30.89 -21.71
C SER A 245 26.25 29.49 -21.79
N THR A 246 27.07 28.53 -22.24
CA THR A 246 26.64 27.13 -22.33
C THR A 246 26.95 26.43 -21.01
N VAL A 247 25.94 25.72 -20.48
CA VAL A 247 25.94 25.18 -19.13
C VAL A 247 25.41 23.75 -19.18
N GLN A 248 25.85 22.94 -18.20
CA GLN A 248 25.37 21.57 -18.05
C GLN A 248 24.13 21.47 -17.16
N CYS A 249 24.12 22.21 -16.04
CA CYS A 249 23.01 22.18 -15.09
C CYS A 249 22.66 23.60 -14.67
N THR A 250 21.36 23.87 -14.56
CA THR A 250 20.88 25.20 -14.22
C THR A 250 21.31 25.57 -12.80
N HIS A 251 21.19 26.86 -12.50
CA HIS A 251 21.40 27.33 -11.13
C HIS A 251 20.35 26.72 -10.22
N GLY A 252 20.75 26.42 -8.98
CA GLY A 252 19.85 25.83 -8.02
C GLY A 252 18.63 26.69 -7.75
N ILE A 253 17.46 26.22 -8.19
CA ILE A 253 16.20 26.93 -8.03
C ILE A 253 15.54 26.48 -6.73
N ARG A 254 14.81 27.40 -6.11
CA ARG A 254 14.01 27.13 -4.91
C ARG A 254 12.55 27.37 -5.26
N PRO A 255 11.86 26.36 -5.85
CA PRO A 255 10.47 26.61 -6.26
C PRO A 255 9.53 26.68 -5.05
N VAL A 256 9.64 27.78 -4.32
CA VAL A 256 8.81 27.99 -3.14
C VAL A 256 7.38 28.25 -3.59
N VAL A 257 6.43 27.58 -2.95
CA VAL A 257 5.01 27.79 -3.24
C VAL A 257 4.65 29.18 -2.71
N SER A 258 4.42 30.13 -3.60
CA SER A 258 4.15 31.50 -3.23
C SER A 258 3.23 32.13 -4.27
N THR A 259 2.13 32.70 -3.79
CA THR A 259 1.14 33.37 -4.63
C THR A 259 1.21 34.87 -4.40
N GLN A 260 1.11 35.63 -5.49
CA GLN A 260 1.21 37.09 -5.51
C GLN A 260 2.58 37.60 -5.06
N LEU A 261 3.59 36.74 -5.01
CA LEU A 261 4.92 37.10 -4.54
C LEU A 261 5.86 35.95 -4.82
N LEU A 262 7.14 36.28 -4.98
CA LEU A 262 8.21 35.30 -5.16
C LEU A 262 9.14 35.36 -3.98
N LEU A 263 9.51 34.19 -3.45
CA LEU A 263 10.34 34.06 -2.25
C LEU A 263 11.62 33.33 -2.58
N ASN A 264 12.75 33.87 -2.12
CA ASN A 264 14.08 33.27 -2.29
C ASN A 264 14.42 33.03 -3.76
N GLY A 265 13.94 33.92 -4.64
CA GLY A 265 14.25 33.84 -6.05
C GLY A 265 15.36 34.81 -6.45
N SER A 266 15.87 34.61 -7.66
CA SER A 266 16.95 35.44 -8.16
C SER A 266 16.45 36.86 -8.43
N LEU A 267 17.26 37.84 -8.03
CA LEU A 267 16.95 39.24 -8.26
C LEU A 267 17.52 39.71 -9.59
N ALA A 268 16.83 40.67 -10.21
CA ALA A 268 17.30 41.28 -11.45
C ALA A 268 18.36 42.31 -11.10
N GLU A 269 19.62 41.86 -11.12
CA GLU A 269 20.72 42.74 -10.77
C GLU A 269 20.88 43.85 -11.80
N GLY A 270 21.15 45.07 -11.32
CA GLY A 270 21.39 46.22 -12.17
C GLY A 270 20.15 46.94 -12.63
N LYS A 271 19.00 46.27 -12.68
CA LYS A 271 17.76 46.90 -13.11
C LYS A 271 16.60 45.96 -12.81
N VAL A 272 15.47 46.54 -12.40
CA VAL A 272 14.26 45.77 -12.17
C VAL A 272 13.68 45.33 -13.49
N MET A 273 13.38 44.04 -13.63
CA MET A 273 12.90 43.46 -14.87
C MET A 273 11.38 43.36 -14.83
N ILE A 274 10.73 43.87 -15.88
CA ILE A 274 9.28 43.85 -16.03
C ILE A 274 8.96 43.20 -17.37
N ARG A 275 8.17 42.13 -17.34
CA ARG A 275 7.81 41.36 -18.53
C ARG A 275 6.31 41.08 -18.51
N SER A 276 5.82 40.54 -19.62
CA SER A 276 4.42 40.14 -19.75
C SER A 276 4.26 39.43 -21.09
N GLU A 277 3.24 38.56 -21.16
CA GLU A 277 2.94 37.88 -22.41
C GLU A 277 2.49 38.85 -23.48
N ASN A 278 1.63 39.81 -23.11
CA ASN A 278 1.07 40.78 -24.05
C ASN A 278 0.75 42.04 -23.25
N ILE A 279 1.59 43.05 -23.37
CA ILE A 279 1.41 44.29 -22.61
C ILE A 279 0.11 44.97 -23.00
N THR A 280 -0.32 44.82 -24.26
CA THR A 280 -1.58 45.41 -24.68
C THR A 280 -2.78 44.71 -24.03
N ASN A 281 -2.63 43.43 -23.69
CA ASN A 281 -3.71 42.66 -23.06
C ASN A 281 -3.58 42.77 -21.56
N ASN A 282 -4.63 43.28 -20.90
CA ASN A 282 -4.62 43.40 -19.45
C ASN A 282 -4.73 42.06 -18.75
N VAL A 283 -5.25 41.02 -19.43
CA VAL A 283 -5.46 39.74 -18.77
C VAL A 283 -4.13 39.07 -18.43
N LYS A 284 -3.09 39.30 -19.24
CA LYS A 284 -1.82 38.63 -19.02
C LYS A 284 -1.18 39.10 -17.72
N ASN A 285 -0.49 38.17 -17.04
CA ASN A 285 0.21 38.51 -15.82
C ASN A 285 1.37 39.44 -16.10
N ILE A 286 1.64 40.33 -15.13
CA ILE A 286 2.74 41.29 -15.20
C ILE A 286 3.88 40.69 -14.38
N ILE A 287 4.81 40.00 -15.06
CA ILE A 287 5.92 39.36 -14.37
C ILE A 287 6.92 40.42 -13.96
N VAL A 288 7.42 40.29 -12.72
CA VAL A 288 8.33 41.27 -12.13
C VAL A 288 9.46 40.53 -11.45
N GLN A 289 10.68 41.09 -11.57
CA GLN A 289 11.85 40.62 -10.84
C GLN A 289 12.57 41.85 -10.29
N LEU A 290 12.64 41.94 -8.96
CA LEU A 290 13.12 43.14 -8.28
C LEU A 290 14.65 43.13 -8.23
N ASN A 291 15.19 44.21 -7.63
CA ASN A 291 16.63 44.40 -7.50
C ASN A 291 17.18 44.01 -6.13
N GLU A 292 16.37 44.13 -5.08
CA GLU A 292 16.78 43.88 -3.70
C GLU A 292 15.68 43.12 -2.98
N THR A 293 15.96 42.76 -1.72
CA THR A 293 15.04 42.02 -0.87
C THR A 293 14.81 42.77 0.44
N VAL A 294 13.72 42.41 1.12
CA VAL A 294 13.34 42.98 2.40
C VAL A 294 12.75 41.86 3.25
N THR A 295 12.90 41.99 4.57
CA THR A 295 12.46 40.97 5.50
C THR A 295 10.95 41.04 5.72
N ILE A 296 10.37 39.89 6.10
CA ILE A 296 8.94 39.78 6.40
C ILE A 296 8.78 38.93 7.67
N ASN A 297 8.52 39.59 8.80
CA ASN A 297 8.39 38.92 10.09
C ASN A 297 6.94 38.46 10.26
N CYS A 298 6.57 37.31 9.65
CA CYS A 298 5.26 36.70 9.91
C CYS A 298 5.41 35.61 10.96
N THR A 299 4.66 35.72 12.06
CA THR A 299 4.93 34.99 13.29
C THR A 299 3.63 34.57 13.96
N ARG A 300 3.62 33.31 14.42
CA ARG A 300 2.69 32.82 15.43
C ARG A 300 3.52 32.64 16.71
N PRO A 301 3.50 33.58 17.66
CA PRO A 301 4.37 33.42 18.83
C PRO A 301 4.00 32.25 19.72
N ASN A 302 2.71 32.00 19.92
CA ASN A 302 2.30 30.94 20.83
C ASN A 302 2.69 29.58 20.27
N ASN A 303 3.25 28.74 21.13
CA ASN A 303 3.80 27.45 20.72
C ASN A 303 2.67 26.50 20.28
N ASN A 304 3.07 25.37 19.70
CA ASN A 304 2.18 24.32 19.24
C ASN A 304 2.52 23.02 19.96
N THR A 305 1.60 22.06 19.87
CA THR A 305 1.72 20.77 20.55
C THR A 305 1.25 19.67 19.62
N ARG A 306 1.48 18.43 20.05
CA ARG A 306 1.18 17.24 19.26
C ARG A 306 0.69 16.13 20.18
N LYS A 307 -0.26 15.35 19.67
CA LYS A 307 -0.79 14.18 20.39
C LYS A 307 -1.01 13.07 19.39
N SER A 308 -0.20 12.01 19.49
CA SER A 308 -0.28 10.87 18.56
C SER A 308 -1.28 9.88 19.13
N VAL A 309 -2.52 9.94 18.65
CA VAL A 309 -3.59 9.05 19.09
C VAL A 309 -3.69 7.92 18.06
N ARG A 310 -3.54 6.69 18.55
CA ARG A 310 -3.63 5.51 17.68
C ARG A 310 -5.09 5.23 17.36
N ILE A 311 -5.43 5.24 16.07
CA ILE A 311 -6.80 5.02 15.61
C ILE A 311 -7.00 3.57 15.14
N GLY A 312 -5.99 2.98 14.51
CA GLY A 312 -6.10 1.69 13.88
C GLY A 312 -4.93 0.79 14.20
N PRO A 313 -4.79 -0.32 13.46
CA PRO A 313 -3.62 -1.20 13.67
C PRO A 313 -2.35 -0.62 13.06
N GLY A 314 -1.73 0.31 13.79
CA GLY A 314 -0.53 0.98 13.34
C GLY A 314 -0.75 2.29 12.63
N GLN A 315 -1.99 2.79 12.59
CA GLN A 315 -2.31 4.09 11.98
C GLN A 315 -2.71 5.03 13.10
N THR A 316 -1.91 6.09 13.27
CA THR A 316 -2.06 7.06 14.36
C THR A 316 -2.13 8.46 13.77
N PHE A 317 -3.05 9.26 14.30
CA PHE A 317 -3.19 10.66 13.90
C PHE A 317 -2.49 11.54 14.92
N TYR A 318 -1.69 12.48 14.42
CA TYR A 318 -0.93 13.41 15.25
C TYR A 318 -1.72 14.71 15.35
N ALA A 319 -2.73 14.69 16.22
CA ALA A 319 -3.61 15.84 16.38
C ALA A 319 -2.88 16.97 17.08
N THR A 320 -3.41 18.19 16.91
CA THR A 320 -2.86 19.37 17.56
C THR A 320 -3.38 19.39 18.99
N GLY A 321 -2.52 19.06 19.93
CA GLY A 321 -2.92 18.97 21.33
C GLY A 321 -3.23 20.30 21.97
N ASP A 322 -3.26 20.32 23.30
CA ASP A 322 -3.55 21.54 24.04
C ASP A 322 -2.33 22.45 24.05
N ILE A 323 -2.50 23.68 23.56
CA ILE A 323 -1.40 24.62 23.47
C ILE A 323 -1.17 25.27 24.82
N ILE A 324 0.10 25.48 25.17
CA ILE A 324 0.50 26.07 26.44
C ILE A 324 0.66 27.57 26.25
N GLY A 325 0.23 28.33 27.25
CA GLY A 325 0.38 29.78 27.23
C GLY A 325 -0.80 30.49 26.58
N ASP A 326 -0.77 31.81 26.67
CA ASP A 326 -1.78 32.64 26.03
C ASP A 326 -1.71 32.46 24.52
N ILE A 327 -2.86 32.25 23.89
CA ILE A 327 -2.93 31.96 22.46
C ILE A 327 -3.00 33.31 21.75
N ARG A 328 -1.83 33.88 21.49
CA ARG A 328 -1.74 35.13 20.76
C ARG A 328 -2.16 34.92 19.30
N GLN A 329 -2.91 35.87 18.77
CA GLN A 329 -3.31 35.82 17.38
C GLN A 329 -2.07 35.88 16.50
N ALA A 330 -1.89 34.87 15.65
CA ALA A 330 -0.78 34.84 14.70
C ALA A 330 -0.83 36.06 13.79
N HIS A 331 0.16 36.93 13.91
CA HIS A 331 0.19 38.21 13.21
C HIS A 331 1.43 38.25 12.32
N CYS A 332 1.63 39.40 11.67
CA CYS A 332 2.78 39.56 10.80
C CYS A 332 3.16 41.03 10.77
N ASN A 333 4.40 41.29 10.36
CA ASN A 333 4.97 42.62 10.30
C ASN A 333 5.90 42.70 9.11
N VAL A 334 6.00 43.91 8.54
CA VAL A 334 6.80 44.17 7.35
C VAL A 334 7.52 45.50 7.53
N SER A 335 8.80 45.52 7.15
CA SER A 335 9.63 46.72 7.23
C SER A 335 9.33 47.58 6.02
N GLY A 336 8.36 48.49 6.17
CA GLY A 336 7.96 49.36 5.08
C GLY A 336 9.00 50.35 4.63
N SER A 337 10.05 50.59 5.43
CA SER A 337 11.07 51.55 5.05
C SER A 337 11.80 51.12 3.79
N GLN A 338 12.31 49.88 3.75
CA GLN A 338 12.98 49.39 2.55
C GLN A 338 11.96 49.06 1.46
N TRP A 339 10.72 48.73 1.84
CA TRP A 339 9.70 48.51 0.84
C TRP A 339 9.37 49.79 0.08
N ASN A 340 9.50 50.94 0.74
CA ASN A 340 9.31 52.21 0.04
C ASN A 340 10.38 52.41 -1.03
N ARG A 341 11.64 52.09 -0.72
CA ARG A 341 12.70 52.20 -1.71
C ARG A 341 12.48 51.22 -2.86
N ALA A 342 12.07 50.00 -2.53
CA ALA A 342 11.79 49.00 -3.56
C ALA A 342 10.67 49.47 -4.48
N LEU A 343 9.59 50.00 -3.90
CA LEU A 343 8.50 50.53 -4.71
C LEU A 343 8.94 51.74 -5.52
N HIS A 344 9.85 52.55 -4.98
CA HIS A 344 10.35 53.70 -5.73
C HIS A 344 11.10 53.24 -6.97
N GLN A 345 11.98 52.26 -6.81
CA GLN A 345 12.71 51.72 -7.96
C GLN A 345 11.75 51.06 -8.95
N VAL A 346 10.72 50.38 -8.45
CA VAL A 346 9.76 49.72 -9.32
C VAL A 346 8.99 50.75 -10.15
N VAL A 347 8.40 51.75 -9.48
CA VAL A 347 7.59 52.73 -10.20
C VAL A 347 8.48 53.59 -11.10
N GLY A 348 9.76 53.72 -10.78
CA GLY A 348 10.71 54.23 -11.76
C GLY A 348 10.82 53.33 -12.96
N GLN A 349 10.72 52.01 -12.73
CA GLN A 349 10.74 51.04 -13.83
C GLN A 349 9.37 50.89 -14.50
N LEU A 350 8.27 51.22 -13.81
CA LEU A 350 6.94 51.05 -14.40
C LEU A 350 6.61 52.07 -15.48
N ARG A 351 7.49 53.02 -15.79
CA ARG A 351 7.22 54.03 -16.82
C ARG A 351 7.50 53.41 -18.20
N GLU A 352 6.60 52.51 -18.61
CA GLU A 352 6.74 51.88 -19.91
C GLU A 352 6.43 52.86 -21.03
N TYR A 353 5.22 53.42 -21.04
CA TYR A 353 4.76 54.37 -22.05
C TYR A 353 4.04 55.54 -21.39
N TRP A 354 4.54 55.97 -20.23
CA TRP A 354 3.98 57.12 -19.53
C TRP A 354 5.10 57.79 -18.77
N ASN A 355 4.82 58.97 -18.21
CA ASN A 355 5.74 59.70 -17.34
C ASN A 355 5.28 59.74 -15.90
N THR A 356 4.04 60.19 -15.63
CA THR A 356 3.45 60.10 -14.30
C THR A 356 1.99 59.68 -14.44
N THR A 357 1.73 58.37 -14.38
CA THR A 357 0.39 57.86 -14.08
C THR A 357 0.50 56.41 -13.66
N ILE A 358 0.01 56.07 -12.47
CA ILE A 358 -0.12 54.69 -12.02
C ILE A 358 -1.20 54.63 -10.95
N ILE A 359 -1.83 53.46 -10.81
CA ILE A 359 -2.78 53.17 -9.74
C ILE A 359 -2.48 51.77 -9.22
N PHE A 360 -2.52 51.62 -7.89
CA PHE A 360 -2.40 50.33 -7.22
C PHE A 360 -3.71 49.98 -6.54
N LYS A 361 -4.12 48.72 -6.67
CA LYS A 361 -5.35 48.22 -6.07
C LYS A 361 -5.11 46.84 -5.50
N ASN A 362 -6.07 46.36 -4.73
CA ASN A 362 -6.04 45.04 -4.11
C ASN A 362 -6.91 44.06 -4.91
N SER A 363 -6.77 42.78 -4.57
CA SER A 363 -7.62 41.76 -5.17
C SER A 363 -9.03 41.87 -4.60
N SER A 364 -9.98 42.21 -5.46
CA SER A 364 -11.36 42.39 -5.00
C SER A 364 -12.03 41.08 -4.61
N GLY A 365 -11.56 39.95 -5.13
CA GLY A 365 -12.14 38.67 -4.79
C GLY A 365 -11.77 37.61 -5.81
N GLY A 366 -11.95 36.37 -5.41
CA GLY A 366 -11.62 35.22 -6.22
C GLY A 366 -11.22 34.06 -5.32
N ASP A 367 -10.35 33.20 -5.85
CA ASP A 367 -9.83 32.09 -5.07
C ASP A 367 -9.00 32.60 -3.90
N LEU A 368 -8.88 31.76 -2.87
CA LEU A 368 -8.13 32.15 -1.69
C LEU A 368 -6.65 32.33 -2.00
N GLU A 369 -6.12 31.58 -2.97
CA GLU A 369 -4.74 31.77 -3.37
C GLU A 369 -4.52 33.15 -3.98
N ILE A 370 -5.51 33.64 -4.74
CA ILE A 370 -5.42 34.95 -5.36
C ILE A 370 -5.92 36.04 -4.41
N THR A 371 -6.88 35.72 -3.54
CA THR A 371 -7.43 36.73 -2.63
C THR A 371 -6.39 37.20 -1.61
N THR A 372 -5.44 36.34 -1.24
CA THR A 372 -4.42 36.66 -0.27
C THR A 372 -3.11 36.00 -0.67
N HIS A 373 -2.00 36.60 -0.26
CA HIS A 373 -0.68 36.05 -0.55
C HIS A 373 -0.50 34.73 0.20
N SER A 374 -0.50 33.63 -0.54
CA SER A 374 -0.49 32.29 0.01
C SER A 374 0.88 31.65 -0.19
N PHE A 375 1.29 30.85 0.79
CA PHE A 375 2.53 30.10 0.77
C PHE A 375 2.48 29.08 1.90
N ASN A 376 3.58 28.37 2.12
CA ASN A 376 3.74 27.44 3.23
C ASN A 376 5.07 27.73 3.91
N CYS A 377 5.09 27.58 5.23
CA CYS A 377 6.27 27.84 6.07
C CYS A 377 6.43 26.66 7.01
N GLY A 378 7.21 25.66 6.58
CA GLY A 378 7.40 24.45 7.36
C GLY A 378 6.30 23.42 7.26
N GLY A 379 5.35 23.60 6.35
CA GLY A 379 4.27 22.65 6.13
C GLY A 379 2.90 23.23 6.42
N GLU A 380 2.79 24.04 7.47
CA GLU A 380 1.56 24.78 7.71
C GLU A 380 1.38 25.81 6.60
N PHE A 381 0.20 25.82 5.98
CA PHE A 381 -0.03 26.70 4.84
C PHE A 381 -0.25 28.11 5.37
N PHE A 382 0.81 28.92 5.38
CA PHE A 382 0.75 30.28 5.89
C PHE A 382 0.25 31.20 4.79
N TYR A 383 -0.87 31.87 5.03
CA TYR A 383 -1.44 32.84 4.11
C TYR A 383 -1.29 34.17 4.84
N CYS A 384 -0.15 34.85 4.67
CA CYS A 384 0.04 36.16 5.26
C CYS A 384 -0.50 37.22 4.31
N ASN A 385 -1.34 38.11 4.83
CA ASN A 385 -2.22 38.93 4.00
C ASN A 385 -1.42 39.92 3.15
N THR A 386 -2.03 40.31 2.03
CA THR A 386 -1.55 41.44 1.22
C THR A 386 -2.28 42.73 1.64
N SER A 387 -2.15 43.07 2.92
CA SER A 387 -2.92 44.18 3.46
C SER A 387 -2.45 45.52 2.94
N GLY A 388 -1.18 45.86 3.19
CA GLY A 388 -0.66 47.17 2.83
C GLY A 388 -0.11 47.28 1.43
N LEU A 389 -0.49 46.36 0.54
CA LEU A 389 0.04 46.41 -0.82
C LEU A 389 -0.61 47.52 -1.64
N PHE A 390 -1.94 47.58 -1.62
CA PHE A 390 -2.68 48.57 -2.40
C PHE A 390 -2.62 49.97 -1.83
N ASN A 391 -2.10 50.16 -0.62
CA ASN A 391 -2.07 51.48 0.02
C ASN A 391 -0.80 52.23 -0.41
N SER A 392 -0.79 52.60 -1.69
CA SER A 392 0.34 53.32 -2.26
C SER A 392 -0.06 53.83 -3.64
N ASN A 393 0.40 55.03 -3.99
CA ASN A 393 0.19 55.57 -5.33
C ASN A 393 1.33 56.54 -5.61
N TRP A 394 2.31 56.08 -6.39
CA TRP A 394 3.47 56.90 -6.77
C TRP A 394 3.23 57.55 -8.14
N THR A 395 2.24 58.43 -8.23
CA THR A 395 1.93 59.03 -9.53
C THR A 395 2.65 60.35 -9.74
N HIS A 396 2.42 61.33 -8.85
CA HIS A 396 2.97 62.67 -9.06
C HIS A 396 4.34 62.85 -8.39
N ASN A 397 4.39 62.64 -7.08
CA ASN A 397 5.59 62.83 -6.28
C ASN A 397 5.96 61.49 -5.63
N ASP A 398 7.08 60.92 -6.04
CA ASP A 398 7.52 59.66 -5.46
C ASP A 398 7.90 59.83 -3.99
N THR A 399 8.48 60.98 -3.63
CA THR A 399 8.89 61.22 -2.25
C THR A 399 7.71 61.23 -1.30
N ALA A 400 6.51 61.57 -1.80
CA ALA A 400 5.31 61.57 -0.97
C ALA A 400 5.02 60.20 -0.37
N SER A 401 5.41 59.13 -1.07
CA SER A 401 5.30 57.77 -0.56
C SER A 401 6.55 57.28 0.15
N MET A 402 7.69 57.95 -0.05
CA MET A 402 8.91 57.59 0.66
C MET A 402 8.94 58.15 2.07
N LYS A 403 8.32 59.31 2.30
CA LYS A 403 8.33 59.91 3.63
C LYS A 403 7.61 59.06 4.68
N PRO A 404 6.39 58.52 4.44
CA PRO A 404 5.70 57.81 5.55
C PRO A 404 6.27 56.41 5.83
N ASN A 405 7.37 56.38 6.56
CA ASN A 405 8.01 55.10 6.90
C ASN A 405 7.11 54.38 7.90
N ASP A 406 6.40 53.35 7.41
CA ASP A 406 5.36 52.66 8.14
C ASP A 406 5.78 51.23 8.41
N THR A 407 5.96 50.88 9.68
CA THR A 407 6.19 49.49 10.06
C THR A 407 4.87 48.74 9.95
N ILE A 408 4.63 48.10 8.82
CA ILE A 408 3.29 47.62 8.46
C ILE A 408 3.02 46.36 9.26
N THR A 409 2.24 46.49 10.34
CA THR A 409 1.68 45.33 11.03
C THR A 409 0.40 44.92 10.34
N LEU A 410 0.15 43.62 10.26
CA LEU A 410 -0.96 43.11 9.46
C LEU A 410 -1.34 41.73 10.00
N PRO A 411 -2.51 41.22 9.62
CA PRO A 411 -2.87 39.85 10.00
C PRO A 411 -2.35 38.83 9.00
N CYS A 412 -2.04 37.64 9.53
CA CYS A 412 -1.59 36.51 8.73
C CYS A 412 -2.26 35.26 9.26
N ARG A 413 -2.97 34.55 8.38
CA ARG A 413 -3.73 33.36 8.74
C ARG A 413 -2.94 32.09 8.40
N ILE A 414 -3.43 30.96 8.90
CA ILE A 414 -2.85 29.65 8.67
C ILE A 414 -3.96 28.69 8.28
N LYS A 415 -3.66 27.80 7.33
CA LYS A 415 -4.56 26.76 6.88
C LYS A 415 -3.86 25.41 6.96
N GLN A 416 -4.63 24.38 7.29
CA GLN A 416 -4.12 23.03 7.46
C GLN A 416 -4.21 22.18 6.20
N ILE A 417 -5.15 22.50 5.30
CA ILE A 417 -5.41 21.73 4.10
C ILE A 417 -5.35 22.66 2.88
N ILE A 418 -5.12 22.06 1.71
CA ILE A 418 -5.05 22.81 0.47
C ILE A 418 -5.21 21.83 -0.69
N ASN A 419 -5.76 22.32 -1.80
CA ASN A 419 -5.85 21.57 -3.05
C ASN A 419 -4.73 22.05 -3.97
N MET A 420 -3.64 21.30 -4.01
CA MET A 420 -2.47 21.69 -4.78
C MET A 420 -2.74 21.59 -6.27
N TRP A 421 -2.54 22.70 -7.00
CA TRP A 421 -2.69 22.76 -8.46
C TRP A 421 -4.08 22.32 -8.90
N GLN A 422 -5.10 22.63 -8.10
CA GLN A 422 -6.48 22.22 -8.35
C GLN A 422 -6.62 20.70 -8.43
N ARG A 423 -5.75 19.98 -7.72
CA ARG A 423 -5.80 18.52 -7.64
C ARG A 423 -6.70 18.14 -6.47
N VAL A 424 -8.02 18.12 -6.74
CA VAL A 424 -9.01 17.87 -5.69
C VAL A 424 -9.18 16.35 -5.64
N GLY A 425 -8.31 15.71 -4.87
CA GLY A 425 -8.29 14.28 -4.67
C GLY A 425 -8.06 13.95 -3.21
N GLN A 426 -7.08 13.09 -2.95
CA GLN A 426 -6.66 12.80 -1.57
C GLN A 426 -5.95 14.03 -1.03
N ALA A 427 -6.63 14.76 -0.16
CA ALA A 427 -6.09 16.01 0.39
C ALA A 427 -4.92 15.73 1.32
N ILE A 428 -4.26 16.80 1.75
CA ILE A 428 -3.09 16.75 2.63
C ILE A 428 -3.36 17.61 3.86
N TYR A 429 -3.16 17.03 5.04
CA TYR A 429 -3.33 17.74 6.31
C TYR A 429 -1.97 18.16 6.85
N ALA A 430 -1.84 19.42 7.24
CA ALA A 430 -0.58 19.93 7.75
C ALA A 430 -0.44 19.54 9.23
N PRO A 431 0.62 18.83 9.63
CA PRO A 431 0.71 18.39 11.03
C PRO A 431 1.22 19.49 11.93
N PRO A 432 1.27 19.27 13.26
CA PRO A 432 1.84 20.29 14.15
C PRO A 432 3.31 20.55 13.87
N ILE A 433 3.72 21.75 14.25
CA ILE A 433 4.99 22.37 13.86
C ILE A 433 5.80 22.69 15.11
N GLN A 434 5.60 21.87 16.16
CA GLN A 434 5.70 22.22 17.58
C GLN A 434 6.85 23.17 17.91
N GLY A 435 6.52 24.24 18.63
CA GLY A 435 7.44 25.32 18.95
C GLY A 435 6.94 26.64 18.39
N VAL A 436 7.47 27.75 18.89
CA VAL A 436 7.05 29.07 18.42
C VAL A 436 7.41 29.23 16.96
N ILE A 437 6.49 29.77 16.17
CA ILE A 437 6.60 29.75 14.72
C ILE A 437 7.00 31.13 14.24
N ARG A 438 8.22 31.24 13.73
CA ARG A 438 8.70 32.43 13.03
C ARG A 438 8.78 32.10 11.55
N CYS A 439 8.61 33.13 10.72
CA CYS A 439 8.68 32.93 9.28
C CYS A 439 9.25 34.20 8.64
N GLU A 440 10.42 34.05 8.03
CA GLU A 440 11.08 35.07 7.24
C GLU A 440 11.10 34.63 5.79
N SER A 441 10.89 35.59 4.88
CA SER A 441 10.81 35.28 3.46
C SER A 441 11.18 36.52 2.67
N ASN A 442 12.17 36.37 1.79
CA ASN A 442 12.59 37.45 0.91
C ASN A 442 11.44 37.85 -0.03
N ILE A 443 11.62 39.01 -0.67
CA ILE A 443 10.76 39.44 -1.76
C ILE A 443 11.65 39.73 -2.96
N THR A 444 11.29 39.15 -4.11
CA THR A 444 12.03 39.31 -5.35
C THR A 444 11.15 39.61 -6.56
N GLY A 445 9.83 39.50 -6.45
CA GLY A 445 8.97 39.75 -7.60
C GLY A 445 7.50 39.67 -7.26
N LEU A 446 6.74 40.65 -7.75
CA LEU A 446 5.29 40.73 -7.56
C LEU A 446 4.61 40.56 -8.91
N ILE A 447 3.85 39.47 -9.06
CA ILE A 447 3.14 39.21 -10.31
C ILE A 447 1.83 40.00 -10.29
N LEU A 448 1.88 41.20 -10.86
CA LEU A 448 0.71 42.07 -10.90
C LEU A 448 -0.17 41.73 -12.10
N THR A 449 -1.38 42.27 -12.09
CA THR A 449 -2.35 42.09 -13.16
C THR A 449 -3.08 43.41 -13.36
N ARG A 450 -3.31 43.76 -14.63
CA ARG A 450 -3.96 45.01 -14.99
C ARG A 450 -5.47 44.82 -15.05
N ASP A 451 -6.20 45.79 -14.50
CA ASP A 451 -7.65 45.73 -14.51
C ASP A 451 -8.20 46.00 -15.90
N GLY A 452 -9.04 45.08 -16.38
CA GLY A 452 -9.68 45.29 -17.68
C GLY A 452 -10.81 46.28 -17.65
N GLY A 453 -11.47 46.42 -16.50
CA GLY A 453 -12.58 47.35 -16.36
C GLY A 453 -12.14 48.77 -16.05
N GLY A 454 -11.31 49.33 -16.91
CA GLY A 454 -10.82 50.69 -16.73
C GLY A 454 -10.43 51.29 -18.06
N ASN A 455 -10.20 52.59 -18.04
CA ASN A 455 -9.79 53.30 -19.24
C ASN A 455 -8.42 52.83 -19.71
N ILE A 456 -8.14 53.06 -20.99
CA ILE A 456 -6.90 52.57 -21.60
C ILE A 456 -5.75 53.52 -21.31
N ASN A 457 -5.88 54.77 -21.75
CA ASN A 457 -4.82 55.77 -21.65
C ASN A 457 -5.06 56.81 -20.57
N GLU A 458 -6.25 56.86 -19.97
CA GLU A 458 -6.48 57.83 -18.90
C GLU A 458 -5.64 57.49 -17.67
N SER A 459 -5.61 56.22 -17.29
CA SER A 459 -4.76 55.77 -16.20
C SER A 459 -4.69 54.26 -16.21
N GLN A 460 -3.64 53.74 -15.58
CA GLN A 460 -3.36 52.32 -15.52
C GLN A 460 -3.47 51.83 -14.08
N ILE A 461 -4.13 50.69 -13.90
CA ILE A 461 -4.36 50.07 -12.61
C ILE A 461 -3.62 48.74 -12.58
N PHE A 462 -3.01 48.42 -11.43
CA PHE A 462 -2.35 47.15 -11.23
C PHE A 462 -2.71 46.62 -9.85
N ARG A 463 -2.92 45.31 -9.75
CA ARG A 463 -3.29 44.69 -8.48
C ARG A 463 -2.69 43.29 -8.43
N PRO A 464 -2.41 42.74 -7.25
CA PRO A 464 -1.68 41.48 -7.19
C PRO A 464 -2.55 40.30 -7.61
N GLY A 465 -1.94 39.37 -8.34
CA GLY A 465 -2.57 38.14 -8.76
C GLY A 465 -1.63 36.96 -8.68
N GLY A 466 -2.06 35.89 -8.02
CA GLY A 466 -1.23 34.72 -7.76
C GLY A 466 -1.85 33.42 -8.21
N GLY A 467 -2.58 33.46 -9.32
CA GLY A 467 -3.26 32.27 -9.81
C GLY A 467 -2.32 31.20 -10.32
N ASP A 468 -1.60 31.51 -11.40
CA ASP A 468 -0.70 30.53 -12.02
C ASP A 468 0.61 30.48 -11.26
N MET A 469 0.93 29.30 -10.71
CA MET A 469 2.21 29.10 -10.04
C MET A 469 3.36 28.95 -11.03
N ARG A 470 3.07 28.52 -12.26
CA ARG A 470 4.11 28.37 -13.28
C ARG A 470 4.76 29.69 -13.65
N ASP A 471 4.06 30.80 -13.48
CA ASP A 471 4.64 32.11 -13.76
C ASP A 471 5.84 32.37 -12.86
N ASN A 472 5.68 32.13 -11.56
CA ASN A 472 6.78 32.32 -10.62
C ASN A 472 7.96 31.41 -10.94
N TRP A 473 7.71 30.25 -11.54
CA TRP A 473 8.76 29.29 -11.83
C TRP A 473 9.51 29.67 -13.11
N ARG A 474 8.80 30.07 -14.16
CA ARG A 474 9.47 30.52 -15.38
C ARG A 474 10.11 31.90 -15.21
N SER A 475 9.74 32.65 -14.17
CA SER A 475 10.37 33.96 -13.94
C SER A 475 11.88 33.85 -13.82
N GLU A 476 12.38 32.78 -13.20
CA GLU A 476 13.81 32.57 -13.02
C GLU A 476 14.46 31.82 -14.17
N LEU A 477 13.69 31.35 -15.15
CA LEU A 477 14.20 30.58 -16.28
C LEU A 477 14.23 31.38 -17.57
N TYR A 478 14.08 32.70 -17.50
CA TYR A 478 14.11 33.49 -18.73
C TYR A 478 15.51 33.53 -19.34
N LYS A 479 16.56 33.34 -18.52
CA LYS A 479 17.91 33.22 -19.05
C LYS A 479 18.16 31.81 -19.60
N TYR A 480 17.85 30.79 -18.82
CA TYR A 480 18.15 29.42 -19.20
C TYR A 480 17.18 28.93 -20.26
N LYS A 481 17.71 28.27 -21.30
CA LYS A 481 16.90 27.67 -22.34
C LYS A 481 17.58 26.39 -22.80
N VAL A 482 16.80 25.30 -22.91
CA VAL A 482 17.36 24.04 -23.36
C VAL A 482 17.74 24.16 -24.84
N VAL A 483 18.87 23.56 -25.21
CA VAL A 483 19.44 23.69 -26.55
C VAL A 483 19.97 22.33 -26.99
N ARG A 484 19.74 22.01 -28.25
CA ARG A 484 20.17 20.75 -28.85
C ARG A 484 21.52 20.93 -29.54
N ILE A 485 22.30 19.86 -29.54
CA ILE A 485 23.59 19.80 -30.22
C ILE A 485 23.43 18.88 -31.42
N GLU A 486 23.68 19.43 -32.62
CA GLU A 486 23.63 18.68 -33.88
C GLU A 486 25.04 18.70 -34.47
N PRO A 487 25.91 17.77 -34.06
CA PRO A 487 27.32 17.85 -34.51
C PRO A 487 27.52 17.66 -36.00
N LEU A 488 26.52 17.17 -36.73
CA LEU A 488 26.67 16.93 -38.16
C LEU A 488 27.01 18.22 -38.90
N GLY A 489 27.83 18.09 -39.94
CA GLY A 489 28.23 19.24 -40.73
C GLY A 489 28.66 18.81 -42.11
N VAL A 490 28.43 19.69 -43.09
CA VAL A 490 28.80 19.46 -44.48
C VAL A 490 29.40 20.75 -45.01
N ALA A 491 30.31 20.63 -45.99
CA ALA A 491 30.89 21.83 -46.59
C ALA A 491 31.55 21.44 -47.92
N PRO A 492 31.55 22.35 -48.94
CA PRO A 492 32.32 22.07 -50.14
C PRO A 492 33.77 22.54 -50.02
N THR A 493 34.73 21.67 -50.32
CA THR A 493 36.15 22.01 -50.33
C THR A 493 36.79 21.33 -51.53
N LYS A 494 38.07 21.63 -51.74
CA LYS A 494 38.83 21.10 -52.86
C LYS A 494 39.55 19.79 -52.54
N ALA A 495 39.37 19.24 -51.34
CA ALA A 495 40.03 18.00 -50.95
C ALA A 495 39.17 16.79 -51.33
N LYS A 496 39.82 15.68 -51.58
CA LYS A 496 39.14 14.45 -51.98
C LYS A 496 40.06 13.26 -51.70
N ARG A 497 39.44 12.15 -51.30
CA ARG A 497 40.18 10.93 -51.02
C ARG A 497 40.58 10.26 -52.34
N ARG A 498 41.18 9.07 -52.25
CA ARG A 498 41.64 8.36 -53.43
C ARG A 498 40.48 7.60 -54.06
N VAL A 499 40.37 7.69 -55.39
CA VAL A 499 39.35 6.99 -56.14
C VAL A 499 39.86 5.62 -56.53
N VAL A 500 38.93 4.68 -56.76
CA VAL A 500 39.31 3.32 -57.12
C VAL A 500 39.68 3.24 -58.60
N GLU A 501 38.75 3.61 -59.47
CA GLU A 501 38.99 3.58 -60.91
C GLU A 501 38.02 4.52 -61.62
N GLY A 516 36.36 24.36 -23.20
CA GLY A 516 35.80 24.53 -24.53
C GLY A 516 34.65 23.58 -24.80
N PHE A 517 33.59 23.71 -24.01
CA PHE A 517 32.41 22.86 -24.19
C PHE A 517 31.79 23.07 -25.57
N LEU A 518 31.35 24.31 -25.84
CA LEU A 518 30.79 24.67 -27.15
C LEU A 518 31.28 26.03 -27.64
N GLY A 519 32.26 26.64 -26.97
CA GLY A 519 32.62 28.02 -27.26
C GLY A 519 33.50 28.16 -28.49
N THR A 520 34.21 29.29 -28.52
CA THR A 520 35.20 29.67 -29.54
C THR A 520 34.70 29.49 -30.97
N ALA A 521 33.39 29.66 -31.19
CA ALA A 521 32.82 29.81 -32.54
C ALA A 521 31.75 30.90 -32.49
N GLY A 522 32.15 32.14 -32.77
CA GLY A 522 31.20 33.18 -33.09
C GLY A 522 31.16 33.48 -34.58
N SER A 523 32.34 33.48 -35.21
CA SER A 523 32.45 33.46 -36.67
C SER A 523 33.73 32.70 -37.00
N THR A 524 33.58 31.42 -37.30
CA THR A 524 34.72 30.57 -37.63
C THR A 524 34.24 29.39 -38.45
N MET A 525 35.09 28.94 -39.38
CA MET A 525 34.92 27.66 -40.04
C MET A 525 36.19 26.81 -39.94
N GLY A 526 37.35 27.48 -39.86
CA GLY A 526 38.59 26.75 -39.67
C GLY A 526 38.87 26.36 -38.23
N ALA A 527 38.34 27.12 -37.28
CA ALA A 527 38.59 26.81 -35.88
C ALA A 527 37.86 25.55 -35.44
N ALA A 528 36.76 25.21 -36.11
CA ALA A 528 36.04 23.98 -35.77
C ALA A 528 36.88 22.74 -36.01
N SER A 529 37.78 22.79 -37.00
CA SER A 529 38.67 21.66 -37.26
C SER A 529 39.67 21.44 -36.14
N ILE A 530 39.98 22.47 -35.35
CA ILE A 530 40.94 22.33 -34.26
C ILE A 530 40.27 21.71 -33.04
N THR A 531 39.02 22.09 -32.76
CA THR A 531 38.32 21.67 -31.56
C THR A 531 37.51 20.38 -31.76
N LEU A 532 37.88 19.55 -32.75
CA LEU A 532 37.15 18.31 -33.00
C LEU A 532 37.36 17.26 -31.92
N THR A 533 38.35 17.44 -31.03
CA THR A 533 38.64 16.47 -29.96
C THR A 533 37.97 16.84 -28.65
N VAL A 534 37.90 18.13 -28.33
CA VAL A 534 37.29 18.55 -27.06
C VAL A 534 35.77 18.49 -27.15
N GLN A 535 35.21 19.00 -28.25
CA GLN A 535 33.76 19.04 -28.39
C GLN A 535 33.17 17.63 -28.50
N VAL A 536 33.86 16.73 -29.20
CA VAL A 536 33.40 15.35 -29.25
C VAL A 536 33.44 14.70 -27.88
N ARG A 537 34.47 15.03 -27.09
CA ARG A 537 34.57 14.47 -25.75
C ARG A 537 33.45 14.98 -24.85
N LYS A 538 33.12 16.28 -24.95
CA LYS A 538 32.05 16.84 -24.15
C LYS A 538 30.66 16.49 -24.68
N LEU A 539 30.56 16.07 -25.93
CA LEU A 539 29.27 15.68 -26.50
C LEU A 539 28.68 14.44 -25.85
N LEU A 540 29.51 13.61 -25.21
CA LEU A 540 29.11 12.31 -24.66
C LEU A 540 29.51 12.21 -23.20
N SER A 541 29.24 13.28 -22.44
CA SER A 541 29.49 13.31 -21.01
C SER A 541 28.35 12.71 -20.18
N GLY A 542 27.46 11.93 -20.80
CA GLY A 542 26.38 11.31 -20.05
C GLY A 542 26.85 10.23 -19.10
N ILE A 543 27.97 9.59 -19.40
CA ILE A 543 28.50 8.55 -18.51
C ILE A 543 28.95 9.18 -17.19
N VAL A 544 29.45 10.42 -17.23
CA VAL A 544 29.82 11.10 -16.00
C VAL A 544 28.56 11.40 -15.18
N GLN A 545 27.45 11.70 -15.84
CA GLN A 545 26.19 11.89 -15.13
C GLN A 545 25.72 10.58 -14.50
N GLN A 546 25.82 9.48 -15.25
CA GLN A 546 25.34 8.19 -14.75
C GLN A 546 26.22 7.65 -13.63
N GLN A 547 27.51 8.02 -13.61
CA GLN A 547 28.42 7.48 -12.61
C GLN A 547 28.04 7.91 -11.20
N SER A 548 27.59 9.16 -11.03
CA SER A 548 27.33 9.75 -9.73
C SER A 548 25.88 9.58 -9.29
N ASN A 549 25.18 8.54 -9.76
CA ASN A 549 23.75 8.41 -9.48
C ASN A 549 23.50 8.00 -8.04
N LEU A 550 24.09 6.87 -7.61
CA LEU A 550 23.89 6.34 -6.25
C LEU A 550 22.41 6.06 -5.98
N LEU A 551 21.82 5.26 -6.87
CA LEU A 551 20.40 4.96 -6.92
C LEU A 551 20.13 3.48 -6.68
N ARG A 552 20.83 2.86 -5.73
CA ARG A 552 20.76 1.40 -5.62
C ARG A 552 19.35 0.90 -5.30
N ALA A 553 18.80 1.26 -4.13
CA ALA A 553 17.37 1.54 -3.97
C ALA A 553 17.09 2.89 -3.31
N ILE A 554 17.93 3.29 -2.34
CA ILE A 554 17.61 4.31 -1.35
C ILE A 554 18.90 5.08 -1.11
N GLU A 555 18.79 6.33 -0.65
CA GLU A 555 19.98 7.09 -0.25
C GLU A 555 20.10 7.38 1.24
N ALA A 556 19.11 8.01 1.89
CA ALA A 556 19.48 8.62 3.17
C ALA A 556 19.21 7.79 4.43
N GLN A 557 17.96 7.43 4.70
CA GLN A 557 17.61 6.41 5.71
C GLN A 557 16.88 5.20 5.14
N GLN A 558 15.79 5.45 4.43
CA GLN A 558 14.78 4.45 4.10
C GLN A 558 13.80 5.09 3.12
N HIS A 559 13.20 4.28 2.27
CA HIS A 559 12.18 4.76 1.35
C HIS A 559 11.24 3.62 0.99
N LEU A 560 10.12 4.00 0.38
CA LEU A 560 9.23 3.06 -0.31
C LEU A 560 9.84 2.77 -1.68
N LEU A 561 9.08 2.10 -2.55
CA LEU A 561 9.48 1.91 -3.93
C LEU A 561 9.89 3.22 -4.58
N LYS A 562 8.96 4.18 -4.63
CA LYS A 562 9.23 5.57 -5.01
C LYS A 562 9.87 5.70 -6.39
N LEU A 563 9.66 4.72 -7.26
CA LEU A 563 10.19 4.72 -8.62
C LEU A 563 9.04 5.03 -9.56
N THR A 564 9.13 6.16 -10.23
CA THR A 564 8.02 6.82 -10.89
C THR A 564 8.55 7.38 -12.20
N VAL A 565 7.73 8.23 -12.85
CA VAL A 565 8.02 8.77 -14.17
C VAL A 565 9.42 9.37 -14.27
N TRP A 566 9.94 9.95 -13.18
CA TRP A 566 11.24 10.61 -13.20
C TRP A 566 12.35 9.64 -13.60
N GLY A 567 12.53 8.55 -12.83
CA GLY A 567 13.65 7.66 -13.07
C GLY A 567 13.53 6.90 -14.36
N ILE A 568 12.34 6.38 -14.65
CA ILE A 568 12.13 5.59 -15.86
C ILE A 568 12.27 6.47 -17.10
N LYS A 569 11.81 7.72 -17.05
CA LYS A 569 12.01 8.60 -18.20
C LYS A 569 13.45 9.09 -18.29
N GLN A 570 14.17 9.18 -17.18
CA GLN A 570 15.60 9.45 -17.26
C GLN A 570 16.32 8.33 -17.98
N LEU A 571 15.99 7.09 -17.62
CA LEU A 571 16.57 5.94 -18.32
C LEU A 571 16.16 5.93 -19.79
N GLN A 572 14.92 6.33 -20.08
CA GLN A 572 14.47 6.40 -21.46
C GLN A 572 15.25 7.47 -22.23
N ALA A 573 15.53 8.60 -21.59
CA ALA A 573 16.33 9.64 -22.23
C ALA A 573 17.75 9.15 -22.51
N ARG A 574 18.33 8.42 -21.54
CA ARG A 574 19.63 7.78 -21.79
C ARG A 574 19.57 6.86 -23.00
N VAL A 575 18.53 6.02 -23.07
CA VAL A 575 18.39 5.06 -24.16
C VAL A 575 18.25 5.78 -25.49
N LEU A 576 17.46 6.86 -25.52
CA LEU A 576 17.23 7.57 -26.78
C LEU A 576 18.46 8.35 -27.23
N ALA A 577 19.23 8.91 -26.28
CA ALA A 577 20.49 9.55 -26.65
C ALA A 577 21.47 8.52 -27.20
N VAL A 578 21.55 7.36 -26.56
CA VAL A 578 22.42 6.30 -27.05
C VAL A 578 21.96 5.83 -28.42
N GLU A 579 20.65 5.82 -28.66
CA GLU A 579 20.13 5.43 -29.97
C GLU A 579 20.48 6.46 -31.03
N ARG A 580 20.40 7.75 -30.67
CA ARG A 580 20.80 8.80 -31.60
C ARG A 580 22.28 8.65 -31.97
N TYR A 581 23.13 8.45 -30.96
CA TYR A 581 24.55 8.26 -31.26
C TYR A 581 24.79 6.98 -32.04
N LEU A 582 23.99 5.94 -31.81
CA LEU A 582 24.13 4.70 -32.56
C LEU A 582 23.77 4.90 -34.02
N ARG A 583 22.67 5.59 -34.29
CA ARG A 583 22.30 5.86 -35.68
C ARG A 583 23.32 6.77 -36.35
N ASP A 584 23.89 7.72 -35.60
CA ASP A 584 24.96 8.55 -36.15
C ASP A 584 26.16 7.71 -36.55
N GLN A 585 26.64 6.86 -35.63
CA GLN A 585 27.77 6.00 -35.95
C GLN A 585 27.45 5.01 -37.07
N GLN A 586 26.18 4.60 -37.17
CA GLN A 586 25.78 3.75 -38.28
C GLN A 586 25.90 4.48 -39.61
N LEU A 587 25.47 5.75 -39.64
CA LEU A 587 25.62 6.53 -40.87
C LEU A 587 27.09 6.80 -41.18
N LEU A 588 27.93 6.96 -40.15
CA LEU A 588 29.36 7.04 -40.39
C LEU A 588 29.89 5.76 -41.03
N GLY A 589 29.53 4.61 -40.46
CA GLY A 589 30.02 3.34 -40.99
C GLY A 589 29.52 3.04 -42.39
N ILE A 590 28.29 3.47 -42.70
CA ILE A 590 27.77 3.28 -44.06
C ILE A 590 28.62 4.05 -45.06
N TRP A 591 28.98 5.29 -44.71
CA TRP A 591 29.81 6.12 -45.57
C TRP A 591 31.30 5.83 -45.41
N GLY A 592 31.70 4.87 -44.58
CA GLY A 592 33.10 4.64 -44.31
C GLY A 592 33.79 5.73 -43.54
N CYS A 593 33.03 6.63 -42.91
CA CYS A 593 33.58 7.76 -42.16
C CYS A 593 33.71 7.47 -40.67
N SER A 594 33.64 6.20 -40.26
CA SER A 594 33.74 5.88 -38.84
C SER A 594 35.17 5.98 -38.32
N GLY A 595 36.17 6.02 -39.21
CA GLY A 595 37.55 6.09 -38.76
C GLY A 595 37.99 7.46 -38.33
N LYS A 596 37.41 8.51 -38.90
CA LYS A 596 37.78 9.87 -38.57
C LYS A 596 36.58 10.79 -38.82
N LEU A 597 36.68 12.00 -38.28
CA LEU A 597 35.60 12.97 -38.45
C LEU A 597 35.63 13.60 -39.84
N ILE A 598 36.82 13.87 -40.36
CA ILE A 598 36.96 14.41 -41.71
C ILE A 598 36.72 13.29 -42.71
N CYS A 599 35.77 13.50 -43.62
CA CYS A 599 35.39 12.49 -44.59
C CYS A 599 35.00 13.17 -45.90
N THR A 600 35.68 12.80 -46.98
CA THR A 600 35.47 13.39 -48.28
C THR A 600 34.24 12.78 -48.95
N THR A 601 34.04 13.09 -50.23
CA THR A 601 32.89 12.61 -50.99
C THR A 601 33.30 12.42 -52.44
N ASN A 602 32.78 11.36 -53.07
CA ASN A 602 33.09 11.09 -54.46
C ASN A 602 32.31 11.98 -55.41
N VAL A 603 31.03 12.24 -55.10
CA VAL A 603 30.18 13.05 -55.96
C VAL A 603 30.55 14.52 -55.77
N PRO A 604 30.77 15.31 -56.83
CA PRO A 604 30.91 16.75 -56.64
C PRO A 604 29.57 17.42 -56.37
N TRP A 605 29.64 18.52 -55.62
CA TRP A 605 28.42 19.24 -55.26
C TRP A 605 27.82 19.91 -56.49
N ASN A 606 26.50 19.75 -56.67
CA ASN A 606 25.82 20.30 -57.82
C ASN A 606 25.86 21.83 -57.79
N SER A 607 25.46 22.44 -58.91
CA SER A 607 25.50 23.87 -59.12
C SER A 607 24.17 24.56 -58.78
N SER A 608 23.22 23.85 -58.16
CA SER A 608 21.95 24.48 -57.80
C SER A 608 22.12 25.55 -56.74
N TRP A 609 23.14 25.40 -55.88
CA TRP A 609 23.43 26.40 -54.87
C TRP A 609 23.73 27.76 -55.49
N SER A 610 23.35 28.82 -54.77
CA SER A 610 23.66 30.17 -55.21
C SER A 610 25.16 30.43 -55.05
N ASN A 611 25.73 31.14 -56.02
CA ASN A 611 27.17 31.33 -56.08
C ASN A 611 27.69 32.06 -54.83
N LYS A 612 28.83 31.59 -54.33
CA LYS A 612 29.45 32.13 -53.13
C LYS A 612 30.89 31.62 -53.08
N SER A 613 31.78 32.45 -52.55
CA SER A 613 33.20 32.09 -52.48
C SER A 613 33.47 31.22 -51.26
N GLU A 614 34.49 30.37 -51.38
CA GLU A 614 34.84 29.48 -50.28
C GLU A 614 35.39 30.28 -49.09
N ARG A 615 36.17 31.32 -49.36
CA ARG A 615 36.68 32.16 -48.28
C ARG A 615 35.54 32.88 -47.56
N GLU A 616 34.59 33.42 -48.32
CA GLU A 616 33.43 34.06 -47.70
C GLU A 616 32.58 33.04 -46.96
N ILE A 617 32.52 31.80 -47.44
CA ILE A 617 31.82 30.75 -46.71
C ILE A 617 32.54 30.46 -45.39
N TRP A 618 33.87 30.56 -45.37
CA TRP A 618 34.63 30.22 -44.19
C TRP A 618 34.71 31.36 -43.19
N GLU A 619 34.53 32.61 -43.62
CA GLU A 619 34.77 33.76 -42.77
C GLU A 619 33.52 34.25 -42.03
N ASN A 620 32.37 34.29 -42.71
CA ASN A 620 31.18 34.98 -42.23
C ASN A 620 29.93 34.12 -42.35
N MET A 621 30.01 32.84 -41.95
CA MET A 621 28.81 32.01 -41.81
C MET A 621 28.74 31.20 -40.52
N THR A 622 29.84 31.09 -39.76
CA THR A 622 29.92 30.40 -38.46
C THR A 622 29.35 28.97 -38.49
N TRP A 623 29.35 28.35 -39.67
CA TRP A 623 28.86 26.99 -39.93
C TRP A 623 27.34 26.89 -39.92
N LEU A 624 26.61 27.98 -39.60
CA LEU A 624 25.18 27.93 -39.36
C LEU A 624 24.37 28.52 -40.51
N GLN A 625 24.78 29.68 -41.03
CA GLN A 625 24.12 30.24 -42.21
C GLN A 625 24.24 29.30 -43.40
N TRP A 626 25.35 28.57 -43.49
CA TRP A 626 25.50 27.61 -44.57
C TRP A 626 24.49 26.47 -44.42
N ASP A 627 24.33 25.94 -43.20
CA ASP A 627 23.31 24.92 -42.98
C ASP A 627 21.91 25.47 -43.22
N LYS A 628 21.69 26.77 -42.95
CA LYS A 628 20.42 27.39 -43.31
C LYS A 628 20.22 27.41 -44.82
N GLU A 629 21.30 27.50 -45.59
CA GLU A 629 21.18 27.57 -47.05
C GLU A 629 20.96 26.21 -47.72
N ILE A 630 21.33 25.11 -47.06
CA ILE A 630 21.30 23.77 -47.63
C ILE A 630 20.30 22.91 -46.84
N SER A 631 19.27 23.56 -46.29
CA SER A 631 18.32 22.87 -45.42
C SER A 631 17.58 21.76 -46.17
N ASN A 632 17.04 22.07 -47.35
CA ASN A 632 16.25 21.10 -48.08
C ASN A 632 17.11 20.14 -48.88
N TYR A 633 18.23 20.60 -49.42
CA TYR A 633 19.12 19.75 -50.21
C TYR A 633 19.96 18.82 -49.34
N THR A 634 19.90 18.93 -48.01
CA THR A 634 20.70 18.08 -47.15
C THR A 634 20.27 16.61 -47.28
N HIS A 635 18.97 16.35 -47.43
CA HIS A 635 18.52 14.98 -47.62
C HIS A 635 19.00 14.42 -48.95
N ILE A 636 19.03 15.25 -49.99
CA ILE A 636 19.56 14.81 -51.28
C ILE A 636 21.05 14.49 -51.16
N ILE A 637 21.77 15.29 -50.39
CA ILE A 637 23.20 15.04 -50.21
C ILE A 637 23.41 13.75 -49.43
N TYR A 638 22.59 13.51 -48.40
CA TYR A 638 22.62 12.24 -47.68
C TYR A 638 22.39 11.07 -48.62
N GLU A 639 21.35 11.16 -49.46
CA GLU A 639 21.04 10.07 -50.38
C GLU A 639 22.18 9.83 -51.36
N LEU A 640 22.77 10.91 -51.89
CA LEU A 640 23.89 10.77 -52.81
C LEU A 640 25.08 10.08 -52.14
N ILE A 641 25.50 10.59 -50.98
CA ILE A 641 26.67 10.04 -50.32
C ILE A 641 26.40 8.62 -49.81
N GLU A 642 25.14 8.25 -49.60
CA GLU A 642 24.82 6.90 -49.13
C GLU A 642 24.77 5.90 -50.28
N GLU A 643 24.26 6.32 -51.44
CA GLU A 643 24.05 5.42 -52.57
C GLU A 643 25.27 5.37 -53.49
N SER A 644 25.69 6.51 -54.01
CA SER A 644 26.75 6.51 -55.02
C SER A 644 28.09 6.12 -54.42
N GLN A 645 28.35 6.52 -53.15
CA GLN A 645 29.62 6.18 -52.53
C GLN A 645 29.77 4.67 -52.33
N LYS A 646 28.66 3.96 -52.13
CA LYS A 646 28.69 2.53 -51.82
C LYS A 646 28.56 1.68 -53.07
N GLN A 647 27.54 1.93 -53.90
CA GLN A 647 27.27 1.07 -55.03
C GLN A 647 28.35 1.17 -56.11
N GLN A 648 29.06 2.30 -56.18
CA GLN A 648 30.08 2.52 -57.20
C GLN A 648 31.47 2.09 -56.74
N GLU A 649 31.55 1.21 -55.74
CA GLU A 649 32.83 0.73 -55.23
C GLU A 649 33.21 -0.56 -55.94
N LYS A 650 34.31 -0.53 -56.70
CA LYS A 650 34.77 -1.72 -57.39
C LYS A 650 35.38 -2.70 -56.38
N ASN A 651 35.83 -3.85 -56.88
CA ASN A 651 36.20 -4.96 -56.01
C ASN A 651 37.68 -4.94 -55.62
N GLU A 652 38.57 -4.97 -56.61
CA GLU A 652 40.01 -5.11 -56.36
C GLU A 652 40.78 -4.43 -57.49
N GLN A 653 42.10 -4.49 -57.40
CA GLN A 653 43.00 -4.15 -58.49
C GLN A 653 44.02 -5.28 -58.63
N GLU A 654 44.46 -5.53 -59.88
CA GLU A 654 45.29 -6.68 -60.20
C GLU A 654 46.52 -6.35 -61.04
N LEU A 655 46.55 -5.22 -61.75
CA LEU A 655 47.61 -4.96 -62.72
C LEU A 655 48.99 -4.90 -62.05
N LEU A 656 49.17 -3.95 -61.13
CA LEU A 656 50.44 -3.72 -60.45
C LEU A 656 50.25 -3.82 -58.94
N GLU A 657 51.22 -4.45 -58.29
CA GLU A 657 51.19 -4.63 -56.84
C GLU A 657 52.60 -5.04 -56.41
N LEU A 658 52.83 -5.01 -55.10
CA LEU A 658 54.15 -5.35 -54.55
C LEU A 658 54.58 -6.77 -54.91
N ASP A 659 53.62 -7.68 -55.12
CA ASP A 659 53.93 -9.03 -55.56
C ASP A 659 54.55 -8.94 -56.95
N GLU B 31 36.15 -21.66 -59.47
CA GLU B 31 36.49 -22.96 -58.90
C GLU B 31 36.56 -22.81 -57.39
N ASN B 32 37.35 -21.85 -56.92
CA ASN B 32 37.52 -21.66 -55.49
C ASN B 32 36.22 -21.14 -54.86
N LEU B 33 35.77 -21.84 -53.82
CA LEU B 33 34.56 -21.45 -53.10
C LEU B 33 34.88 -20.49 -51.96
N TRP B 34 35.44 -19.34 -52.33
CA TRP B 34 35.71 -18.29 -51.36
C TRP B 34 34.39 -17.78 -50.79
N VAL B 35 34.18 -18.00 -49.49
CA VAL B 35 32.95 -17.58 -48.87
C VAL B 35 32.91 -16.06 -48.82
N THR B 36 31.71 -15.51 -48.98
CA THR B 36 31.46 -14.07 -48.87
C THR B 36 30.18 -13.86 -48.08
N VAL B 37 30.15 -12.77 -47.32
CA VAL B 37 29.05 -12.47 -46.41
C VAL B 37 28.48 -11.11 -46.78
N TYR B 38 27.15 -11.06 -46.95
CA TYR B 38 26.40 -9.85 -47.22
C TYR B 38 25.44 -9.59 -46.07
N TYR B 39 24.97 -8.35 -45.97
CA TYR B 39 24.03 -7.94 -44.94
C TYR B 39 22.99 -7.02 -45.55
N GLY B 40 21.75 -7.18 -45.13
CA GLY B 40 20.62 -6.47 -45.68
C GLY B 40 19.85 -7.22 -46.74
N VAL B 41 19.84 -8.55 -46.67
CA VAL B 41 19.23 -9.40 -47.70
C VAL B 41 17.82 -9.76 -47.23
N PRO B 42 16.83 -9.93 -48.11
CA PRO B 42 15.51 -10.38 -47.65
C PRO B 42 15.58 -11.79 -47.07
N VAL B 43 15.24 -11.91 -45.80
CA VAL B 43 15.19 -13.20 -45.09
C VAL B 43 13.98 -13.19 -44.18
N TRP B 44 13.26 -14.31 -44.16
CA TRP B 44 12.03 -14.46 -43.39
C TRP B 44 12.14 -15.66 -42.48
N LYS B 45 11.77 -15.48 -41.21
CA LYS B 45 11.78 -16.55 -40.23
C LYS B 45 10.67 -16.32 -39.22
N ASP B 46 10.31 -17.38 -38.51
CA ASP B 46 9.24 -17.29 -37.53
C ASP B 46 9.64 -16.35 -36.39
N ALA B 47 8.66 -15.59 -35.91
CA ALA B 47 8.88 -14.59 -34.87
C ALA B 47 7.80 -14.73 -33.79
N GLU B 48 8.23 -14.55 -32.54
CA GLU B 48 7.32 -14.46 -31.39
C GLU B 48 7.93 -13.38 -30.50
N THR B 49 7.46 -12.13 -30.66
CA THR B 49 8.09 -10.98 -30.02
C THR B 49 7.00 -10.01 -29.55
N THR B 50 7.43 -8.82 -29.16
CA THR B 50 6.56 -7.77 -28.65
C THR B 50 5.99 -6.94 -29.78
N LEU B 51 4.75 -6.49 -29.61
CA LEU B 51 4.06 -5.60 -30.54
C LEU B 51 3.70 -4.31 -29.83
N PHE B 52 3.39 -3.28 -30.62
CA PHE B 52 3.14 -1.93 -30.13
C PHE B 52 1.76 -1.46 -30.57
N CYS B 53 1.01 -0.90 -29.63
CA CYS B 53 -0.30 -0.35 -29.93
C CYS B 53 -0.17 0.90 -30.80
N ALA B 54 -1.14 1.08 -31.71
CA ALA B 54 -1.19 2.28 -32.52
C ALA B 54 -2.61 2.48 -33.01
N SER B 55 -2.89 3.68 -33.51
CA SER B 55 -4.20 4.02 -34.03
C SER B 55 -4.05 5.28 -34.88
N ASP B 56 -5.10 5.58 -35.65
CA ASP B 56 -5.08 6.74 -36.52
C ASP B 56 -5.09 8.03 -35.68
N ALA B 57 -4.84 9.14 -36.37
CA ALA B 57 -4.86 10.44 -35.70
C ALA B 57 -6.24 10.81 -35.17
N LYS B 58 -7.30 10.23 -35.73
CA LYS B 58 -8.65 10.51 -35.23
C LYS B 58 -8.83 10.00 -33.80
N ALA B 59 -8.11 8.94 -33.43
CA ALA B 59 -8.20 8.44 -32.06
C ALA B 59 -7.72 9.47 -31.05
N TYR B 60 -6.68 10.23 -31.41
CA TYR B 60 -6.18 11.30 -30.56
C TYR B 60 -6.89 12.63 -30.79
N ASP B 61 -7.60 12.78 -31.92
CA ASP B 61 -8.29 14.03 -32.20
C ASP B 61 -9.41 14.30 -31.21
N THR B 62 -9.99 13.25 -30.60
CA THR B 62 -11.07 13.45 -29.66
C THR B 62 -10.59 14.15 -28.39
N GLU B 63 -9.30 14.02 -28.05
CA GLU B 63 -8.70 14.69 -26.90
C GLU B 63 -9.37 14.29 -25.59
N VAL B 64 -9.84 13.04 -25.50
CA VAL B 64 -10.36 12.46 -24.27
C VAL B 64 -9.18 11.78 -23.58
N HIS B 65 -9.21 11.76 -22.24
CA HIS B 65 -8.15 11.11 -21.45
C HIS B 65 -7.88 9.69 -21.92
N ASN B 66 -8.93 8.87 -22.04
CA ASN B 66 -8.84 7.65 -22.84
C ASN B 66 -10.23 7.18 -23.20
N VAL B 67 -10.57 7.15 -24.49
CA VAL B 67 -11.60 6.21 -24.98
C VAL B 67 -10.83 4.95 -25.40
N TRP B 68 -10.54 4.09 -24.43
CA TRP B 68 -10.48 2.64 -24.48
C TRP B 68 -9.27 2.08 -25.23
N ALA B 69 -8.45 2.92 -25.90
CA ALA B 69 -7.08 2.56 -26.20
C ALA B 69 -6.08 3.70 -26.04
N THR B 70 -6.51 4.89 -25.60
CA THR B 70 -5.74 6.10 -25.87
C THR B 70 -4.89 6.42 -24.64
N HIS B 71 -3.66 5.93 -24.66
CA HIS B 71 -2.67 6.15 -23.63
C HIS B 71 -1.35 6.53 -24.28
N ALA B 72 -1.45 7.44 -25.25
CA ALA B 72 -0.31 7.94 -26.01
C ALA B 72 0.39 6.84 -26.79
N CYS B 73 -0.41 5.93 -27.36
CA CYS B 73 0.12 4.95 -28.29
C CYS B 73 0.69 5.68 -29.51
N VAL B 74 1.61 5.02 -30.20
CA VAL B 74 2.29 5.67 -31.33
C VAL B 74 1.29 5.87 -32.47
N PRO B 75 1.26 7.02 -33.15
CA PRO B 75 0.31 7.18 -34.25
C PRO B 75 0.72 6.36 -35.47
N THR B 76 -0.28 5.96 -36.24
CA THR B 76 -0.04 5.17 -37.43
C THR B 76 0.69 6.00 -38.49
N ASP B 77 1.46 5.30 -39.32
CA ASP B 77 2.15 5.97 -40.40
C ASP B 77 1.15 6.45 -41.44
N PRO B 78 1.37 7.60 -42.10
CA PRO B 78 0.43 8.02 -43.14
C PRO B 78 0.34 7.06 -44.31
N ASN B 79 1.43 6.34 -44.61
CA ASN B 79 1.47 5.39 -45.72
C ASN B 79 2.17 4.13 -45.23
N PRO B 80 1.42 3.17 -44.68
CA PRO B 80 2.02 1.87 -44.35
C PRO B 80 2.61 1.20 -45.59
N GLN B 81 3.88 0.80 -45.49
CA GLN B 81 4.60 0.24 -46.62
C GLN B 81 4.15 -1.21 -46.82
N GLU B 82 3.00 -1.35 -47.48
CA GLU B 82 2.44 -2.67 -47.78
C GLU B 82 3.00 -3.16 -49.12
N ILE B 83 4.28 -3.50 -49.08
CA ILE B 83 5.01 -3.86 -50.31
C ILE B 83 4.70 -5.30 -50.67
N TYR B 84 4.24 -5.51 -51.90
CA TYR B 84 3.89 -6.85 -52.36
C TYR B 84 5.14 -7.60 -52.81
N MET B 85 5.11 -8.92 -52.63
CA MET B 85 6.20 -9.82 -52.98
C MET B 85 5.61 -11.10 -53.55
N GLU B 86 6.14 -11.52 -54.70
CA GLU B 86 5.71 -12.71 -55.42
C GLU B 86 6.88 -13.69 -55.52
N ASN B 87 6.67 -14.78 -56.26
CA ASN B 87 7.63 -15.88 -56.46
C ASN B 87 8.26 -16.36 -55.14
N VAL B 88 7.46 -16.38 -54.08
CA VAL B 88 7.89 -16.77 -52.74
C VAL B 88 6.87 -17.75 -52.18
N THR B 89 7.24 -18.37 -51.05
CA THR B 89 6.38 -19.31 -50.32
C THR B 89 6.56 -19.08 -48.84
N GLU B 90 5.49 -19.33 -48.07
CA GLU B 90 5.59 -19.23 -46.63
C GLU B 90 4.44 -20.00 -45.99
N GLU B 91 4.75 -20.69 -44.88
CA GLU B 91 3.76 -21.47 -44.14
C GLU B 91 2.95 -20.58 -43.22
N PHE B 92 1.82 -21.13 -42.75
CA PHE B 92 0.88 -20.39 -41.90
C PHE B 92 0.20 -21.36 -40.95
N ASN B 93 0.28 -21.05 -39.65
CA ASN B 93 -0.52 -21.69 -38.61
C ASN B 93 -1.07 -20.55 -37.76
N MET B 94 -2.26 -20.07 -38.13
CA MET B 94 -2.83 -18.90 -37.48
C MET B 94 -3.23 -19.19 -36.04
N TRP B 95 -3.69 -20.41 -35.77
CA TRP B 95 -4.18 -20.74 -34.43
C TRP B 95 -3.04 -20.77 -33.42
N LYS B 96 -1.82 -21.06 -33.85
CA LYS B 96 -0.66 -21.14 -32.96
C LYS B 96 0.09 -19.81 -32.86
N ASN B 97 -0.59 -18.70 -33.09
CA ASN B 97 0.00 -17.37 -33.00
C ASN B 97 -0.17 -16.80 -31.60
N ASN B 98 0.82 -16.01 -31.18
CA ASN B 98 0.79 -15.33 -29.89
C ASN B 98 0.11 -13.96 -29.95
N MET B 99 -0.50 -13.61 -31.10
CA MET B 99 -1.08 -12.28 -31.23
C MET B 99 -2.28 -12.11 -30.31
N VAL B 100 -3.21 -13.05 -30.34
CA VAL B 100 -4.38 -12.96 -29.46
C VAL B 100 -3.97 -13.07 -28.00
N GLU B 101 -2.89 -13.83 -27.72
CA GLU B 101 -2.39 -13.95 -26.35
C GLU B 101 -1.99 -12.59 -25.79
N GLN B 102 -1.02 -11.94 -26.44
CA GLN B 102 -0.59 -10.61 -26.02
C GLN B 102 -1.73 -9.60 -26.07
N MET B 103 -2.64 -9.75 -27.03
CA MET B 103 -3.76 -8.82 -27.15
C MET B 103 -4.64 -8.87 -25.91
N HIS B 104 -5.13 -10.06 -25.55
CA HIS B 104 -6.00 -10.14 -24.39
C HIS B 104 -5.23 -9.85 -23.10
N THR B 105 -3.93 -10.14 -23.07
CA THR B 105 -3.13 -9.77 -21.91
C THR B 105 -3.10 -8.26 -21.72
N ASP B 106 -2.76 -7.53 -22.78
CA ASP B 106 -2.75 -6.08 -22.71
C ASP B 106 -4.14 -5.52 -22.44
N ILE B 107 -5.18 -6.18 -22.95
CA ILE B 107 -6.55 -5.71 -22.71
C ILE B 107 -6.91 -5.86 -21.23
N ILE B 108 -6.55 -6.99 -20.63
CA ILE B 108 -6.82 -7.18 -19.20
C ILE B 108 -6.02 -6.19 -18.39
N SER B 109 -4.76 -5.93 -18.79
CA SER B 109 -3.94 -4.97 -18.07
C SER B 109 -4.54 -3.57 -18.13
N LEU B 110 -4.97 -3.13 -19.32
CA LEU B 110 -5.54 -1.80 -19.47
C LEU B 110 -6.86 -1.68 -18.74
N TRP B 111 -7.67 -2.75 -18.77
CA TRP B 111 -8.93 -2.73 -18.04
C TRP B 111 -8.70 -2.64 -16.53
N ASP B 112 -7.70 -3.35 -16.02
CA ASP B 112 -7.39 -3.24 -14.60
C ASP B 112 -6.88 -1.84 -14.26
N GLN B 113 -6.05 -1.28 -15.14
CA GLN B 113 -5.51 0.07 -14.89
C GLN B 113 -6.63 1.11 -14.87
N SER B 114 -7.60 0.99 -15.78
CA SER B 114 -8.74 1.89 -15.77
C SER B 114 -9.66 1.60 -14.59
N LEU B 115 -9.66 0.35 -14.10
CA LEU B 115 -10.46 -0.02 -12.95
C LEU B 115 -9.88 0.53 -11.65
N LYS B 116 -8.55 0.75 -11.61
CA LYS B 116 -7.90 1.25 -10.40
C LYS B 116 -8.50 2.55 -9.87
N PRO B 117 -8.56 3.64 -10.64
CA PRO B 117 -9.07 4.90 -10.07
C PRO B 117 -10.57 4.91 -9.78
N CYS B 118 -11.33 3.90 -10.21
CA CYS B 118 -12.76 3.88 -9.93
C CYS B 118 -13.00 3.70 -8.44
N VAL B 119 -14.04 4.38 -7.94
CA VAL B 119 -14.38 4.29 -6.52
C VAL B 119 -15.00 2.94 -6.23
N GLN B 120 -14.83 2.47 -5.00
CA GLN B 120 -15.31 1.16 -4.59
C GLN B 120 -16.82 1.16 -4.41
N LEU B 121 -17.39 -0.04 -4.39
CA LEU B 121 -18.83 -0.25 -4.18
C LEU B 121 -19.07 -1.35 -3.16
N THR B 122 -18.15 -1.54 -2.22
CA THR B 122 -18.28 -2.57 -1.20
C THR B 122 -19.43 -2.30 -0.23
N PRO B 123 -19.66 -1.07 0.27
CA PRO B 123 -20.82 -0.87 1.16
C PRO B 123 -22.17 -1.07 0.50
N LEU B 124 -22.24 -1.11 -0.84
CA LEU B 124 -23.50 -1.38 -1.54
C LEU B 124 -24.03 -2.79 -1.31
N CYS B 125 -23.21 -3.71 -0.81
CA CYS B 125 -23.63 -5.09 -0.60
C CYS B 125 -24.52 -5.29 0.63
N VAL B 126 -24.91 -4.22 1.33
CA VAL B 126 -25.85 -4.36 2.43
C VAL B 126 -27.17 -4.94 1.91
N THR B 127 -27.90 -5.60 2.81
CA THR B 127 -29.17 -6.20 2.44
C THR B 127 -30.21 -5.14 2.12
N LEU B 128 -31.10 -5.46 1.19
CA LEU B 128 -32.09 -4.51 0.67
C LEU B 128 -33.44 -5.18 0.53
N ASP B 129 -34.47 -4.56 1.09
CA ASP B 129 -35.86 -4.96 0.91
C ASP B 129 -36.48 -4.09 -0.16
N CYS B 130 -37.01 -4.71 -1.21
CA CYS B 130 -37.42 -4.02 -2.42
C CYS B 130 -38.91 -4.25 -2.69
N SER B 131 -39.50 -3.30 -3.42
CA SER B 131 -40.88 -3.42 -3.87
C SER B 131 -40.92 -4.25 -5.15
N TYR B 132 -41.69 -5.34 -5.12
CA TYR B 132 -41.78 -6.22 -6.30
C TYR B 132 -42.37 -5.50 -7.51
N ASN B 133 -43.23 -4.51 -7.28
CA ASN B 133 -43.93 -3.78 -8.34
C ASN B 133 -43.59 -2.30 -8.25
N ILE B 134 -43.71 -1.61 -9.39
CA ILE B 134 -43.46 -0.19 -9.51
C ILE B 134 -44.69 0.43 -10.15
N THR B 135 -44.93 1.71 -9.86
CA THR B 135 -46.07 2.44 -10.40
C THR B 135 -45.82 2.97 -11.82
N ASN B 136 -44.78 2.51 -12.51
CA ASN B 136 -44.58 2.89 -13.90
C ASN B 136 -45.75 2.41 -14.75
N ASN B 137 -46.04 3.16 -15.80
CA ASN B 137 -47.20 2.89 -16.66
C ASN B 137 -46.83 1.98 -17.82
N ILE B 138 -46.24 0.84 -17.50
CA ILE B 138 -45.92 -0.22 -18.46
C ILE B 138 -45.93 -1.54 -17.70
N THR B 139 -46.56 -2.56 -18.30
CA THR B 139 -46.50 -3.92 -17.79
C THR B 139 -45.79 -4.87 -18.75
N ASN B 140 -46.21 -4.89 -20.01
CA ASN B 140 -45.60 -5.76 -21.01
C ASN B 140 -45.82 -5.14 -22.39
N SER B 141 -45.12 -5.70 -23.37
CA SER B 141 -45.33 -5.39 -24.79
C SER B 141 -46.17 -6.49 -25.43
N ILE B 142 -46.49 -6.30 -26.70
CA ILE B 142 -47.30 -7.27 -27.46
C ILE B 142 -46.32 -8.26 -28.07
N THR B 143 -45.98 -9.29 -27.28
CA THR B 143 -45.03 -10.32 -27.69
C THR B 143 -44.98 -11.38 -26.60
N ASN B 144 -44.49 -12.56 -26.97
CA ASN B 144 -44.26 -13.63 -26.00
C ASN B 144 -43.10 -14.47 -26.53
N SER B 145 -41.93 -14.33 -25.90
CA SER B 145 -40.71 -15.01 -26.32
C SER B 145 -39.94 -15.57 -25.13
N SER B 146 -40.64 -15.95 -24.06
CA SER B 146 -40.07 -16.54 -22.85
C SER B 146 -39.16 -15.59 -22.09
N VAL B 147 -39.17 -14.29 -22.40
CA VAL B 147 -38.35 -13.28 -21.74
C VAL B 147 -39.21 -12.22 -21.06
N ASN B 148 -40.25 -11.73 -21.74
CA ASN B 148 -41.10 -10.67 -21.22
C ASN B 148 -42.10 -11.16 -20.16
N MET B 149 -42.08 -12.46 -19.81
CA MET B 149 -42.93 -12.94 -18.75
C MET B 149 -42.59 -12.28 -17.41
N ARG B 150 -41.30 -12.00 -17.18
CA ARG B 150 -40.83 -11.37 -15.97
C ARG B 150 -40.53 -9.90 -16.20
N GLU B 151 -40.35 -9.17 -15.11
CA GLU B 151 -40.00 -7.75 -15.12
C GLU B 151 -38.53 -7.60 -14.76
N GLU B 152 -37.78 -6.91 -15.61
CA GLU B 152 -36.34 -6.76 -15.48
C GLU B 152 -35.94 -5.50 -14.72
N ILE B 153 -36.79 -4.99 -13.84
CA ILE B 153 -36.47 -3.82 -13.04
C ILE B 153 -37.34 -3.84 -11.80
N LYS B 154 -36.74 -3.49 -10.67
CA LYS B 154 -37.43 -3.42 -9.39
C LYS B 154 -36.79 -2.30 -8.59
N ASN B 155 -37.63 -1.43 -8.00
CA ASN B 155 -37.15 -0.27 -7.27
C ASN B 155 -37.14 -0.55 -5.77
N CYS B 156 -36.09 -0.09 -5.11
CA CYS B 156 -35.69 -0.56 -3.80
C CYS B 156 -35.15 0.61 -2.99
N SER B 157 -35.58 0.69 -1.73
CA SER B 157 -35.02 1.62 -0.75
C SER B 157 -33.89 0.95 0.00
N PHE B 158 -32.96 1.76 0.51
CA PHE B 158 -31.78 1.18 1.13
C PHE B 158 -31.01 2.27 1.87
N ASN B 159 -30.41 1.88 2.99
CA ASN B 159 -29.52 2.78 3.71
C ASN B 159 -28.24 2.99 2.91
N MET B 160 -27.67 4.19 3.07
CA MET B 160 -26.37 4.49 2.50
C MET B 160 -25.71 5.56 3.36
N THR B 161 -24.42 5.40 3.59
CA THR B 161 -23.68 6.37 4.39
C THR B 161 -23.61 7.70 3.65
N THR B 162 -23.90 8.79 4.37
CA THR B 162 -23.82 10.11 3.80
C THR B 162 -22.34 10.48 3.60
N GLU B 163 -22.11 11.69 3.06
CA GLU B 163 -20.74 12.21 2.99
C GLU B 163 -20.09 12.27 4.37
N LEU B 164 -20.87 12.54 5.41
CA LEU B 164 -20.36 12.41 6.78
C LEU B 164 -20.22 10.92 7.13
N ARG B 165 -19.42 10.64 8.15
CA ARG B 165 -19.07 9.26 8.44
C ARG B 165 -20.24 8.51 9.04
N ASP B 166 -20.74 8.96 10.19
CA ASP B 166 -21.81 8.26 10.89
C ASP B 166 -23.18 8.47 10.26
N LYS B 167 -23.38 9.56 9.51
CA LYS B 167 -24.69 9.87 8.96
C LYS B 167 -25.09 8.84 7.91
N ASN B 168 -26.31 8.32 8.04
CA ASN B 168 -26.91 7.39 7.09
C ASN B 168 -28.23 7.94 6.61
N ARG B 169 -28.54 7.68 5.35
CA ARG B 169 -29.78 8.14 4.71
C ARG B 169 -30.39 6.99 3.91
N LYS B 170 -31.70 6.84 4.01
CA LYS B 170 -32.44 5.81 3.28
C LYS B 170 -32.84 6.39 1.93
N VAL B 171 -32.06 6.07 0.90
CA VAL B 171 -32.31 6.54 -0.46
C VAL B 171 -32.73 5.35 -1.30
N TYR B 172 -33.44 5.62 -2.39
CA TYR B 172 -34.04 4.61 -3.24
C TYR B 172 -33.52 4.70 -4.66
N SER B 173 -33.42 3.53 -5.30
CA SER B 173 -32.93 3.41 -6.66
C SER B 173 -33.64 2.23 -7.32
N LEU B 174 -33.12 1.78 -8.48
CA LEU B 174 -33.71 0.70 -9.24
C LEU B 174 -32.63 -0.27 -9.69
N PHE B 175 -32.89 -1.56 -9.52
CA PHE B 175 -31.95 -2.63 -9.86
C PHE B 175 -32.61 -3.61 -10.82
N TYR B 176 -31.75 -4.29 -11.58
CA TYR B 176 -32.22 -5.30 -12.52
C TYR B 176 -32.71 -6.54 -11.77
N LYS B 177 -33.40 -7.41 -12.50
CA LYS B 177 -33.95 -8.63 -11.91
C LYS B 177 -32.90 -9.72 -11.78
N LEU B 178 -31.96 -9.78 -12.72
CA LEU B 178 -30.93 -10.82 -12.72
C LEU B 178 -29.73 -10.49 -11.83
N ASP B 179 -29.49 -9.21 -11.55
CA ASP B 179 -28.32 -8.81 -10.79
C ASP B 179 -28.42 -9.11 -9.30
N VAL B 180 -29.56 -9.60 -8.80
CA VAL B 180 -29.74 -9.90 -7.38
C VAL B 180 -30.59 -11.16 -7.25
N VAL B 181 -30.51 -11.78 -6.08
CA VAL B 181 -31.24 -13.00 -5.77
C VAL B 181 -31.69 -12.95 -4.32
N GLN B 182 -32.91 -13.43 -4.06
CA GLN B 182 -33.47 -13.39 -2.71
C GLN B 182 -32.66 -14.27 -1.76
N ILE B 183 -32.86 -14.04 -0.47
CA ILE B 183 -32.08 -14.69 0.58
C ILE B 183 -32.96 -14.94 1.79
N ASN B 184 -32.41 -15.62 2.80
CA ASN B 184 -33.07 -15.85 4.09
C ASN B 184 -34.31 -16.74 3.98
N ASN B 185 -34.27 -17.71 3.05
CA ASN B 185 -35.36 -18.68 2.86
C ASN B 185 -36.68 -17.96 2.57
N GLY B 186 -36.68 -17.22 1.46
CA GLY B 186 -37.79 -16.37 1.10
C GLY B 186 -38.91 -17.10 0.38
N ASN B 187 -39.67 -17.91 1.13
CA ASN B 187 -40.70 -18.75 0.54
C ASN B 187 -41.76 -17.92 -0.18
N ASN B 188 -42.46 -17.05 0.55
CA ASN B 188 -43.32 -16.04 -0.08
C ASN B 188 -43.36 -14.81 0.81
N SER B 189 -42.56 -13.81 0.48
CA SER B 189 -42.57 -12.50 1.13
C SER B 189 -41.57 -11.63 0.37
N SER B 190 -41.55 -10.34 0.72
CA SER B 190 -40.56 -9.41 0.19
C SER B 190 -39.28 -9.47 1.01
N ASN B 191 -38.65 -10.64 0.98
CA ASN B 191 -37.41 -10.87 1.71
C ASN B 191 -36.27 -10.07 1.08
N LEU B 192 -35.16 -10.02 1.80
CA LEU B 192 -33.99 -9.29 1.33
C LEU B 192 -33.40 -9.94 0.08
N TYR B 193 -32.46 -9.25 -0.54
CA TYR B 193 -31.83 -9.68 -1.78
C TYR B 193 -30.33 -9.40 -1.72
N ARG B 194 -29.54 -10.43 -1.98
CA ARG B 194 -28.09 -10.27 -2.11
C ARG B 194 -27.72 -10.11 -3.59
N LEU B 195 -26.48 -9.69 -3.82
CA LEU B 195 -25.95 -9.59 -5.18
C LEU B 195 -25.45 -10.95 -5.64
N ILE B 196 -25.50 -11.16 -6.95
CA ILE B 196 -25.12 -12.46 -7.49
C ILE B 196 -23.62 -12.71 -7.36
N ASN B 197 -22.81 -11.64 -7.41
CA ASN B 197 -21.35 -11.74 -7.43
C ASN B 197 -20.68 -11.20 -6.19
N CYS B 198 -21.42 -10.60 -5.25
CA CYS B 198 -20.78 -9.98 -4.09
C CYS B 198 -20.18 -11.03 -3.16
N ASN B 199 -20.96 -12.07 -2.83
CA ASN B 199 -20.45 -13.11 -1.94
C ASN B 199 -19.33 -13.93 -2.59
N THR B 200 -19.21 -13.89 -3.92
CA THR B 200 -18.12 -14.55 -4.62
C THR B 200 -16.89 -13.68 -4.74
N SER B 201 -17.05 -12.40 -5.10
CA SER B 201 -15.94 -11.48 -5.24
C SER B 201 -16.45 -10.06 -5.04
N ALA B 202 -15.54 -9.09 -5.16
CA ALA B 202 -15.85 -7.70 -4.87
C ALA B 202 -16.42 -7.00 -6.11
N LEU B 203 -16.66 -5.70 -6.00
CA LEU B 203 -17.29 -4.93 -7.07
C LEU B 203 -16.90 -3.47 -6.90
N THR B 204 -16.79 -2.78 -8.04
CA THR B 204 -16.45 -1.36 -8.05
C THR B 204 -17.09 -0.70 -9.26
N GLN B 205 -17.13 0.63 -9.23
CA GLN B 205 -17.71 1.41 -10.31
C GLN B 205 -16.89 1.24 -11.59
N ALA B 206 -17.56 1.45 -12.72
CA ALA B 206 -16.98 1.22 -14.04
C ALA B 206 -16.31 2.46 -14.63
N CYS B 207 -16.05 3.51 -13.82
CA CYS B 207 -15.44 4.76 -14.29
C CYS B 207 -16.19 5.32 -15.50
N PRO B 208 -17.44 5.83 -15.32
CA PRO B 208 -18.30 6.17 -16.47
C PRO B 208 -17.71 7.12 -17.50
N LYS B 209 -16.72 7.92 -17.11
CA LYS B 209 -16.07 8.80 -18.08
C LYS B 209 -15.35 8.00 -19.16
N VAL B 210 -14.81 6.84 -18.82
CA VAL B 210 -14.18 5.97 -19.80
C VAL B 210 -15.27 5.14 -20.48
N THR B 211 -15.41 5.34 -21.79
CA THR B 211 -16.34 4.56 -22.60
C THR B 211 -15.65 3.29 -23.09
N PHE B 212 -16.46 2.28 -23.39
CA PHE B 212 -15.98 0.94 -23.76
C PHE B 212 -16.20 0.64 -25.23
N GLU B 213 -16.21 1.66 -26.09
CA GLU B 213 -16.41 1.48 -27.52
C GLU B 213 -15.10 1.09 -28.21
N PRO B 214 -15.16 0.40 -29.36
CA PRO B 214 -13.93 -0.01 -30.04
C PRO B 214 -13.40 1.03 -31.02
N ILE B 215 -12.08 0.97 -31.22
CA ILE B 215 -11.37 1.86 -32.14
C ILE B 215 -10.48 0.96 -33.00
N PRO B 216 -10.16 1.32 -34.27
CA PRO B 216 -9.19 0.51 -35.02
C PRO B 216 -7.81 0.54 -34.40
N ILE B 217 -7.35 -0.62 -33.91
CA ILE B 217 -6.05 -0.77 -33.27
C ILE B 217 -5.11 -1.44 -34.25
N ARG B 218 -3.92 -0.86 -34.44
CA ARG B 218 -2.88 -1.40 -35.29
C ARG B 218 -1.72 -1.88 -34.41
N TYR B 219 -1.28 -3.13 -34.62
CA TYR B 219 -0.18 -3.71 -33.87
C TYR B 219 1.07 -3.64 -34.71
N CYS B 220 1.94 -2.69 -34.39
CA CYS B 220 3.20 -2.49 -35.11
C CYS B 220 4.30 -3.37 -34.53
N ALA B 221 5.18 -3.85 -35.41
CA ALA B 221 6.31 -4.69 -35.06
C ALA B 221 7.57 -3.84 -34.93
N PRO B 222 8.58 -4.30 -34.19
CA PRO B 222 9.82 -3.53 -34.04
C PRO B 222 10.70 -3.69 -35.27
N ALA B 223 11.82 -2.96 -35.26
CA ALA B 223 12.83 -3.11 -36.30
C ALA B 223 13.40 -4.53 -36.27
N GLY B 224 13.72 -5.03 -37.46
CA GLY B 224 14.09 -6.43 -37.61
C GLY B 224 12.93 -7.39 -37.66
N TYR B 225 11.69 -6.91 -37.56
CA TYR B 225 10.49 -7.72 -37.68
C TYR B 225 9.50 -7.01 -38.58
N ALA B 226 8.70 -7.80 -39.30
CA ALA B 226 7.69 -7.27 -40.22
C ALA B 226 6.41 -8.07 -40.05
N ILE B 227 5.37 -7.71 -40.81
CA ILE B 227 4.09 -8.39 -40.80
C ILE B 227 3.86 -8.93 -42.21
N LEU B 228 3.84 -10.25 -42.34
CA LEU B 228 3.61 -10.92 -43.62
C LEU B 228 2.11 -11.22 -43.75
N LYS B 229 1.50 -10.65 -44.79
CA LYS B 229 0.09 -10.84 -45.10
C LYS B 229 -0.05 -11.67 -46.36
N CYS B 230 -0.98 -12.63 -46.33
CA CYS B 230 -1.33 -13.45 -47.49
C CYS B 230 -2.52 -12.82 -48.21
N ASN B 231 -2.29 -12.32 -49.42
CA ASN B 231 -3.33 -11.66 -50.20
C ASN B 231 -4.16 -12.63 -51.05
N ASP B 232 -4.12 -13.93 -50.75
CA ASP B 232 -4.94 -14.91 -51.44
C ASP B 232 -6.30 -15.05 -50.75
N LYS B 233 -7.37 -14.91 -51.52
CA LYS B 233 -8.72 -14.95 -50.96
C LYS B 233 -9.16 -16.38 -50.68
N GLU B 234 -8.85 -17.31 -51.59
CA GLU B 234 -9.19 -18.71 -51.40
C GLU B 234 -8.34 -19.39 -50.33
N PHE B 235 -7.22 -18.78 -49.92
CA PHE B 235 -6.37 -19.36 -48.90
C PHE B 235 -7.10 -19.49 -47.57
N ASN B 236 -7.14 -20.71 -47.04
CA ASN B 236 -7.81 -21.02 -45.78
C ASN B 236 -6.92 -20.60 -44.62
N GLY B 237 -7.30 -20.99 -43.40
CA GLY B 237 -6.69 -20.43 -42.21
C GLY B 237 -5.21 -20.74 -42.05
N THR B 238 -4.79 -21.93 -42.49
CA THR B 238 -3.40 -22.36 -42.42
C THR B 238 -2.98 -22.94 -43.77
N GLY B 239 -1.69 -23.19 -43.90
CA GLY B 239 -1.11 -23.72 -45.13
C GLY B 239 -0.10 -22.81 -45.77
N LEU B 240 0.23 -23.05 -47.03
CA LEU B 240 1.22 -22.27 -47.77
C LEU B 240 0.56 -21.11 -48.51
N CYS B 241 1.28 -19.99 -48.58
CA CYS B 241 0.85 -18.84 -49.36
C CYS B 241 2.06 -18.29 -50.11
N LYS B 242 1.77 -17.63 -51.24
CA LYS B 242 2.78 -17.11 -52.16
C LYS B 242 2.59 -15.62 -52.41
N ASN B 243 1.35 -15.15 -52.43
CA ASN B 243 1.04 -13.73 -52.65
C ASN B 243 1.32 -12.98 -51.36
N VAL B 244 2.59 -12.65 -51.17
CA VAL B 244 3.09 -12.07 -49.92
C VAL B 244 2.92 -10.56 -49.96
N SER B 245 2.66 -9.96 -48.80
CA SER B 245 2.71 -8.50 -48.64
C SER B 245 3.36 -8.20 -47.30
N THR B 246 4.53 -7.57 -47.33
CA THR B 246 5.21 -7.15 -46.10
C THR B 246 4.68 -5.78 -45.67
N VAL B 247 4.40 -5.64 -44.37
CA VAL B 247 3.74 -4.48 -43.79
C VAL B 247 4.43 -4.15 -42.48
N GLN B 248 4.34 -2.88 -42.07
CA GLN B 248 4.91 -2.40 -40.81
C GLN B 248 3.94 -2.49 -39.65
N CYS B 249 2.66 -2.18 -39.89
CA CYS B 249 1.62 -2.22 -38.87
C CYS B 249 0.38 -2.89 -39.43
N THR B 250 -0.26 -3.72 -38.62
CA THR B 250 -1.45 -4.44 -39.07
C THR B 250 -2.58 -3.46 -39.36
N HIS B 251 -3.57 -3.93 -40.09
CA HIS B 251 -4.79 -3.16 -40.31
C HIS B 251 -5.44 -2.85 -38.96
N GLY B 252 -6.08 -1.69 -38.87
CA GLY B 252 -6.73 -1.30 -37.65
C GLY B 252 -7.84 -2.26 -37.26
N ILE B 253 -7.62 -3.03 -36.18
CA ILE B 253 -8.57 -4.02 -35.71
C ILE B 253 -9.47 -3.38 -34.66
N ARG B 254 -10.72 -3.83 -34.62
CA ARG B 254 -11.70 -3.41 -33.61
C ARG B 254 -12.01 -4.64 -32.75
N PRO B 255 -11.24 -4.90 -31.68
CA PRO B 255 -11.44 -6.16 -30.95
C PRO B 255 -12.71 -6.10 -30.12
N VAL B 256 -13.84 -6.30 -30.79
CA VAL B 256 -15.13 -6.22 -30.12
C VAL B 256 -15.27 -7.39 -29.17
N VAL B 257 -15.55 -7.08 -27.90
CA VAL B 257 -15.73 -8.10 -26.88
C VAL B 257 -17.16 -8.59 -26.98
N SER B 258 -17.36 -9.67 -27.74
CA SER B 258 -18.68 -10.21 -28.01
C SER B 258 -18.61 -11.72 -28.06
N THR B 259 -19.78 -12.34 -28.16
CA THR B 259 -19.92 -13.80 -28.21
C THR B 259 -20.89 -14.17 -29.30
N GLN B 260 -20.60 -15.29 -29.98
CA GLN B 260 -21.43 -15.90 -31.02
C GLN B 260 -21.50 -15.08 -32.31
N LEU B 261 -20.80 -13.96 -32.42
CA LEU B 261 -20.89 -13.10 -33.60
C LEU B 261 -19.80 -12.05 -33.51
N LEU B 262 -19.32 -11.63 -34.67
CA LEU B 262 -18.27 -10.61 -34.79
C LEU B 262 -18.87 -9.33 -35.35
N LEU B 263 -18.62 -8.21 -34.67
CA LEU B 263 -19.15 -6.91 -35.03
C LEU B 263 -18.04 -6.02 -35.58
N ASN B 264 -18.31 -5.37 -36.71
CA ASN B 264 -17.39 -4.38 -37.31
C ASN B 264 -16.03 -5.01 -37.63
N GLY B 265 -16.05 -6.24 -38.12
CA GLY B 265 -14.85 -6.94 -38.52
C GLY B 265 -14.69 -7.01 -40.02
N SER B 266 -13.46 -7.24 -40.46
CA SER B 266 -13.15 -7.30 -41.88
C SER B 266 -13.80 -8.51 -42.52
N LEU B 267 -14.38 -8.31 -43.70
CA LEU B 267 -15.06 -9.37 -44.43
C LEU B 267 -14.09 -10.11 -45.34
N ALA B 268 -14.40 -11.38 -45.61
CA ALA B 268 -13.60 -12.22 -46.51
C ALA B 268 -14.06 -11.95 -47.93
N GLU B 269 -13.38 -11.01 -48.58
CA GLU B 269 -13.73 -10.63 -49.95
C GLU B 269 -13.56 -11.80 -50.90
N GLY B 270 -14.39 -11.82 -51.93
CA GLY B 270 -14.37 -12.85 -52.97
C GLY B 270 -15.26 -14.04 -52.68
N LYS B 271 -15.27 -14.51 -51.44
CA LYS B 271 -16.11 -15.65 -51.07
C LYS B 271 -16.06 -15.80 -49.55
N VAL B 272 -17.07 -16.48 -49.02
CA VAL B 272 -17.14 -16.74 -47.58
C VAL B 272 -16.01 -17.68 -47.19
N MET B 273 -15.24 -17.30 -46.17
CA MET B 273 -14.13 -18.10 -45.66
C MET B 273 -14.61 -18.95 -44.49
N ILE B 274 -14.17 -20.21 -44.47
CA ILE B 274 -14.53 -21.18 -43.44
C ILE B 274 -13.23 -21.79 -42.89
N ARG B 275 -13.15 -21.90 -41.56
CA ARG B 275 -11.96 -22.41 -40.89
C ARG B 275 -12.39 -23.24 -39.69
N SER B 276 -11.47 -24.09 -39.22
CA SER B 276 -11.72 -24.94 -38.06
C SER B 276 -10.39 -25.53 -37.60
N GLU B 277 -10.25 -25.71 -36.27
CA GLU B 277 -9.05 -26.35 -35.73
C GLU B 277 -8.94 -27.79 -36.22
N ASN B 278 -10.05 -28.51 -36.19
CA ASN B 278 -10.08 -29.93 -36.55
C ASN B 278 -11.49 -30.25 -37.03
N ILE B 279 -11.67 -30.40 -38.34
CA ILE B 279 -13.00 -30.68 -38.87
C ILE B 279 -13.51 -32.02 -38.39
N THR B 280 -12.61 -32.98 -38.15
CA THR B 280 -13.04 -34.28 -37.63
C THR B 280 -13.58 -34.17 -36.21
N ASN B 281 -13.06 -33.23 -35.42
CA ASN B 281 -13.49 -33.05 -34.04
C ASN B 281 -14.63 -32.06 -33.98
N ASN B 282 -15.80 -32.52 -33.53
CA ASN B 282 -16.97 -31.64 -33.42
C ASN B 282 -16.82 -30.59 -32.32
N VAL B 283 -15.92 -30.79 -31.37
CA VAL B 283 -15.81 -29.85 -30.25
C VAL B 283 -15.22 -28.53 -30.70
N LYS B 284 -14.38 -28.54 -31.73
CA LYS B 284 -13.72 -27.33 -32.20
C LYS B 284 -14.73 -26.33 -32.76
N ASN B 285 -14.40 -25.05 -32.60
CA ASN B 285 -15.25 -23.97 -33.09
C ASN B 285 -15.04 -23.77 -34.59
N ILE B 286 -16.13 -23.64 -35.32
CA ILE B 286 -16.11 -23.41 -36.76
C ILE B 286 -16.15 -21.91 -37.00
N ILE B 287 -15.04 -21.35 -37.49
CA ILE B 287 -14.93 -19.93 -37.76
C ILE B 287 -15.45 -19.65 -39.16
N VAL B 288 -16.24 -18.58 -39.29
CA VAL B 288 -16.85 -18.17 -40.54
C VAL B 288 -16.54 -16.70 -40.76
N GLN B 289 -16.44 -16.30 -42.03
CA GLN B 289 -16.22 -14.89 -42.37
C GLN B 289 -16.93 -14.62 -43.69
N LEU B 290 -18.02 -13.86 -43.64
CA LEU B 290 -18.88 -13.63 -44.80
C LEU B 290 -18.24 -12.60 -45.73
N ASN B 291 -18.99 -12.22 -46.78
CA ASN B 291 -18.62 -11.17 -47.72
C ASN B 291 -19.75 -10.14 -47.84
N GLU B 292 -20.54 -9.96 -46.78
CA GLU B 292 -21.63 -9.00 -46.79
C GLU B 292 -22.16 -8.85 -45.37
N THR B 293 -22.55 -7.63 -45.01
CA THR B 293 -23.04 -7.30 -43.68
C THR B 293 -24.57 -7.31 -43.67
N VAL B 294 -25.13 -7.42 -42.45
CA VAL B 294 -26.57 -7.38 -42.24
C VAL B 294 -26.82 -6.59 -40.96
N THR B 295 -27.96 -5.91 -40.92
CA THR B 295 -28.32 -5.02 -39.82
C THR B 295 -28.97 -5.80 -38.67
N ILE B 296 -28.66 -5.37 -37.44
CA ILE B 296 -29.28 -5.93 -36.24
C ILE B 296 -29.57 -4.75 -35.31
N ASN B 297 -30.84 -4.40 -35.19
CA ASN B 297 -31.31 -3.26 -34.39
C ASN B 297 -31.65 -3.78 -33.00
N CYS B 298 -30.67 -3.88 -32.08
CA CYS B 298 -30.98 -4.18 -30.67
C CYS B 298 -31.02 -2.88 -29.87
N THR B 299 -32.18 -2.60 -29.26
CA THR B 299 -32.53 -1.26 -28.82
C THR B 299 -33.33 -1.30 -27.53
N ARG B 300 -33.01 -0.38 -26.62
CA ARG B 300 -33.89 0.06 -25.54
C ARG B 300 -34.28 1.49 -25.90
N PRO B 301 -35.43 1.73 -26.56
CA PRO B 301 -35.73 3.09 -27.02
C PRO B 301 -35.99 4.07 -25.89
N ASN B 302 -36.46 3.63 -24.74
CA ASN B 302 -36.81 4.56 -23.67
C ASN B 302 -35.54 5.20 -23.09
N ASN B 303 -35.74 6.33 -22.42
CA ASN B 303 -34.64 7.11 -21.86
C ASN B 303 -34.21 6.53 -20.50
N ASN B 304 -33.26 7.20 -19.86
CA ASN B 304 -32.76 6.78 -18.56
C ASN B 304 -32.28 7.99 -17.79
N THR B 305 -32.02 7.79 -16.50
CA THR B 305 -31.63 8.85 -15.57
C THR B 305 -30.39 8.41 -14.79
N ARG B 306 -29.79 9.38 -14.11
CA ARG B 306 -28.56 9.17 -13.34
C ARG B 306 -28.64 10.02 -12.07
N LYS B 307 -28.06 9.49 -10.99
CA LYS B 307 -28.00 10.19 -9.71
C LYS B 307 -26.71 9.82 -9.02
N SER B 308 -25.95 10.85 -8.61
CA SER B 308 -24.66 10.64 -7.95
C SER B 308 -24.89 10.58 -6.45
N VAL B 309 -25.11 9.37 -5.94
CA VAL B 309 -25.31 9.17 -4.51
C VAL B 309 -23.93 9.14 -3.86
N ARG B 310 -23.65 10.13 -3.00
CA ARG B 310 -22.38 10.19 -2.30
C ARG B 310 -22.41 9.19 -1.15
N ILE B 311 -21.59 8.14 -1.26
CA ILE B 311 -21.50 7.14 -0.21
C ILE B 311 -20.43 7.51 0.82
N GLY B 312 -19.38 8.19 0.39
CA GLY B 312 -18.22 8.46 1.24
C GLY B 312 -17.61 9.82 0.96
N PRO B 313 -16.35 10.01 1.36
CA PRO B 313 -15.68 11.29 1.07
C PRO B 313 -15.26 11.39 -0.40
N GLY B 314 -16.24 11.72 -1.24
CA GLY B 314 -16.06 11.75 -2.68
C GLY B 314 -16.39 10.46 -3.39
N GLN B 315 -16.60 9.36 -2.65
CA GLN B 315 -17.01 8.10 -3.28
C GLN B 315 -18.46 8.20 -3.69
N THR B 316 -18.73 8.11 -4.99
CA THR B 316 -20.04 8.33 -5.58
C THR B 316 -20.48 7.08 -6.33
N PHE B 317 -21.74 6.69 -6.13
CA PHE B 317 -22.39 5.63 -6.87
C PHE B 317 -23.36 6.24 -7.86
N TYR B 318 -23.25 5.83 -9.13
CA TYR B 318 -24.09 6.35 -10.20
C TYR B 318 -25.34 5.49 -10.28
N ALA B 319 -26.33 5.82 -9.45
CA ALA B 319 -27.58 5.07 -9.40
C ALA B 319 -28.48 5.47 -10.57
N THR B 320 -29.20 4.49 -11.11
CA THR B 320 -30.15 4.72 -12.19
C THR B 320 -31.49 5.09 -11.56
N GLY B 321 -31.78 6.38 -11.52
CA GLY B 321 -32.99 6.87 -10.90
C GLY B 321 -34.24 6.49 -11.68
N ASP B 322 -35.35 7.07 -11.25
CA ASP B 322 -36.64 6.82 -11.90
C ASP B 322 -36.61 7.30 -13.35
N ILE B 323 -37.09 6.45 -14.24
CA ILE B 323 -37.08 6.74 -15.68
C ILE B 323 -38.36 7.48 -16.03
N ILE B 324 -38.26 8.38 -17.02
CA ILE B 324 -39.36 9.25 -17.42
C ILE B 324 -40.01 8.68 -18.68
N GLY B 325 -41.33 8.80 -18.76
CA GLY B 325 -42.05 8.42 -19.96
C GLY B 325 -42.39 6.95 -20.00
N ASP B 326 -42.88 6.54 -21.18
CA ASP B 326 -43.22 5.14 -21.42
C ASP B 326 -41.96 4.30 -21.41
N ILE B 327 -41.81 3.45 -20.40
CA ILE B 327 -40.60 2.64 -20.22
C ILE B 327 -40.86 1.35 -21.00
N ARG B 328 -40.54 1.37 -22.29
CA ARG B 328 -40.70 0.18 -23.11
C ARG B 328 -39.61 -0.83 -22.77
N GLN B 329 -39.98 -2.11 -22.80
CA GLN B 329 -39.02 -3.17 -22.54
C GLN B 329 -37.96 -3.20 -23.63
N ALA B 330 -36.69 -3.31 -23.23
CA ALA B 330 -35.60 -3.40 -24.18
C ALA B 330 -35.77 -4.64 -25.04
N HIS B 331 -35.81 -4.45 -26.36
CA HIS B 331 -36.06 -5.51 -27.32
C HIS B 331 -35.04 -5.41 -28.44
N CYS B 332 -35.19 -6.26 -29.45
CA CYS B 332 -34.26 -6.27 -30.58
C CYS B 332 -35.02 -6.75 -31.82
N ASN B 333 -34.46 -6.41 -32.98
CA ASN B 333 -35.07 -6.72 -34.26
C ASN B 333 -33.98 -7.03 -35.28
N VAL B 334 -34.33 -7.87 -36.25
CA VAL B 334 -33.40 -8.35 -37.27
C VAL B 334 -34.14 -8.41 -38.60
N SER B 335 -33.44 -8.03 -39.67
CA SER B 335 -33.98 -8.13 -41.02
C SER B 335 -33.91 -9.58 -41.49
N GLY B 336 -35.07 -10.18 -41.71
CA GLY B 336 -35.09 -11.61 -42.03
C GLY B 336 -34.56 -11.91 -43.42
N SER B 337 -34.88 -11.06 -44.40
CA SER B 337 -34.54 -11.38 -45.79
C SER B 337 -33.05 -11.28 -46.05
N GLN B 338 -32.42 -10.20 -45.57
CA GLN B 338 -30.98 -10.03 -45.80
C GLN B 338 -30.18 -11.10 -45.06
N TRP B 339 -30.58 -11.43 -43.84
CA TRP B 339 -29.89 -12.49 -43.11
C TRP B 339 -30.13 -13.84 -43.74
N ASN B 340 -31.32 -14.07 -44.31
CA ASN B 340 -31.57 -15.31 -45.02
C ASN B 340 -30.71 -15.42 -46.27
N ARG B 341 -30.46 -14.29 -46.94
CA ARG B 341 -29.59 -14.32 -48.11
C ARG B 341 -28.13 -14.56 -47.70
N ALA B 342 -27.71 -13.98 -46.57
CA ALA B 342 -26.40 -14.27 -46.03
C ALA B 342 -26.27 -15.76 -45.70
N LEU B 343 -27.33 -16.33 -45.12
CA LEU B 343 -27.33 -17.76 -44.86
C LEU B 343 -27.30 -18.58 -46.15
N HIS B 344 -27.95 -18.08 -47.21
CA HIS B 344 -27.89 -18.76 -48.50
C HIS B 344 -26.45 -18.82 -49.00
N GLN B 345 -25.75 -17.69 -48.92
CA GLN B 345 -24.33 -17.66 -49.29
C GLN B 345 -23.53 -18.63 -48.42
N VAL B 346 -23.80 -18.65 -47.12
CA VAL B 346 -23.07 -19.52 -46.20
C VAL B 346 -23.26 -20.99 -46.58
N VAL B 347 -24.53 -21.43 -46.64
CA VAL B 347 -24.81 -22.84 -46.92
C VAL B 347 -24.36 -23.22 -48.32
N GLY B 348 -24.28 -22.24 -49.24
CA GLY B 348 -23.59 -22.50 -50.49
C GLY B 348 -22.10 -22.74 -50.27
N GLN B 349 -21.52 -22.08 -49.27
CA GLN B 349 -20.11 -22.30 -48.94
C GLN B 349 -19.91 -23.51 -48.03
N LEU B 350 -20.90 -23.89 -47.22
CA LEU B 350 -20.70 -24.91 -46.21
C LEU B 350 -20.50 -26.31 -46.77
N ARG B 351 -20.73 -26.54 -48.06
CA ARG B 351 -20.72 -27.90 -48.61
C ARG B 351 -19.28 -28.34 -48.76
N GLU B 352 -18.75 -29.00 -47.72
CA GLU B 352 -17.37 -29.48 -47.75
C GLU B 352 -17.30 -30.91 -48.28
N TYR B 353 -18.00 -31.85 -47.62
CA TYR B 353 -18.33 -33.15 -48.21
C TYR B 353 -19.83 -33.42 -48.02
N TRP B 354 -20.65 -32.95 -48.96
CA TRP B 354 -22.02 -33.42 -49.15
C TRP B 354 -22.56 -32.70 -50.37
N ASN B 355 -23.75 -33.11 -50.82
CA ASN B 355 -24.47 -32.34 -51.84
C ASN B 355 -25.47 -31.35 -51.20
N THR B 356 -26.43 -31.84 -50.41
CA THR B 356 -27.34 -30.97 -49.66
C THR B 356 -27.77 -31.68 -48.38
N THR B 357 -27.13 -31.35 -47.24
CA THR B 357 -27.71 -31.68 -45.94
C THR B 357 -27.01 -30.87 -44.86
N ILE B 358 -27.80 -30.16 -44.05
CA ILE B 358 -27.29 -29.48 -42.86
C ILE B 358 -28.46 -29.32 -41.89
N ILE B 359 -28.14 -29.21 -40.59
CA ILE B 359 -29.11 -28.92 -39.55
C ILE B 359 -28.54 -27.82 -38.66
N PHE B 360 -29.39 -26.86 -38.30
CA PHE B 360 -29.05 -25.76 -37.39
C PHE B 360 -29.89 -25.85 -36.14
N LYS B 361 -29.25 -25.73 -34.98
CA LYS B 361 -29.91 -25.72 -33.69
C LYS B 361 -29.34 -24.59 -32.84
N ASN B 362 -30.06 -24.23 -31.79
CA ASN B 362 -29.56 -23.25 -30.83
C ASN B 362 -28.56 -23.91 -29.89
N SER B 363 -27.93 -23.08 -29.07
CA SER B 363 -26.91 -23.57 -28.13
C SER B 363 -27.53 -24.54 -27.13
N SER B 364 -26.75 -25.55 -26.75
CA SER B 364 -27.23 -26.54 -25.80
C SER B 364 -27.36 -25.97 -24.39
N GLY B 365 -26.54 -24.98 -24.05
CA GLY B 365 -26.55 -24.36 -22.74
C GLY B 365 -25.16 -24.31 -22.14
N GLY B 366 -25.06 -23.52 -21.07
CA GLY B 366 -23.80 -23.35 -20.36
C GLY B 366 -23.73 -22.03 -19.63
N ASP B 367 -22.62 -21.31 -19.80
CA ASP B 367 -22.49 -20.01 -19.17
C ASP B 367 -23.42 -18.99 -19.83
N LEU B 368 -23.67 -17.90 -19.11
CA LEU B 368 -24.53 -16.84 -19.65
C LEU B 368 -23.92 -16.21 -20.90
N GLU B 369 -22.59 -16.13 -20.96
CA GLU B 369 -21.94 -15.58 -22.15
C GLU B 369 -22.13 -16.47 -23.37
N ILE B 370 -22.36 -17.77 -23.16
CA ILE B 370 -22.50 -18.72 -24.27
C ILE B 370 -23.97 -18.93 -24.64
N THR B 371 -24.88 -18.86 -23.66
CA THR B 371 -26.29 -19.13 -23.92
C THR B 371 -26.95 -18.09 -24.83
N THR B 372 -26.37 -16.90 -24.93
CA THR B 372 -26.98 -15.80 -25.67
C THR B 372 -25.87 -14.95 -26.29
N HIS B 373 -26.21 -14.26 -27.37
CA HIS B 373 -25.23 -13.43 -28.07
C HIS B 373 -24.96 -12.20 -27.22
N SER B 374 -23.81 -12.21 -26.54
CA SER B 374 -23.41 -11.18 -25.61
C SER B 374 -22.42 -10.23 -26.25
N PHE B 375 -22.38 -9.00 -25.74
CA PHE B 375 -21.46 -7.99 -26.22
C PHE B 375 -21.56 -6.78 -25.29
N ASN B 376 -20.68 -5.82 -25.51
CA ASN B 376 -20.69 -4.55 -24.81
C ASN B 376 -21.21 -3.47 -25.74
N CYS B 377 -22.11 -2.62 -25.23
CA CYS B 377 -22.71 -1.56 -26.03
C CYS B 377 -23.04 -0.41 -25.11
N GLY B 378 -22.49 0.76 -25.43
CA GLY B 378 -22.63 1.92 -24.57
C GLY B 378 -22.15 1.73 -23.15
N GLY B 379 -21.23 0.79 -22.93
CA GLY B 379 -20.80 0.42 -21.61
C GLY B 379 -21.65 -0.67 -20.96
N GLU B 380 -22.92 -0.79 -21.34
CA GLU B 380 -23.78 -1.80 -20.76
C GLU B 380 -23.55 -3.15 -21.43
N PHE B 381 -23.53 -4.21 -20.63
CA PHE B 381 -23.32 -5.54 -21.17
C PHE B 381 -24.64 -6.01 -21.76
N PHE B 382 -24.81 -5.82 -23.06
CA PHE B 382 -26.02 -6.26 -23.73
C PHE B 382 -25.91 -7.74 -24.02
N TYR B 383 -27.03 -8.46 -23.84
CA TYR B 383 -27.12 -9.89 -24.13
C TYR B 383 -28.35 -10.05 -25.01
N CYS B 384 -28.20 -9.91 -26.32
CA CYS B 384 -29.32 -10.11 -27.24
C CYS B 384 -29.37 -11.58 -27.62
N ASN B 385 -30.59 -12.12 -27.72
CA ASN B 385 -30.79 -13.57 -27.73
C ASN B 385 -30.68 -14.14 -29.14
N THR B 386 -30.28 -15.41 -29.19
CA THR B 386 -30.29 -16.21 -30.42
C THR B 386 -31.61 -16.98 -30.56
N SER B 387 -32.74 -16.26 -30.50
CA SER B 387 -34.04 -16.93 -30.57
C SER B 387 -34.38 -17.33 -32.00
N GLY B 388 -34.47 -16.35 -32.90
CA GLY B 388 -34.77 -16.60 -34.30
C GLY B 388 -33.61 -17.05 -35.16
N LEU B 389 -32.51 -17.47 -34.55
CA LEU B 389 -31.34 -17.90 -35.34
C LEU B 389 -31.55 -19.29 -35.92
N PHE B 390 -31.89 -20.25 -35.07
CA PHE B 390 -31.91 -21.66 -35.44
C PHE B 390 -33.24 -22.11 -36.04
N ASN B 391 -34.14 -21.19 -36.37
CA ASN B 391 -35.42 -21.56 -36.97
C ASN B 391 -35.33 -21.62 -38.49
N SER B 392 -34.37 -22.41 -38.98
CA SER B 392 -34.22 -22.67 -40.40
C SER B 392 -33.26 -23.84 -40.57
N ASN B 393 -33.58 -24.75 -41.49
CA ASN B 393 -32.67 -25.80 -41.91
C ASN B 393 -32.73 -25.89 -43.42
N TRP B 394 -31.60 -25.62 -44.07
CA TRP B 394 -31.51 -25.62 -45.53
C TRP B 394 -31.14 -27.03 -45.99
N THR B 395 -32.08 -27.96 -45.77
CA THR B 395 -31.74 -29.36 -45.92
C THR B 395 -31.56 -29.74 -47.39
N HIS B 396 -32.61 -29.57 -48.20
CA HIS B 396 -32.52 -29.69 -49.66
C HIS B 396 -32.83 -28.39 -50.38
N ASN B 397 -33.96 -27.76 -50.06
CA ASN B 397 -34.45 -26.59 -50.78
C ASN B 397 -33.92 -25.32 -50.12
N ASP B 398 -33.11 -24.56 -50.86
CA ASP B 398 -32.56 -23.33 -50.29
C ASP B 398 -33.61 -22.22 -50.23
N THR B 399 -34.48 -22.14 -51.24
CA THR B 399 -35.51 -21.10 -51.25
C THR B 399 -36.53 -21.25 -50.12
N ALA B 400 -36.61 -22.43 -49.49
CA ALA B 400 -37.57 -22.63 -48.40
C ALA B 400 -37.31 -21.70 -47.22
N SER B 401 -36.06 -21.29 -47.02
CA SER B 401 -35.72 -20.37 -45.94
C SER B 401 -35.76 -18.91 -46.38
N MET B 402 -35.53 -18.63 -47.66
CA MET B 402 -35.55 -17.26 -48.15
C MET B 402 -36.96 -16.76 -48.44
N LYS B 403 -37.89 -17.67 -48.73
CA LYS B 403 -39.26 -17.24 -49.04
C LYS B 403 -39.96 -16.59 -47.85
N PRO B 404 -39.97 -17.17 -46.63
CA PRO B 404 -40.77 -16.56 -45.55
C PRO B 404 -40.12 -15.29 -45.00
N ASN B 405 -40.29 -14.20 -45.72
CA ASN B 405 -39.73 -12.92 -45.30
C ASN B 405 -40.44 -12.46 -44.03
N ASP B 406 -39.73 -12.51 -42.90
CA ASP B 406 -40.30 -12.19 -41.59
C ASP B 406 -39.31 -11.30 -40.85
N THR B 407 -39.74 -10.09 -40.51
CA THR B 407 -38.92 -9.21 -39.68
C THR B 407 -38.83 -9.79 -38.28
N ILE B 408 -37.68 -10.35 -37.93
CA ILE B 408 -37.53 -11.15 -36.72
C ILE B 408 -37.42 -10.20 -35.53
N THR B 409 -38.53 -9.99 -34.82
CA THR B 409 -38.51 -9.30 -33.53
C THR B 409 -38.24 -10.33 -32.44
N LEU B 410 -37.43 -9.94 -31.45
CA LEU B 410 -36.94 -10.90 -30.46
C LEU B 410 -36.57 -10.13 -29.20
N PRO B 411 -36.39 -10.83 -28.07
CA PRO B 411 -35.99 -10.16 -26.83
C PRO B 411 -34.48 -10.11 -26.68
N CYS B 412 -34.02 -9.00 -26.09
CA CYS B 412 -32.62 -8.79 -25.75
C CYS B 412 -32.56 -8.21 -24.34
N ARG B 413 -31.72 -8.80 -23.49
CA ARG B 413 -31.56 -8.36 -22.10
C ARG B 413 -30.33 -7.46 -21.95
N ILE B 414 -30.25 -6.83 -20.78
CA ILE B 414 -29.16 -5.92 -20.42
C ILE B 414 -28.64 -6.32 -19.06
N LYS B 415 -27.32 -6.16 -18.87
CA LYS B 415 -26.65 -6.51 -17.62
C LYS B 415 -25.65 -5.41 -17.27
N GLN B 416 -25.43 -5.25 -15.96
CA GLN B 416 -24.57 -4.23 -15.40
C GLN B 416 -23.19 -4.74 -15.01
N ILE B 417 -23.08 -6.00 -14.59
CA ILE B 417 -21.84 -6.60 -14.11
C ILE B 417 -21.49 -7.80 -14.97
N ILE B 418 -20.20 -8.15 -14.97
CA ILE B 418 -19.71 -9.30 -15.72
C ILE B 418 -18.34 -9.66 -15.19
N ASN B 419 -17.99 -10.95 -15.30
CA ASN B 419 -16.68 -11.47 -14.93
C ASN B 419 -15.88 -11.65 -16.22
N MET B 420 -15.12 -10.61 -16.57
CA MET B 420 -14.39 -10.61 -17.83
C MET B 420 -13.30 -11.68 -17.84
N TRP B 421 -13.29 -12.50 -18.89
CA TRP B 421 -12.30 -13.57 -19.05
C TRP B 421 -12.33 -14.57 -17.90
N GLN B 422 -13.51 -14.73 -17.29
CA GLN B 422 -13.68 -15.54 -16.07
C GLN B 422 -12.73 -15.09 -14.95
N ARG B 423 -12.42 -13.79 -14.92
CA ARG B 423 -11.58 -13.19 -13.87
C ARG B 423 -12.52 -12.79 -12.74
N VAL B 424 -12.67 -13.69 -11.77
CA VAL B 424 -13.64 -13.51 -10.69
C VAL B 424 -12.93 -12.73 -9.59
N GLY B 425 -12.96 -11.41 -9.72
CA GLY B 425 -12.33 -10.50 -8.79
C GLY B 425 -13.18 -9.24 -8.61
N GLN B 426 -12.55 -8.08 -8.68
CA GLN B 426 -13.27 -6.81 -8.60
C GLN B 426 -14.11 -6.64 -9.87
N ALA B 427 -15.43 -6.80 -9.72
CA ALA B 427 -16.35 -6.67 -10.85
C ALA B 427 -16.48 -5.21 -11.25
N ILE B 428 -17.31 -4.95 -12.26
CA ILE B 428 -17.50 -3.60 -12.82
C ILE B 428 -18.99 -3.38 -13.05
N TYR B 429 -19.59 -2.49 -12.27
CA TYR B 429 -20.99 -2.12 -12.42
C TYR B 429 -21.11 -1.06 -13.52
N ALA B 430 -21.85 -1.38 -14.58
CA ALA B 430 -22.02 -0.41 -15.65
C ALA B 430 -22.93 0.73 -15.17
N PRO B 431 -22.68 1.97 -15.58
CA PRO B 431 -23.46 3.09 -15.04
C PRO B 431 -24.73 3.34 -15.83
N PRO B 432 -25.54 4.31 -15.44
CA PRO B 432 -26.71 4.67 -16.26
C PRO B 432 -26.32 5.15 -17.65
N ILE B 433 -27.26 4.99 -18.57
CA ILE B 433 -27.05 4.99 -20.02
C ILE B 433 -27.87 6.11 -20.66
N GLN B 434 -28.09 7.20 -19.90
CA GLN B 434 -29.12 8.23 -20.12
C GLN B 434 -29.30 8.61 -21.59
N GLY B 435 -30.55 8.58 -22.03
CA GLY B 435 -30.93 8.74 -23.41
C GLY B 435 -31.38 7.41 -24.00
N VAL B 436 -31.76 7.47 -25.28
CA VAL B 436 -32.19 6.26 -25.97
C VAL B 436 -30.98 5.41 -26.30
N ILE B 437 -31.12 4.09 -26.16
CA ILE B 437 -30.02 3.15 -26.35
C ILE B 437 -30.26 2.38 -27.64
N ARG B 438 -29.49 2.70 -28.66
CA ARG B 438 -29.45 1.96 -29.92
C ARG B 438 -28.17 1.13 -29.96
N CYS B 439 -28.25 -0.02 -30.63
CA CYS B 439 -27.07 -0.85 -30.88
C CYS B 439 -27.20 -1.43 -32.28
N GLU B 440 -26.32 -0.98 -33.16
CA GLU B 440 -26.33 -1.30 -34.59
C GLU B 440 -25.41 -2.48 -34.87
N SER B 441 -25.78 -3.65 -34.36
CA SER B 441 -24.89 -4.79 -34.49
C SER B 441 -24.84 -5.28 -35.93
N ASN B 442 -23.63 -5.58 -36.40
CA ASN B 442 -23.35 -6.06 -37.75
C ASN B 442 -22.83 -7.49 -37.69
N ILE B 443 -22.94 -8.18 -38.81
CA ILE B 443 -22.44 -9.54 -38.97
C ILE B 443 -21.32 -9.53 -39.99
N THR B 444 -20.17 -10.08 -39.61
CA THR B 444 -19.05 -10.31 -40.53
C THR B 444 -18.59 -11.76 -40.46
N GLY B 445 -18.76 -12.40 -39.31
CA GLY B 445 -18.37 -13.80 -39.13
C GLY B 445 -19.20 -14.41 -38.04
N LEU B 446 -19.13 -15.74 -37.96
CA LEU B 446 -19.89 -16.51 -36.99
C LEU B 446 -19.00 -17.60 -36.40
N ILE B 447 -19.28 -17.93 -35.14
CA ILE B 447 -18.55 -18.95 -34.39
C ILE B 447 -19.57 -20.01 -34.01
N LEU B 448 -19.44 -21.19 -34.61
CA LEU B 448 -20.36 -22.31 -34.43
C LEU B 448 -19.61 -23.55 -33.96
N THR B 449 -20.37 -24.54 -33.51
CA THR B 449 -19.85 -25.80 -33.03
C THR B 449 -20.76 -26.92 -33.48
N ARG B 450 -20.17 -28.05 -33.86
CA ARG B 450 -20.92 -29.23 -34.26
C ARG B 450 -21.30 -30.04 -33.03
N ASP B 451 -22.51 -30.59 -33.03
CA ASP B 451 -22.98 -31.39 -31.92
C ASP B 451 -22.22 -32.71 -31.84
N GLY B 452 -22.03 -33.18 -30.60
CA GLY B 452 -21.39 -34.47 -30.41
C GLY B 452 -22.21 -35.63 -30.92
N GLY B 453 -23.54 -35.53 -30.83
CA GLY B 453 -24.42 -36.57 -31.30
C GLY B 453 -24.80 -36.44 -32.76
N GLY B 454 -23.82 -36.18 -33.62
CA GLY B 454 -24.03 -36.05 -35.05
C GLY B 454 -23.56 -37.29 -35.79
N ASN B 455 -24.30 -37.66 -36.82
CA ASN B 455 -23.92 -38.83 -37.62
C ASN B 455 -22.59 -38.57 -38.33
N ILE B 456 -21.98 -39.67 -38.79
CA ILE B 456 -20.68 -39.54 -39.43
C ILE B 456 -20.80 -38.84 -40.78
N ASN B 457 -21.82 -39.21 -41.58
CA ASN B 457 -22.05 -38.62 -42.89
C ASN B 457 -23.49 -38.20 -43.17
N GLU B 458 -24.46 -38.63 -42.36
CA GLU B 458 -25.86 -38.34 -42.68
C GLU B 458 -26.15 -36.85 -42.57
N SER B 459 -25.85 -36.26 -41.42
CA SER B 459 -26.09 -34.83 -41.21
C SER B 459 -25.25 -34.37 -40.04
N GLN B 460 -24.90 -33.08 -40.06
CA GLN B 460 -24.10 -32.45 -39.02
C GLN B 460 -24.88 -31.28 -38.44
N ILE B 461 -25.16 -31.36 -37.14
CA ILE B 461 -25.96 -30.34 -36.45
C ILE B 461 -25.01 -29.29 -35.90
N PHE B 462 -25.14 -28.06 -36.38
CA PHE B 462 -24.33 -26.93 -35.95
C PHE B 462 -25.16 -26.00 -35.07
N ARG B 463 -24.52 -25.41 -34.07
CA ARG B 463 -25.18 -24.47 -33.15
C ARG B 463 -24.16 -23.45 -32.68
N PRO B 464 -24.58 -22.23 -32.35
CA PRO B 464 -23.60 -21.21 -31.98
C PRO B 464 -23.00 -21.45 -30.61
N GLY B 465 -21.69 -21.28 -30.52
CA GLY B 465 -20.95 -21.37 -29.26
C GLY B 465 -20.00 -20.21 -29.09
N GLY B 466 -20.18 -19.45 -28.02
CA GLY B 466 -19.39 -18.25 -27.77
C GLY B 466 -18.49 -18.38 -26.55
N GLY B 467 -17.90 -19.56 -26.37
CA GLY B 467 -17.05 -19.80 -25.21
C GLY B 467 -15.71 -19.09 -25.29
N ASP B 468 -14.90 -19.45 -26.28
CA ASP B 468 -13.56 -18.87 -26.43
C ASP B 468 -13.68 -17.50 -27.07
N MET B 469 -13.30 -16.46 -26.32
CA MET B 469 -13.29 -15.11 -26.88
C MET B 469 -12.23 -14.96 -27.95
N ARG B 470 -11.13 -15.72 -27.86
CA ARG B 470 -10.04 -15.60 -28.81
C ARG B 470 -10.49 -15.91 -30.23
N ASP B 471 -11.52 -16.75 -30.38
CA ASP B 471 -12.07 -17.06 -31.70
C ASP B 471 -12.57 -15.81 -32.41
N ASN B 472 -13.05 -14.83 -31.64
CA ASN B 472 -13.52 -13.59 -32.27
C ASN B 472 -12.35 -12.78 -32.82
N TRP B 473 -11.17 -12.86 -32.19
CA TRP B 473 -10.06 -11.98 -32.54
C TRP B 473 -9.14 -12.58 -33.59
N ARG B 474 -8.92 -13.90 -33.56
CA ARG B 474 -8.04 -14.53 -34.54
C ARG B 474 -8.63 -14.57 -35.94
N SER B 475 -9.91 -14.23 -36.13
CA SER B 475 -10.55 -14.35 -37.43
C SER B 475 -9.86 -13.48 -38.49
N GLU B 476 -9.33 -12.33 -38.09
CA GLU B 476 -8.66 -11.41 -39.00
C GLU B 476 -7.15 -11.56 -39.00
N LEU B 477 -6.59 -12.45 -38.15
CA LEU B 477 -5.15 -12.66 -38.05
C LEU B 477 -4.65 -13.79 -38.94
N TYR B 478 -5.53 -14.49 -39.66
CA TYR B 478 -5.07 -15.56 -40.53
C TYR B 478 -4.25 -15.06 -41.71
N LYS B 479 -4.39 -13.78 -42.06
CA LYS B 479 -3.54 -13.19 -43.09
C LYS B 479 -2.21 -12.74 -42.51
N TYR B 480 -2.26 -11.88 -41.50
CA TYR B 480 -1.05 -11.29 -40.94
C TYR B 480 -0.30 -12.28 -40.07
N LYS B 481 1.03 -12.13 -40.04
CA LYS B 481 1.86 -12.93 -39.15
C LYS B 481 3.16 -12.18 -38.92
N VAL B 482 3.57 -12.04 -37.67
CA VAL B 482 4.86 -11.43 -37.36
C VAL B 482 5.96 -12.34 -37.87
N VAL B 483 6.96 -11.75 -38.54
CA VAL B 483 8.02 -12.48 -39.22
C VAL B 483 9.35 -11.82 -38.90
N ARG B 484 10.32 -12.64 -38.50
CA ARG B 484 11.65 -12.14 -38.18
C ARG B 484 12.44 -11.89 -39.44
N ILE B 485 13.44 -11.01 -39.32
CA ILE B 485 14.35 -10.67 -40.41
C ILE B 485 15.77 -10.96 -39.93
N GLU B 486 16.47 -11.81 -40.69
CA GLU B 486 17.88 -12.12 -40.45
C GLU B 486 18.67 -11.56 -41.63
N PRO B 487 19.13 -10.30 -41.58
CA PRO B 487 19.84 -9.73 -42.74
C PRO B 487 21.14 -10.44 -43.09
N LEU B 488 21.70 -11.25 -42.19
CA LEU B 488 22.93 -11.97 -42.48
C LEU B 488 22.71 -12.95 -43.62
N GLY B 489 23.58 -12.89 -44.61
CA GLY B 489 23.54 -13.82 -45.74
C GLY B 489 24.95 -14.20 -46.14
N VAL B 490 25.07 -15.39 -46.71
CA VAL B 490 26.37 -15.97 -47.07
C VAL B 490 26.24 -16.60 -48.46
N ALA B 491 27.37 -16.66 -49.17
CA ALA B 491 27.40 -17.36 -50.46
C ALA B 491 28.85 -17.62 -50.89
N PRO B 492 29.15 -18.76 -51.56
CA PRO B 492 30.51 -18.94 -52.10
C PRO B 492 30.67 -18.34 -53.48
N THR B 493 31.70 -17.53 -53.68
CA THR B 493 32.02 -16.92 -54.96
C THR B 493 33.54 -16.97 -55.13
N LYS B 494 34.04 -16.30 -56.18
CA LYS B 494 35.46 -16.22 -56.45
C LYS B 494 36.14 -15.04 -55.77
N ALA B 495 35.39 -14.14 -55.13
CA ALA B 495 35.96 -12.94 -54.54
C ALA B 495 36.66 -13.28 -53.23
N LYS B 496 37.88 -12.78 -53.06
CA LYS B 496 38.67 -13.00 -51.85
C LYS B 496 39.45 -11.73 -51.54
N ARG B 497 39.41 -11.32 -50.27
CA ARG B 497 40.14 -10.14 -49.83
C ARG B 497 41.65 -10.38 -49.96
N ARG B 498 42.40 -9.27 -49.90
CA ARG B 498 43.84 -9.34 -50.08
C ARG B 498 44.50 -10.09 -48.93
N VAL B 499 45.45 -10.95 -49.27
CA VAL B 499 46.23 -11.69 -48.30
C VAL B 499 47.56 -10.95 -48.08
N VAL B 500 48.20 -11.27 -46.96
CA VAL B 500 49.47 -10.60 -46.62
C VAL B 500 50.63 -11.26 -47.33
N GLU B 501 50.78 -12.57 -47.16
CA GLU B 501 51.87 -13.32 -47.77
C GLU B 501 51.48 -14.79 -47.96
N GLY B 516 9.68 1.33 -50.80
CA GLY B 516 10.63 0.23 -50.89
C GLY B 516 11.17 -0.19 -49.55
N PHE B 517 10.28 -0.71 -48.68
CA PHE B 517 10.71 -1.17 -47.36
C PHE B 517 11.65 -2.37 -47.49
N LEU B 518 11.17 -3.45 -48.11
CA LEU B 518 11.93 -4.70 -48.23
C LEU B 518 11.83 -5.30 -49.62
N GLY B 519 11.23 -4.61 -50.59
CA GLY B 519 11.04 -5.20 -51.90
C GLY B 519 12.24 -5.09 -52.82
N THR B 520 11.96 -4.79 -54.09
CA THR B 520 12.93 -4.59 -55.18
C THR B 520 13.90 -5.78 -55.35
N ALA B 521 13.57 -6.97 -54.85
CA ALA B 521 14.23 -8.21 -55.25
C ALA B 521 13.22 -9.32 -55.02
N GLY B 522 12.58 -9.80 -56.09
CA GLY B 522 11.67 -10.92 -55.93
C GLY B 522 12.38 -12.25 -55.97
N SER B 523 13.11 -12.49 -57.07
CA SER B 523 14.01 -13.65 -57.19
C SER B 523 15.29 -13.15 -57.85
N THR B 524 16.27 -12.77 -57.04
CA THR B 524 17.55 -12.30 -57.54
C THR B 524 18.63 -12.62 -56.52
N MET B 525 19.84 -12.86 -57.02
CA MET B 525 21.03 -13.06 -56.22
C MET B 525 22.16 -12.12 -56.59
N GLY B 526 22.30 -11.79 -57.87
CA GLY B 526 23.29 -10.83 -58.32
C GLY B 526 22.75 -9.41 -58.23
N ALA B 527 21.50 -9.23 -58.66
CA ALA B 527 20.85 -7.93 -58.50
C ALA B 527 20.49 -7.67 -57.05
N ALA B 528 20.26 -8.72 -56.26
CA ALA B 528 20.05 -8.56 -54.83
C ALA B 528 21.34 -8.25 -54.07
N SER B 529 22.49 -8.39 -54.70
CA SER B 529 23.78 -8.08 -54.07
C SER B 529 24.16 -6.61 -54.17
N ILE B 530 23.25 -5.73 -54.63
CA ILE B 530 23.49 -4.29 -54.72
C ILE B 530 22.40 -3.49 -54.02
N THR B 531 21.27 -4.12 -53.69
CA THR B 531 20.15 -3.48 -53.00
C THR B 531 20.22 -3.68 -51.49
N LEU B 532 21.41 -3.86 -50.94
CA LEU B 532 21.54 -4.18 -49.52
C LEU B 532 21.14 -3.00 -48.64
N THR B 533 21.55 -1.78 -49.03
CA THR B 533 21.33 -0.61 -48.19
C THR B 533 19.86 -0.29 -47.99
N VAL B 534 18.98 -0.74 -48.89
CA VAL B 534 17.54 -0.49 -48.75
C VAL B 534 17.03 -1.09 -47.45
N GLN B 535 17.58 -2.24 -47.04
CA GLN B 535 17.20 -2.88 -45.79
C GLN B 535 18.05 -2.40 -44.61
N VAL B 536 19.31 -2.06 -44.86
CA VAL B 536 20.19 -1.69 -43.76
C VAL B 536 19.85 -0.30 -43.23
N ARG B 537 19.39 0.60 -44.11
CA ARG B 537 19.06 1.95 -43.67
C ARG B 537 17.90 1.95 -42.68
N LYS B 538 16.91 1.08 -42.90
CA LYS B 538 15.75 0.96 -42.03
C LYS B 538 15.92 -0.10 -40.95
N LEU B 539 16.99 -0.91 -41.00
CA LEU B 539 17.20 -1.91 -39.97
C LEU B 539 17.45 -1.27 -38.61
N LEU B 540 18.22 -0.18 -38.58
CA LEU B 540 18.58 0.53 -37.36
C LEU B 540 17.91 1.91 -37.31
N SER B 541 16.67 2.00 -37.80
CA SER B 541 15.91 3.23 -37.87
C SER B 541 14.72 3.22 -36.91
N GLY B 542 14.91 2.64 -35.72
CA GLY B 542 13.86 2.65 -34.71
C GLY B 542 13.49 4.05 -34.24
N ILE B 543 14.41 5.01 -34.35
CA ILE B 543 14.13 6.39 -33.95
C ILE B 543 13.02 6.99 -34.80
N VAL B 544 12.88 6.52 -36.05
CA VAL B 544 11.81 7.02 -36.92
C VAL B 544 10.44 6.70 -36.30
N GLN B 545 10.23 5.44 -35.91
CA GLN B 545 9.00 5.10 -35.21
C GLN B 545 8.94 5.75 -33.83
N GLN B 546 10.10 6.03 -33.22
CA GLN B 546 10.12 6.59 -31.87
C GLN B 546 9.83 8.09 -31.85
N GLN B 547 10.21 8.81 -32.92
CA GLN B 547 10.10 10.27 -32.89
C GLN B 547 8.65 10.75 -32.77
N SER B 548 7.68 9.93 -33.20
CA SER B 548 6.27 10.31 -33.19
C SER B 548 5.57 10.01 -31.87
N ASN B 549 6.32 9.65 -30.81
CA ASN B 549 5.66 9.31 -29.54
C ASN B 549 5.11 10.55 -28.85
N LEU B 550 5.97 11.52 -28.53
CA LEU B 550 5.57 12.78 -27.89
C LEU B 550 4.94 12.51 -26.52
N LEU B 551 5.50 11.54 -25.80
CA LEU B 551 5.02 11.16 -24.46
C LEU B 551 5.78 11.92 -23.37
N ARG B 552 5.72 13.25 -23.41
CA ARG B 552 6.51 14.02 -22.46
C ARG B 552 6.11 13.75 -21.02
N ALA B 553 4.86 14.09 -20.65
CA ALA B 553 4.12 13.41 -19.58
C ALA B 553 2.74 12.94 -20.00
N ILE B 554 2.05 13.73 -20.84
CA ILE B 554 0.59 13.71 -20.96
C ILE B 554 0.26 13.98 -22.42
N GLU B 555 -1.03 13.93 -22.80
CA GLU B 555 -1.44 14.59 -24.03
C GLU B 555 -2.48 15.70 -23.86
N ALA B 556 -3.59 15.50 -23.14
CA ALA B 556 -4.71 16.44 -23.34
C ALA B 556 -4.88 17.53 -22.28
N GLN B 557 -5.09 17.18 -21.00
CA GLN B 557 -4.91 18.11 -19.88
C GLN B 557 -3.85 17.69 -18.88
N GLN B 558 -3.96 16.46 -18.37
CA GLN B 558 -3.25 15.95 -17.21
C GLN B 558 -3.51 14.46 -17.13
N HIS B 559 -2.50 13.69 -16.72
CA HIS B 559 -2.68 12.28 -16.41
C HIS B 559 -1.91 11.95 -15.14
N LEU B 560 -2.18 10.74 -14.62
CA LEU B 560 -1.43 10.19 -13.50
C LEU B 560 -0.13 9.62 -14.05
N LEU B 561 0.60 8.87 -13.20
CA LEU B 561 1.86 8.25 -13.61
C LEU B 561 1.71 7.46 -14.90
N LYS B 562 0.82 6.45 -14.88
CA LYS B 562 0.29 5.75 -16.05
C LYS B 562 1.40 5.30 -17.01
N LEU B 563 2.29 4.46 -16.50
CA LEU B 563 3.31 3.82 -17.31
C LEU B 563 3.42 2.38 -16.86
N THR B 564 3.10 1.48 -17.78
CA THR B 564 2.66 0.13 -17.50
C THR B 564 3.38 -0.80 -18.47
N VAL B 565 2.94 -2.07 -18.49
CA VAL B 565 3.57 -3.12 -19.30
C VAL B 565 3.80 -2.69 -20.75
N TRP B 566 2.90 -1.89 -21.32
CA TRP B 566 3.04 -1.46 -22.72
C TRP B 566 4.33 -0.67 -22.93
N GLY B 567 4.51 0.42 -22.18
CA GLY B 567 5.67 1.28 -22.41
C GLY B 567 6.98 0.61 -22.08
N ILE B 568 7.03 -0.09 -20.94
CA ILE B 568 8.26 -0.75 -20.53
C ILE B 568 8.61 -1.91 -21.47
N LYS B 569 7.60 -2.63 -21.98
CA LYS B 569 7.88 -3.68 -22.95
C LYS B 569 8.37 -3.08 -24.26
N GLN B 570 7.82 -1.93 -24.66
CA GLN B 570 8.32 -1.25 -25.85
C GLN B 570 9.77 -0.83 -25.67
N LEU B 571 10.10 -0.28 -24.49
CA LEU B 571 11.49 0.10 -24.22
C LEU B 571 12.41 -1.12 -24.23
N GLN B 572 11.95 -2.24 -23.65
CA GLN B 572 12.75 -3.46 -23.67
C GLN B 572 12.95 -3.98 -25.08
N ALA B 573 11.91 -3.89 -25.91
CA ALA B 573 12.03 -4.32 -27.30
C ALA B 573 13.04 -3.45 -28.04
N ARG B 574 13.00 -2.13 -27.82
CA ARG B 574 14.00 -1.24 -28.38
C ARG B 574 15.41 -1.64 -27.95
N VAL B 575 15.57 -1.91 -26.65
CA VAL B 575 16.90 -2.23 -26.10
C VAL B 575 17.43 -3.52 -26.72
N LEU B 576 16.58 -4.55 -26.80
CA LEU B 576 17.06 -5.83 -27.32
C LEU B 576 17.28 -5.77 -28.83
N ALA B 577 16.44 -5.06 -29.56
CA ALA B 577 16.67 -4.87 -30.99
C ALA B 577 17.96 -4.10 -31.24
N VAL B 578 18.31 -3.18 -30.34
CA VAL B 578 19.58 -2.48 -30.47
C VAL B 578 20.73 -3.39 -30.11
N GLU B 579 20.54 -4.25 -29.11
CA GLU B 579 21.61 -5.16 -28.68
C GLU B 579 21.93 -6.19 -29.76
N ARG B 580 20.91 -6.63 -30.50
CA ARG B 580 21.13 -7.56 -31.61
C ARG B 580 22.07 -6.95 -32.64
N TYR B 581 21.75 -5.74 -33.11
CA TYR B 581 22.59 -5.11 -34.12
C TYR B 581 23.95 -4.71 -33.54
N LEU B 582 24.01 -4.42 -32.25
CA LEU B 582 25.30 -4.12 -31.62
C LEU B 582 26.20 -5.34 -31.64
N ARG B 583 25.67 -6.51 -31.25
CA ARG B 583 26.45 -7.73 -31.31
C ARG B 583 26.84 -8.06 -32.75
N ASP B 584 25.93 -7.79 -33.69
CA ASP B 584 26.25 -8.01 -35.11
C ASP B 584 27.42 -7.15 -35.55
N GLN B 585 27.37 -5.85 -35.25
CA GLN B 585 28.46 -4.94 -35.64
C GLN B 585 29.75 -5.29 -34.91
N GLN B 586 29.66 -5.77 -33.67
CA GLN B 586 30.85 -6.21 -32.96
C GLN B 586 31.48 -7.42 -33.66
N LEU B 587 30.65 -8.37 -34.09
CA LEU B 587 31.17 -9.52 -34.83
C LEU B 587 31.76 -9.08 -36.16
N LEU B 588 31.16 -8.09 -36.81
CA LEU B 588 31.71 -7.56 -38.05
C LEU B 588 33.09 -6.97 -37.81
N GLY B 589 33.23 -6.12 -36.79
CA GLY B 589 34.53 -5.57 -36.45
C GLY B 589 35.54 -6.63 -36.06
N ILE B 590 35.08 -7.72 -35.43
CA ILE B 590 35.96 -8.84 -35.15
C ILE B 590 36.40 -9.51 -36.44
N TRP B 591 35.47 -9.67 -37.38
CA TRP B 591 35.75 -10.29 -38.67
C TRP B 591 36.44 -9.35 -39.65
N GLY B 592 36.65 -8.08 -39.29
CA GLY B 592 37.10 -7.10 -40.26
C GLY B 592 36.07 -6.71 -41.28
N CYS B 593 34.79 -7.01 -41.02
CA CYS B 593 33.70 -6.78 -41.95
C CYS B 593 32.98 -5.45 -41.73
N SER B 594 33.27 -4.72 -40.65
CA SER B 594 32.57 -3.47 -40.38
C SER B 594 32.85 -2.39 -41.40
N GLY B 595 33.88 -2.54 -42.25
CA GLY B 595 34.18 -1.51 -43.22
C GLY B 595 33.17 -1.40 -44.34
N LYS B 596 32.60 -2.52 -44.76
CA LYS B 596 31.67 -2.54 -45.88
C LYS B 596 30.74 -3.73 -45.75
N LEU B 597 29.76 -3.81 -46.65
CA LEU B 597 28.80 -4.91 -46.61
C LEU B 597 29.37 -6.17 -47.25
N ILE B 598 29.87 -6.06 -48.48
CA ILE B 598 30.46 -7.20 -49.15
C ILE B 598 31.77 -7.54 -48.43
N CYS B 599 31.79 -8.68 -47.74
CA CYS B 599 32.93 -9.13 -46.95
C CYS B 599 33.32 -10.52 -47.42
N THR B 600 34.42 -10.62 -48.17
CA THR B 600 34.92 -11.90 -48.62
C THR B 600 35.63 -12.60 -47.46
N THR B 601 36.20 -13.77 -47.76
CA THR B 601 36.83 -14.62 -46.76
C THR B 601 38.12 -15.22 -47.31
N ASN B 602 39.08 -15.40 -46.40
CA ASN B 602 40.29 -16.17 -46.70
C ASN B 602 40.06 -17.68 -46.63
N VAL B 603 38.88 -18.13 -46.23
CA VAL B 603 38.61 -19.54 -45.98
C VAL B 603 38.00 -20.12 -47.26
N PRO B 604 38.59 -21.17 -47.86
CA PRO B 604 37.87 -21.89 -48.92
C PRO B 604 36.97 -22.97 -48.33
N TRP B 605 35.76 -23.07 -48.87
CA TRP B 605 34.77 -23.96 -48.31
C TRP B 605 35.10 -25.42 -48.62
N ASN B 606 34.94 -26.27 -47.61
CA ASN B 606 35.14 -27.70 -47.79
C ASN B 606 34.11 -28.26 -48.75
N SER B 607 34.54 -29.06 -49.71
CA SER B 607 33.65 -29.58 -50.75
C SER B 607 32.82 -30.71 -50.14
N SER B 608 31.73 -30.32 -49.49
CA SER B 608 30.79 -31.23 -48.83
C SER B 608 29.36 -31.05 -49.31
N TRP B 609 28.96 -29.85 -49.70
CA TRP B 609 27.61 -29.65 -50.23
C TRP B 609 27.44 -30.40 -51.55
N SER B 610 26.19 -30.47 -52.01
CA SER B 610 25.90 -31.10 -53.28
C SER B 610 26.57 -30.35 -54.42
N ASN B 611 26.82 -31.08 -55.51
CA ASN B 611 27.43 -30.46 -56.69
C ASN B 611 26.51 -29.39 -57.26
N LYS B 612 27.09 -28.26 -57.63
CA LYS B 612 26.31 -27.11 -58.09
C LYS B 612 27.24 -26.13 -58.78
N SER B 613 26.63 -25.23 -59.55
CA SER B 613 27.31 -24.13 -60.22
C SER B 613 26.72 -22.82 -59.74
N GLU B 614 27.58 -21.79 -59.63
CA GLU B 614 27.15 -20.52 -59.06
C GLU B 614 26.02 -19.87 -59.86
N ARG B 615 25.99 -20.11 -61.18
CA ARG B 615 24.93 -19.52 -61.99
C ARG B 615 23.57 -20.10 -61.63
N GLU B 616 23.50 -21.42 -61.41
CA GLU B 616 22.23 -22.03 -61.03
C GLU B 616 21.80 -21.57 -59.64
N ILE B 617 22.75 -21.40 -58.72
CA ILE B 617 22.40 -20.89 -57.40
C ILE B 617 21.95 -19.44 -57.48
N TRP B 618 22.45 -18.69 -58.46
CA TRP B 618 22.10 -17.28 -58.63
C TRP B 618 20.83 -17.07 -59.46
N GLU B 619 20.37 -18.08 -60.18
CA GLU B 619 19.31 -17.92 -61.18
C GLU B 619 17.92 -18.07 -60.58
N ASN B 620 17.67 -19.15 -59.84
CA ASN B 620 16.32 -19.67 -59.58
C ASN B 620 16.08 -19.84 -58.09
N MET B 621 16.44 -18.82 -57.31
CA MET B 621 16.10 -18.81 -55.89
C MET B 621 16.29 -17.41 -55.34
N THR B 622 15.41 -17.02 -54.42
CA THR B 622 15.52 -15.72 -53.74
C THR B 622 16.33 -15.83 -52.44
N TRP B 623 17.54 -16.37 -52.53
CA TRP B 623 18.52 -16.45 -51.45
C TRP B 623 18.12 -17.44 -50.34
N LEU B 624 16.95 -18.08 -50.43
CA LEU B 624 16.42 -18.90 -49.35
C LEU B 624 16.57 -20.39 -49.60
N GLN B 625 16.49 -20.83 -50.86
CA GLN B 625 16.78 -22.23 -51.16
C GLN B 625 18.21 -22.59 -50.80
N TRP B 626 19.12 -21.65 -50.93
CA TRP B 626 20.50 -21.88 -50.48
C TRP B 626 20.59 -21.88 -48.96
N ASP B 627 19.89 -20.95 -48.30
CA ASP B 627 19.94 -20.88 -46.84
C ASP B 627 19.33 -22.11 -46.19
N LYS B 628 18.37 -22.76 -46.84
CA LYS B 628 17.72 -23.93 -46.25
C LYS B 628 18.70 -25.08 -46.03
N GLU B 629 19.74 -25.17 -46.85
CA GLU B 629 20.73 -26.23 -46.71
C GLU B 629 21.74 -25.96 -45.59
N ILE B 630 21.87 -24.71 -45.14
CA ILE B 630 22.88 -24.32 -44.16
C ILE B 630 22.30 -24.31 -42.75
N SER B 631 21.12 -24.91 -42.54
CA SER B 631 20.54 -24.95 -41.20
C SER B 631 21.43 -25.73 -40.24
N ASN B 632 22.08 -26.79 -40.72
CA ASN B 632 23.00 -27.58 -39.91
C ASN B 632 24.43 -27.08 -40.01
N TYR B 633 24.82 -26.52 -41.14
CA TYR B 633 26.19 -26.10 -41.40
C TYR B 633 26.42 -24.62 -41.13
N THR B 634 25.55 -23.97 -40.35
CA THR B 634 25.72 -22.55 -40.07
C THR B 634 26.87 -22.31 -39.10
N HIS B 635 26.85 -23.00 -37.96
CA HIS B 635 27.86 -22.76 -36.93
C HIS B 635 29.25 -23.14 -37.41
N ILE B 636 29.35 -24.11 -38.31
CA ILE B 636 30.65 -24.52 -38.85
C ILE B 636 31.32 -23.36 -39.56
N ILE B 637 30.66 -22.82 -40.59
CA ILE B 637 31.22 -21.70 -41.33
C ILE B 637 31.34 -20.48 -40.46
N TYR B 638 30.42 -20.30 -39.51
CA TYR B 638 30.51 -19.20 -38.53
C TYR B 638 31.84 -19.23 -37.79
N GLU B 639 32.13 -20.34 -37.10
CA GLU B 639 33.37 -20.45 -36.35
C GLU B 639 34.59 -20.43 -37.26
N LEU B 640 34.47 -21.00 -38.47
CA LEU B 640 35.60 -20.99 -39.40
C LEU B 640 35.99 -19.58 -39.79
N ILE B 641 35.02 -18.79 -40.26
CA ILE B 641 35.29 -17.41 -40.63
C ILE B 641 35.70 -16.59 -39.41
N GLU B 642 35.21 -16.97 -38.22
CA GLU B 642 35.58 -16.23 -37.02
C GLU B 642 37.05 -16.45 -36.66
N GLU B 643 37.52 -17.69 -36.74
CA GLU B 643 38.85 -18.05 -36.22
C GLU B 643 39.92 -18.06 -37.29
N SER B 644 39.73 -18.83 -38.37
CA SER B 644 40.81 -19.04 -39.32
C SER B 644 41.13 -17.77 -40.10
N GLN B 645 40.10 -17.07 -40.58
CA GLN B 645 40.33 -15.81 -41.28
C GLN B 645 40.96 -14.76 -40.36
N LYS B 646 40.68 -14.83 -39.06
CA LYS B 646 41.10 -13.79 -38.14
C LYS B 646 42.54 -14.00 -37.70
N GLN B 647 42.84 -15.16 -37.11
CA GLN B 647 44.17 -15.40 -36.55
C GLN B 647 45.26 -15.46 -37.62
N GLN B 648 44.91 -15.76 -38.87
CA GLN B 648 45.89 -15.88 -39.95
C GLN B 648 46.19 -14.54 -40.63
N GLU B 649 45.81 -13.42 -40.02
CA GLU B 649 46.04 -12.10 -40.60
C GLU B 649 47.38 -11.57 -40.09
N LYS B 650 48.39 -11.58 -40.96
CA LYS B 650 49.69 -11.03 -40.61
C LYS B 650 49.63 -9.51 -40.62
N ASN B 651 50.64 -8.88 -40.01
CA ASN B 651 50.61 -7.46 -39.70
C ASN B 651 51.36 -6.59 -40.70
N GLU B 652 52.64 -6.88 -40.94
CA GLU B 652 53.53 -6.00 -41.69
C GLU B 652 54.11 -6.74 -42.90
N GLN B 653 54.83 -5.96 -43.72
CA GLN B 653 55.63 -6.46 -44.82
C GLN B 653 57.09 -6.07 -44.59
N GLU B 654 58.00 -6.77 -45.27
CA GLU B 654 59.43 -6.68 -44.99
C GLU B 654 60.24 -6.06 -46.12
N LEU B 655 60.13 -6.57 -47.35
CA LEU B 655 61.19 -6.35 -48.33
C LEU B 655 61.09 -4.99 -49.01
N LEU B 656 59.98 -4.73 -49.68
CA LEU B 656 59.83 -3.60 -50.59
C LEU B 656 58.66 -2.72 -50.19
N GLU B 657 58.84 -1.41 -50.36
CA GLU B 657 57.82 -0.41 -50.07
C GLU B 657 58.31 0.91 -50.65
N LEU B 658 57.43 1.92 -50.65
CA LEU B 658 57.80 3.26 -51.08
C LEU B 658 59.00 3.79 -50.29
N ASP B 659 59.02 3.57 -48.99
CA ASP B 659 60.13 4.01 -48.15
C ASP B 659 61.39 3.23 -48.50
N GLU C 31 62.64 -1.07 -30.83
CA GLU C 31 63.67 -0.17 -30.31
C GLU C 31 63.05 0.88 -29.38
N ASN C 32 62.32 1.81 -29.98
CA ASN C 32 61.67 2.85 -29.20
C ASN C 32 60.44 2.30 -28.48
N LEU C 33 60.01 3.03 -27.45
CA LEU C 33 58.86 2.62 -26.63
C LEU C 33 57.57 3.04 -27.31
N TRP C 34 57.31 2.44 -28.47
CA TRP C 34 56.06 2.69 -29.18
C TRP C 34 54.90 2.13 -28.36
N VAL C 35 54.00 3.00 -27.92
CA VAL C 35 52.86 2.56 -27.13
C VAL C 35 51.93 1.73 -28.00
N THR C 36 51.41 0.64 -27.44
CA THR C 36 50.49 -0.25 -28.12
C THR C 36 49.40 -0.66 -27.14
N VAL C 37 48.15 -0.50 -27.57
CA VAL C 37 46.98 -0.75 -26.73
C VAL C 37 46.27 -1.98 -27.25
N TYR C 38 46.04 -2.94 -26.37
CA TYR C 38 45.31 -4.17 -26.65
C TYR C 38 44.06 -4.24 -25.78
N TYR C 39 43.10 -5.05 -26.22
CA TYR C 39 41.83 -5.22 -25.53
C TYR C 39 41.48 -6.70 -25.48
N GLY C 40 40.86 -7.10 -24.37
CA GLY C 40 40.50 -8.48 -24.12
C GLY C 40 41.50 -9.25 -23.28
N VAL C 41 42.35 -8.58 -22.51
CA VAL C 41 43.39 -9.21 -21.72
C VAL C 41 42.82 -9.46 -20.32
N PRO C 42 43.23 -10.51 -19.60
CA PRO C 42 42.65 -10.71 -18.24
C PRO C 42 42.99 -9.56 -17.31
N VAL C 43 41.94 -8.95 -16.76
CA VAL C 43 42.05 -7.89 -15.77
C VAL C 43 40.97 -8.12 -14.72
N TRP C 44 41.31 -7.85 -13.46
CA TRP C 44 40.42 -8.11 -12.33
C TRP C 44 40.48 -6.95 -11.35
N LYS C 45 39.31 -6.46 -10.95
CA LYS C 45 39.20 -5.39 -9.97
C LYS C 45 37.91 -5.58 -9.18
N ASP C 46 37.88 -4.98 -8.00
CA ASP C 46 36.72 -5.08 -7.11
C ASP C 46 35.53 -4.42 -7.77
N ALA C 47 34.52 -5.21 -8.14
CA ALA C 47 33.34 -4.72 -8.81
C ALA C 47 32.24 -4.38 -7.82
N GLU C 48 31.37 -3.44 -8.22
CA GLU C 48 30.17 -3.07 -7.47
C GLU C 48 29.06 -2.92 -8.50
N THR C 49 28.31 -4.00 -8.72
CA THR C 49 27.27 -4.05 -9.74
C THR C 49 26.07 -4.82 -9.21
N THR C 50 25.11 -5.07 -10.09
CA THR C 50 23.86 -5.73 -9.74
C THR C 50 23.87 -7.18 -10.20
N LEU C 51 23.32 -8.06 -9.38
CA LEU C 51 23.16 -9.47 -9.69
C LEU C 51 21.70 -9.77 -10.02
N PHE C 52 21.48 -10.88 -10.72
CA PHE C 52 20.17 -11.30 -11.21
C PHE C 52 19.83 -12.67 -10.65
N CYS C 53 18.59 -12.81 -10.18
CA CYS C 53 18.11 -14.08 -9.66
C CYS C 53 18.07 -15.13 -10.75
N ALA C 54 18.33 -16.38 -10.37
CA ALA C 54 18.21 -17.50 -11.30
C ALA C 54 18.15 -18.78 -10.48
N SER C 55 17.86 -19.88 -11.17
CA SER C 55 17.78 -21.20 -10.55
C SER C 55 17.60 -22.22 -11.67
N ASP C 56 17.62 -23.50 -11.30
CA ASP C 56 17.38 -24.55 -12.26
C ASP C 56 15.93 -24.53 -12.73
N ALA C 57 15.63 -25.40 -13.69
CA ALA C 57 14.28 -25.46 -14.25
C ALA C 57 13.24 -25.99 -13.27
N LYS C 58 13.67 -26.65 -12.19
CA LYS C 58 12.74 -27.27 -11.25
C LYS C 58 11.77 -26.25 -10.65
N ALA C 59 12.29 -25.05 -10.31
CA ALA C 59 11.43 -24.00 -9.76
C ALA C 59 10.32 -23.60 -10.73
N TYR C 60 10.53 -23.79 -12.04
CA TYR C 60 9.50 -23.56 -13.03
C TYR C 60 8.69 -24.83 -13.34
N ASP C 61 9.24 -26.01 -13.05
CA ASP C 61 8.52 -27.27 -13.26
C ASP C 61 7.58 -27.62 -12.12
N THR C 62 7.45 -26.79 -11.09
CA THR C 62 6.55 -27.08 -9.99
C THR C 62 5.08 -26.84 -10.36
N GLU C 63 4.80 -26.07 -11.41
CA GLU C 63 3.44 -25.69 -11.78
C GLU C 63 2.73 -24.98 -10.62
N VAL C 64 3.38 -23.92 -10.14
CA VAL C 64 2.85 -23.04 -9.11
C VAL C 64 3.12 -21.61 -9.56
N HIS C 65 2.18 -20.71 -9.24
CA HIS C 65 2.32 -19.30 -9.59
C HIS C 65 3.65 -18.72 -9.13
N ASN C 66 4.01 -18.94 -7.87
CA ASN C 66 5.39 -18.70 -7.44
C ASN C 66 5.64 -19.45 -6.14
N VAL C 67 6.62 -20.35 -6.11
CA VAL C 67 7.20 -20.78 -4.81
C VAL C 67 8.36 -19.84 -4.52
N TRP C 68 8.03 -18.68 -3.95
CA TRP C 68 8.77 -17.91 -2.95
C TRP C 68 10.02 -17.21 -3.48
N ALA C 69 10.41 -17.45 -4.75
CA ALA C 69 11.20 -16.49 -5.50
C ALA C 69 10.79 -16.39 -6.96
N THR C 70 9.74 -17.08 -7.39
CA THR C 70 9.59 -17.39 -8.82
C THR C 70 8.73 -16.32 -9.46
N HIS C 71 9.41 -15.33 -10.03
CA HIS C 71 8.78 -14.19 -10.69
C HIS C 71 9.43 -13.98 -12.04
N ALA C 72 9.60 -15.09 -12.76
CA ALA C 72 10.18 -15.12 -14.10
C ALA C 72 11.67 -14.74 -14.07
N CYS C 73 12.39 -15.24 -13.08
CA CYS C 73 13.83 -15.10 -13.05
C CYS C 73 14.44 -15.94 -14.17
N VAL C 74 15.61 -15.51 -14.63
CA VAL C 74 16.24 -16.17 -15.79
C VAL C 74 16.66 -17.59 -15.40
N PRO C 75 16.47 -18.60 -16.26
CA PRO C 75 16.96 -19.94 -15.89
C PRO C 75 18.48 -19.99 -15.87
N THR C 76 19.02 -20.61 -14.83
CA THR C 76 20.46 -20.66 -14.65
C THR C 76 21.11 -21.48 -15.76
N ASP C 77 22.41 -21.31 -15.91
CA ASP C 77 23.18 -22.01 -16.93
C ASP C 77 23.23 -23.50 -16.60
N PRO C 78 22.77 -24.41 -17.48
CA PRO C 78 22.98 -25.84 -17.21
C PRO C 78 24.44 -26.27 -17.20
N ASN C 79 25.37 -25.46 -17.71
CA ASN C 79 26.79 -25.76 -17.75
C ASN C 79 27.52 -24.49 -17.32
N PRO C 80 27.57 -24.22 -16.01
CA PRO C 80 28.37 -23.06 -15.54
C PRO C 80 29.85 -23.25 -15.86
N GLN C 81 30.38 -22.33 -16.66
CA GLN C 81 31.77 -22.40 -17.10
C GLN C 81 32.66 -21.94 -15.94
N GLU C 82 32.88 -22.85 -14.99
CA GLU C 82 33.76 -22.61 -13.85
C GLU C 82 35.21 -22.83 -14.30
N ILE C 83 35.70 -21.91 -15.12
CA ILE C 83 37.00 -22.08 -15.75
C ILE C 83 38.09 -21.80 -14.72
N TYR C 84 39.01 -22.75 -14.57
CA TYR C 84 40.04 -22.69 -13.54
C TYR C 84 41.27 -21.96 -14.04
N MET C 85 42.01 -21.35 -13.10
CA MET C 85 43.19 -20.57 -13.38
C MET C 85 44.18 -20.73 -12.23
N GLU C 86 45.42 -21.08 -12.57
CA GLU C 86 46.53 -21.19 -11.65
C GLU C 86 47.55 -20.09 -11.97
N ASN C 87 48.44 -19.84 -11.00
CA ASN C 87 49.53 -18.84 -11.02
C ASN C 87 49.02 -17.39 -10.97
N VAL C 88 47.71 -17.16 -10.90
CA VAL C 88 47.13 -15.84 -10.66
C VAL C 88 47.09 -15.60 -9.16
N THR C 89 46.90 -14.34 -8.77
CA THR C 89 46.76 -13.96 -7.38
C THR C 89 45.73 -12.84 -7.25
N GLU C 90 44.86 -12.95 -6.25
CA GLU C 90 43.78 -11.97 -6.07
C GLU C 90 43.33 -11.99 -4.63
N GLU C 91 42.92 -10.82 -4.14
CA GLU C 91 42.49 -10.64 -2.77
C GLU C 91 41.00 -10.90 -2.60
N PHE C 92 40.59 -11.06 -1.34
CA PHE C 92 39.21 -11.36 -0.97
C PHE C 92 38.86 -10.59 0.29
N ASN C 93 37.63 -10.08 0.33
CA ASN C 93 37.07 -9.42 1.53
C ASN C 93 35.57 -9.72 1.54
N MET C 94 35.18 -10.72 2.34
CA MET C 94 33.80 -11.20 2.33
C MET C 94 32.87 -10.28 3.13
N TRP C 95 33.36 -9.69 4.22
CA TRP C 95 32.49 -8.89 5.08
C TRP C 95 32.06 -7.61 4.39
N LYS C 96 32.95 -7.00 3.60
CA LYS C 96 32.66 -5.76 2.89
C LYS C 96 31.97 -6.00 1.55
N ASN C 97 31.46 -7.20 1.29
CA ASN C 97 30.79 -7.50 0.04
C ASN C 97 29.36 -6.97 0.07
N ASN C 98 28.96 -6.33 -1.03
CA ASN C 98 27.63 -5.78 -1.18
C ASN C 98 26.61 -6.81 -1.66
N MET C 99 26.97 -8.09 -1.72
CA MET C 99 26.06 -9.10 -2.25
C MET C 99 24.87 -9.31 -1.31
N VAL C 100 25.15 -9.45 0.00
CA VAL C 100 24.07 -9.72 0.94
C VAL C 100 23.13 -8.53 1.05
N GLU C 101 23.66 -7.31 0.87
CA GLU C 101 22.84 -6.10 0.87
C GLU C 101 21.73 -6.19 -0.19
N GLN C 102 22.13 -6.31 -1.45
CA GLN C 102 21.17 -6.42 -2.54
C GLN C 102 20.31 -7.67 -2.40
N MET C 103 20.87 -8.75 -1.86
CA MET C 103 20.11 -9.99 -1.69
C MET C 103 18.93 -9.77 -0.75
N HIS C 104 19.19 -9.29 0.47
CA HIS C 104 18.08 -9.11 1.40
C HIS C 104 17.17 -7.97 0.94
N THR C 105 17.69 -7.00 0.19
CA THR C 105 16.85 -5.95 -0.36
C THR C 105 15.83 -6.54 -1.34
N ASP C 106 16.31 -7.34 -2.29
CA ASP C 106 15.41 -7.97 -3.25
C ASP C 106 14.48 -8.96 -2.56
N ILE C 107 14.95 -9.66 -1.53
CA ILE C 107 14.11 -10.61 -0.81
C ILE C 107 12.96 -9.88 -0.13
N ILE C 108 13.27 -8.78 0.57
CA ILE C 108 12.22 -8.01 1.23
C ILE C 108 11.27 -7.40 0.21
N SER C 109 11.81 -7.00 -0.95
CA SER C 109 10.96 -6.42 -2.00
C SER C 109 9.96 -7.45 -2.53
N LEU C 110 10.45 -8.66 -2.84
CA LEU C 110 9.56 -9.70 -3.32
C LEU C 110 8.59 -10.14 -2.25
N TRP C 111 9.02 -10.16 -0.98
CA TRP C 111 8.11 -10.49 0.11
C TRP C 111 6.99 -9.46 0.20
N ASP C 112 7.32 -8.18 0.11
CA ASP C 112 6.30 -7.14 0.15
C ASP C 112 5.38 -7.24 -1.07
N GLN C 113 5.93 -7.59 -2.23
CA GLN C 113 5.12 -7.72 -3.44
C GLN C 113 4.11 -8.85 -3.30
N SER C 114 4.57 -10.02 -2.83
CA SER C 114 3.66 -11.12 -2.56
C SER C 114 2.72 -10.81 -1.40
N LEU C 115 3.10 -9.90 -0.51
CA LEU C 115 2.28 -9.54 0.63
C LEU C 115 1.14 -8.60 0.25
N LYS C 116 1.35 -7.74 -0.75
CA LYS C 116 0.35 -6.77 -1.21
C LYS C 116 -1.00 -7.39 -1.53
N PRO C 117 -1.11 -8.34 -2.46
CA PRO C 117 -2.44 -8.85 -2.82
C PRO C 117 -3.13 -9.68 -1.74
N CYS C 118 -2.45 -10.00 -0.64
CA CYS C 118 -3.09 -10.71 0.45
C CYS C 118 -4.18 -9.84 1.07
N VAL C 119 -5.23 -10.51 1.59
CA VAL C 119 -6.34 -9.80 2.21
C VAL C 119 -5.89 -9.26 3.56
N GLN C 120 -6.54 -8.18 4.00
CA GLN C 120 -6.19 -7.50 5.24
C GLN C 120 -6.92 -8.14 6.41
N LEU C 121 -6.32 -8.03 7.59
CA LEU C 121 -6.84 -8.58 8.84
C LEU C 121 -7.00 -7.48 9.90
N THR C 122 -7.44 -6.30 9.46
CA THR C 122 -7.76 -5.22 10.38
C THR C 122 -9.08 -5.47 11.11
N PRO C 123 -10.12 -6.02 10.45
CA PRO C 123 -11.28 -6.49 11.22
C PRO C 123 -10.94 -7.57 12.25
N LEU C 124 -9.87 -8.33 12.06
CA LEU C 124 -9.51 -9.42 12.97
C LEU C 124 -9.11 -8.94 14.36
N CYS C 125 -8.83 -7.64 14.54
CA CYS C 125 -8.34 -7.11 15.80
C CYS C 125 -9.46 -6.77 16.79
N VAL C 126 -10.67 -7.29 16.59
CA VAL C 126 -11.76 -7.01 17.53
C VAL C 126 -11.44 -7.62 18.90
N THR C 127 -12.14 -7.13 19.92
CA THR C 127 -11.93 -7.62 21.28
C THR C 127 -12.35 -9.08 21.38
N LEU C 128 -11.57 -9.86 22.13
CA LEU C 128 -11.75 -11.30 22.23
C LEU C 128 -11.70 -11.75 23.68
N ASP C 129 -12.51 -12.77 24.00
CA ASP C 129 -12.48 -13.46 25.29
C ASP C 129 -12.28 -14.94 25.04
N CYS C 130 -11.21 -15.50 25.60
CA CYS C 130 -10.74 -16.85 25.28
C CYS C 130 -10.86 -17.75 26.51
N SER C 131 -10.76 -19.06 26.24
CA SER C 131 -10.82 -20.11 27.25
C SER C 131 -9.64 -21.05 27.04
N TYR C 132 -8.93 -21.38 28.12
CA TYR C 132 -7.69 -22.14 27.99
C TYR C 132 -7.96 -23.62 27.78
N ASN C 133 -8.64 -24.26 28.74
CA ASN C 133 -8.95 -25.68 28.63
C ASN C 133 -10.10 -25.90 27.66
N ILE C 134 -10.00 -26.96 26.86
CA ILE C 134 -10.90 -27.24 25.76
C ILE C 134 -11.29 -28.72 25.81
N THR C 135 -12.11 -29.13 24.84
CA THR C 135 -12.67 -30.50 24.79
C THR C 135 -11.66 -31.44 24.11
N ASN C 136 -10.53 -31.64 24.80
CA ASN C 136 -9.45 -32.47 24.32
C ASN C 136 -8.99 -33.40 25.43
N ASN C 137 -8.19 -34.40 25.05
CA ASN C 137 -7.78 -35.48 25.95
C ASN C 137 -6.56 -35.08 26.77
N ILE C 138 -5.47 -34.71 26.09
CA ILE C 138 -4.21 -34.36 26.74
C ILE C 138 -4.17 -32.86 26.97
N THR C 139 -3.63 -32.46 28.13
CA THR C 139 -3.38 -31.07 28.46
C THR C 139 -1.92 -30.86 28.84
N ASN C 140 -1.32 -31.84 29.51
CA ASN C 140 0.07 -31.81 29.94
C ASN C 140 0.84 -32.89 29.20
N SER C 141 2.03 -32.53 28.71
CA SER C 141 2.90 -33.46 28.00
C SER C 141 3.85 -34.14 28.98
N ILE C 142 4.57 -35.15 28.47
CA ILE C 142 5.52 -35.88 29.30
C ILE C 142 6.69 -34.99 29.70
N THR C 143 7.07 -34.04 28.85
CA THR C 143 8.17 -33.13 29.15
C THR C 143 7.70 -32.01 30.06
N ASN C 144 8.60 -31.58 30.95
CA ASN C 144 8.37 -30.44 31.84
C ASN C 144 9.56 -29.50 31.71
N SER C 145 9.48 -28.57 30.75
CA SER C 145 10.50 -27.55 30.52
C SER C 145 9.83 -26.20 30.31
N SER C 146 8.82 -25.90 31.13
CA SER C 146 7.99 -24.70 30.98
C SER C 146 7.34 -24.64 29.60
N VAL C 147 7.04 -25.79 29.01
CA VAL C 147 6.34 -25.89 27.74
C VAL C 147 4.99 -26.56 27.93
N ASN C 148 4.87 -27.41 28.95
CA ASN C 148 3.58 -28.04 29.26
C ASN C 148 2.70 -27.12 30.09
N MET C 149 3.28 -26.43 31.07
CA MET C 149 2.53 -25.41 31.80
C MET C 149 2.16 -24.26 30.88
N ARG C 150 3.07 -23.88 29.99
CA ARG C 150 2.80 -22.88 28.95
C ARG C 150 2.35 -23.59 27.68
N GLU C 151 1.13 -24.13 27.75
CA GLU C 151 0.58 -24.88 26.62
C GLU C 151 0.41 -24.00 25.39
N GLU C 152 0.22 -22.69 25.58
CA GLU C 152 0.08 -21.68 24.52
C GLU C 152 -0.89 -22.11 23.43
N ILE C 153 -2.01 -22.72 23.85
CA ILE C 153 -3.09 -23.10 22.95
C ILE C 153 -4.40 -22.82 23.68
N LYS C 154 -5.25 -22.00 23.07
CA LYS C 154 -6.57 -21.67 23.60
C LYS C 154 -7.56 -21.65 22.44
N ASN C 155 -8.84 -21.80 22.78
CA ASN C 155 -9.93 -21.59 21.84
C ASN C 155 -10.68 -20.33 22.23
N CYS C 156 -11.02 -19.52 21.24
CA CYS C 156 -11.44 -18.15 21.47
C CYS C 156 -12.44 -17.73 20.39
N SER C 157 -13.35 -16.85 20.80
CA SER C 157 -14.36 -16.27 19.92
C SER C 157 -13.82 -15.00 19.27
N PHE C 158 -14.49 -14.58 18.20
CA PHE C 158 -14.10 -13.36 17.52
C PHE C 158 -15.18 -12.97 16.52
N ASN C 159 -15.39 -11.67 16.37
CA ASN C 159 -16.33 -11.16 15.37
C ASN C 159 -15.69 -11.13 13.99
N MET C 160 -16.54 -11.28 12.98
CA MET C 160 -16.14 -11.11 11.59
C MET C 160 -17.36 -10.63 10.82
N THR C 161 -17.18 -9.58 10.04
CA THR C 161 -18.28 -9.05 9.24
C THR C 161 -18.60 -10.02 8.10
N THR C 162 -19.89 -10.15 7.80
CA THR C 162 -20.32 -10.90 6.62
C THR C 162 -19.95 -10.12 5.37
N GLU C 163 -20.08 -10.79 4.21
CA GLU C 163 -19.93 -10.08 2.94
C GLU C 163 -20.94 -8.94 2.83
N LEU C 164 -22.11 -9.10 3.44
CA LEU C 164 -23.04 -8.00 3.60
C LEU C 164 -22.52 -7.04 4.66
N ARG C 165 -22.82 -5.75 4.47
CA ARG C 165 -22.27 -4.73 5.37
C ARG C 165 -22.95 -4.77 6.74
N ASP C 166 -24.26 -5.04 6.77
CA ASP C 166 -25.00 -4.98 8.02
C ASP C 166 -24.83 -6.24 8.87
N LYS C 167 -24.67 -7.39 8.24
CA LYS C 167 -24.61 -8.66 8.95
C LYS C 167 -23.18 -8.95 9.40
N ASN C 168 -23.02 -9.23 10.69
CA ASN C 168 -21.78 -9.71 11.29
C ASN C 168 -22.03 -11.09 11.89
N ARG C 169 -20.96 -11.72 12.39
CA ARG C 169 -21.08 -13.02 13.00
C ARG C 169 -19.93 -13.25 13.96
N LYS C 170 -20.23 -13.73 15.16
CA LYS C 170 -19.23 -14.13 16.14
C LYS C 170 -19.01 -15.64 16.00
N VAL C 171 -17.76 -16.03 15.75
CA VAL C 171 -17.40 -17.42 15.52
C VAL C 171 -16.08 -17.70 16.24
N TYR C 172 -15.87 -18.97 16.58
CA TYR C 172 -14.76 -19.40 17.41
C TYR C 172 -13.74 -20.20 16.61
N SER C 173 -12.50 -20.15 17.08
CA SER C 173 -11.40 -20.89 16.46
C SER C 173 -10.34 -21.12 17.53
N LEU C 174 -9.16 -21.57 17.11
CA LEU C 174 -8.02 -21.84 17.99
C LEU C 174 -6.92 -20.83 17.72
N PHE C 175 -6.32 -20.31 18.79
CA PHE C 175 -5.21 -19.36 18.71
C PHE C 175 -4.19 -19.68 19.79
N TYR C 176 -3.00 -19.11 19.63
CA TYR C 176 -1.89 -19.29 20.55
C TYR C 176 -1.89 -18.18 21.61
N LYS C 177 -1.14 -18.43 22.70
CA LYS C 177 -0.95 -17.41 23.72
C LYS C 177 0.11 -16.40 23.31
N LEU C 178 1.12 -16.84 22.56
CA LEU C 178 2.18 -15.92 22.12
C LEU C 178 1.63 -14.85 21.19
N ASP C 179 0.61 -15.18 20.40
CA ASP C 179 0.07 -14.26 19.41
C ASP C 179 -0.67 -13.07 20.03
N VAL C 180 -0.99 -13.10 21.32
CA VAL C 180 -1.75 -12.04 21.98
C VAL C 180 -1.16 -11.76 23.34
N VAL C 181 -1.56 -10.61 23.90
CA VAL C 181 -1.18 -10.17 25.24
C VAL C 181 -2.43 -9.69 25.96
N GLN C 182 -2.48 -9.93 27.27
CA GLN C 182 -3.64 -9.54 28.06
C GLN C 182 -3.68 -8.02 28.28
N ILE C 183 -4.90 -7.52 28.50
CA ILE C 183 -5.20 -6.11 28.71
C ILE C 183 -6.34 -6.02 29.71
N ASN C 184 -6.68 -4.79 30.13
CA ASN C 184 -7.81 -4.57 31.01
C ASN C 184 -7.66 -5.34 32.32
N ASN C 185 -6.60 -4.98 33.07
CA ASN C 185 -5.91 -5.90 33.97
C ASN C 185 -6.76 -6.15 35.21
N GLY C 186 -7.83 -6.90 34.98
CA GLY C 186 -8.77 -7.43 35.94
C GLY C 186 -8.22 -8.70 36.53
N ASN C 187 -7.25 -8.58 37.44
CA ASN C 187 -5.99 -9.34 37.44
C ASN C 187 -6.15 -10.79 37.01
N ASN C 188 -7.14 -11.50 37.54
CA ASN C 188 -7.57 -12.73 36.87
C ASN C 188 -9.07 -12.90 37.06
N SER C 189 -9.84 -12.45 36.07
CA SER C 189 -11.19 -12.93 35.82
C SER C 189 -11.43 -12.86 34.31
N SER C 190 -11.23 -13.99 33.63
CA SER C 190 -11.50 -14.15 32.18
C SER C 190 -10.99 -12.97 31.34
N ASN C 191 -9.72 -12.63 31.54
CA ASN C 191 -9.17 -11.40 30.96
C ASN C 191 -9.16 -11.45 29.44
N LEU C 192 -9.36 -10.28 28.83
CA LEU C 192 -9.33 -10.14 27.39
C LEU C 192 -7.88 -10.03 26.89
N TYR C 193 -7.72 -10.25 25.58
CA TYR C 193 -6.40 -10.22 24.95
C TYR C 193 -6.47 -9.47 23.62
N ARG C 194 -5.36 -8.86 23.25
CA ARG C 194 -5.19 -8.16 21.98
C ARG C 194 -3.95 -8.69 21.27
N LEU C 195 -3.97 -8.64 19.93
CA LEU C 195 -2.82 -9.09 19.15
C LEU C 195 -1.60 -8.22 19.45
N ILE C 196 -0.44 -8.87 19.57
CA ILE C 196 0.77 -8.16 19.94
C ILE C 196 1.19 -7.19 18.82
N ASN C 197 0.98 -7.58 17.56
CA ASN C 197 1.38 -6.75 16.43
C ASN C 197 0.32 -5.74 16.04
N CYS C 198 -0.95 -5.99 16.36
CA CYS C 198 -2.00 -5.04 15.99
C CYS C 198 -1.87 -3.73 16.76
N ASN C 199 -1.58 -3.81 18.06
CA ASN C 199 -1.51 -2.59 18.87
C ASN C 199 -0.33 -1.71 18.47
N THR C 200 0.72 -2.29 17.89
CA THR C 200 1.92 -1.58 17.48
C THR C 200 2.03 -1.37 15.98
N SER C 201 1.43 -2.25 15.17
CA SER C 201 1.55 -2.18 13.72
C SER C 201 0.30 -2.77 13.10
N ALA C 202 0.34 -3.00 11.78
CA ALA C 202 -0.77 -3.54 11.02
C ALA C 202 -0.58 -5.03 10.80
N LEU C 203 -1.54 -5.64 10.11
CA LEU C 203 -1.54 -7.09 9.91
C LEU C 203 -2.35 -7.43 8.67
N THR C 204 -1.91 -8.46 7.96
CA THR C 204 -2.59 -8.97 6.78
C THR C 204 -2.43 -10.49 6.72
N GLN C 205 -3.03 -11.10 5.70
CA GLN C 205 -2.93 -12.53 5.47
C GLN C 205 -1.59 -12.86 4.81
N ALA C 206 -1.15 -14.11 5.01
CA ALA C 206 0.15 -14.57 4.55
C ALA C 206 0.11 -15.14 3.13
N CYS C 207 -1.02 -15.01 2.41
CA CYS C 207 -1.16 -15.57 1.06
C CYS C 207 -0.78 -17.05 1.02
N PRO C 208 -1.60 -17.93 1.62
CA PRO C 208 -1.18 -19.33 1.84
C PRO C 208 -0.76 -20.08 0.58
N LYS C 209 -1.24 -19.68 -0.60
CA LYS C 209 -0.81 -20.34 -1.82
C LYS C 209 0.66 -20.11 -2.10
N VAL C 210 1.21 -18.98 -1.64
CA VAL C 210 2.64 -18.77 -1.69
C VAL C 210 3.30 -19.57 -0.58
N THR C 211 4.35 -20.33 -0.93
CA THR C 211 5.06 -21.15 0.03
C THR C 211 6.09 -20.31 0.78
N PHE C 212 6.86 -20.98 1.65
CA PHE C 212 7.89 -20.33 2.46
C PHE C 212 9.19 -21.12 2.52
N GLU C 213 9.34 -22.23 1.76
CA GLU C 213 10.56 -23.02 1.79
C GLU C 213 11.65 -22.37 0.92
N PRO C 214 12.94 -22.57 1.26
CA PRO C 214 14.02 -21.98 0.45
C PRO C 214 14.45 -22.85 -0.73
N ILE C 215 14.54 -22.25 -1.90
CA ILE C 215 14.94 -22.92 -3.13
C ILE C 215 16.40 -22.52 -3.38
N PRO C 216 17.25 -23.34 -4.04
CA PRO C 216 18.60 -22.85 -4.35
C PRO C 216 18.59 -21.70 -5.34
N ILE C 217 19.02 -20.53 -4.88
CA ILE C 217 19.08 -19.31 -5.70
C ILE C 217 20.50 -19.13 -6.19
N ARG C 218 20.64 -18.81 -7.48
CA ARG C 218 21.92 -18.56 -8.12
C ARG C 218 21.91 -17.12 -8.64
N TYR C 219 22.88 -16.32 -8.19
CA TYR C 219 22.94 -14.91 -8.54
C TYR C 219 23.94 -14.71 -9.68
N CYS C 220 23.42 -14.45 -10.87
CA CYS C 220 24.24 -14.27 -12.07
C CYS C 220 24.67 -12.82 -12.23
N ALA C 221 25.87 -12.63 -12.78
CA ALA C 221 26.47 -11.33 -13.02
C ALA C 221 26.22 -10.90 -14.47
N PRO C 222 26.27 -9.60 -14.77
CA PRO C 222 26.03 -9.15 -16.14
C PRO C 222 27.33 -9.20 -16.96
N ALA C 223 27.21 -8.79 -18.23
CA ALA C 223 28.38 -8.67 -19.07
C ALA C 223 29.37 -7.66 -18.49
N GLY C 224 30.65 -7.87 -18.76
CA GLY C 224 31.68 -7.03 -18.21
C GLY C 224 32.02 -7.31 -16.76
N TYR C 225 31.49 -8.38 -16.18
CA TYR C 225 31.76 -8.75 -14.80
C TYR C 225 31.84 -10.27 -14.71
N ALA C 226 32.41 -10.76 -13.61
CA ALA C 226 32.58 -12.18 -13.40
C ALA C 226 32.52 -12.47 -11.91
N ILE C 227 32.56 -13.75 -11.56
CA ILE C 227 32.53 -14.21 -10.17
C ILE C 227 33.77 -15.04 -9.95
N LEU C 228 34.74 -14.49 -9.21
CA LEU C 228 35.97 -15.18 -8.90
C LEU C 228 35.76 -16.01 -7.63
N LYS C 229 36.10 -17.29 -7.71
CA LYS C 229 35.96 -18.24 -6.61
C LYS C 229 37.32 -18.79 -6.25
N CYS C 230 37.56 -18.97 -4.95
CA CYS C 230 38.78 -19.56 -4.42
C CYS C 230 38.45 -20.98 -3.97
N ASN C 231 38.92 -21.98 -4.72
CA ASN C 231 38.65 -23.37 -4.41
C ASN C 231 39.51 -23.91 -3.27
N ASP C 232 40.40 -23.11 -2.71
CA ASP C 232 41.22 -23.58 -1.60
C ASP C 232 40.36 -23.83 -0.37
N LYS C 233 40.47 -25.03 0.20
CA LYS C 233 39.65 -25.38 1.35
C LYS C 233 40.13 -24.66 2.61
N GLU C 234 41.43 -24.42 2.73
CA GLU C 234 41.99 -23.68 3.86
C GLU C 234 41.81 -22.18 3.75
N PHE C 235 41.37 -21.66 2.61
CA PHE C 235 41.22 -20.23 2.40
C PHE C 235 40.15 -19.67 3.34
N ASN C 236 40.55 -18.74 4.19
CA ASN C 236 39.64 -18.13 5.17
C ASN C 236 38.80 -17.06 4.46
N GLY C 237 38.05 -16.27 5.24
CA GLY C 237 37.15 -15.27 4.71
C GLY C 237 37.80 -14.25 3.80
N THR C 238 38.68 -13.43 4.36
CA THR C 238 39.42 -12.42 3.61
C THR C 238 40.90 -12.80 3.54
N GLY C 239 41.53 -12.44 2.44
CA GLY C 239 42.93 -12.77 2.22
C GLY C 239 43.19 -13.05 0.75
N LEU C 240 44.44 -13.39 0.47
CA LEU C 240 44.88 -13.64 -0.89
C LEU C 240 44.63 -15.10 -1.27
N CYS C 241 44.41 -15.33 -2.56
CA CYS C 241 44.18 -16.66 -3.09
C CYS C 241 44.67 -16.71 -4.53
N LYS C 242 45.00 -17.93 -4.98
CA LYS C 242 45.56 -18.16 -6.31
C LYS C 242 44.80 -19.21 -7.10
N ASN C 243 44.19 -20.18 -6.40
CA ASN C 243 43.46 -21.26 -7.07
C ASN C 243 42.11 -20.68 -7.52
N VAL C 244 42.16 -19.99 -8.66
CA VAL C 244 41.04 -19.16 -9.11
C VAL C 244 40.11 -20.00 -9.98
N SER C 245 38.81 -19.71 -9.87
CA SER C 245 37.80 -20.27 -10.77
C SER C 245 36.85 -19.13 -11.13
N THR C 246 36.86 -18.73 -12.40
CA THR C 246 35.93 -17.72 -12.89
C THR C 246 34.61 -18.38 -13.28
N VAL C 247 33.51 -17.75 -12.85
CA VAL C 247 32.16 -18.30 -13.00
C VAL C 247 31.25 -17.14 -13.39
N GLN C 248 30.08 -17.49 -13.94
CA GLN C 248 29.05 -16.53 -14.35
C GLN C 248 27.87 -16.49 -13.40
N CYS C 249 27.51 -17.61 -12.76
CA CYS C 249 26.44 -17.66 -11.79
C CYS C 249 26.90 -18.46 -10.58
N THR C 250 26.51 -18.00 -9.39
CA THR C 250 26.97 -18.63 -8.16
C THR C 250 26.29 -19.98 -7.96
N HIS C 251 26.83 -20.75 -7.02
CA HIS C 251 26.20 -21.99 -6.60
C HIS C 251 24.82 -21.68 -6.02
N GLY C 252 23.87 -22.60 -6.25
CA GLY C 252 22.53 -22.41 -5.74
C GLY C 252 22.49 -22.38 -4.22
N ILE C 253 22.20 -21.21 -3.67
CA ILE C 253 22.12 -21.00 -2.23
C ILE C 253 20.67 -21.10 -1.80
N ARG C 254 20.40 -21.93 -0.79
CA ARG C 254 19.06 -22.08 -0.23
C ARG C 254 18.90 -21.11 0.92
N PRO C 255 18.23 -19.95 0.75
CA PRO C 255 18.25 -18.96 1.85
C PRO C 255 17.35 -19.40 3.00
N VAL C 256 17.88 -20.31 3.81
CA VAL C 256 17.16 -20.79 4.98
C VAL C 256 17.09 -19.63 5.98
N VAL C 257 15.88 -19.12 6.22
CA VAL C 257 15.69 -18.01 7.14
C VAL C 257 15.75 -18.60 8.55
N SER C 258 16.89 -18.48 9.20
CA SER C 258 17.10 -19.04 10.53
C SER C 258 18.05 -18.15 11.31
N THR C 259 18.08 -18.37 12.63
CA THR C 259 18.92 -17.64 13.55
C THR C 259 19.76 -18.61 14.36
N GLN C 260 21.00 -18.23 14.64
CA GLN C 260 21.96 -19.00 15.44
C GLN C 260 22.33 -20.34 14.83
N LEU C 261 22.03 -20.56 13.54
CA LEU C 261 22.27 -21.86 12.93
C LEU C 261 22.09 -21.72 11.41
N LEU C 262 22.78 -22.59 10.67
CA LEU C 262 22.66 -22.67 9.23
C LEU C 262 22.32 -24.11 8.86
N LEU C 263 21.41 -24.26 7.89
CA LEU C 263 20.85 -25.54 7.49
C LEU C 263 20.91 -25.70 5.99
N ASN C 264 21.14 -26.95 5.55
CA ASN C 264 21.12 -27.31 4.13
C ASN C 264 22.11 -26.49 3.30
N GLY C 265 23.22 -26.08 3.92
CA GLY C 265 24.26 -25.33 3.24
C GLY C 265 25.42 -26.21 2.80
N SER C 266 26.17 -25.73 1.83
CA SER C 266 27.35 -26.44 1.37
C SER C 266 28.39 -26.51 2.48
N LEU C 267 28.91 -27.70 2.72
CA LEU C 267 29.89 -27.91 3.79
C LEU C 267 31.27 -27.45 3.34
N ALA C 268 32.03 -26.94 4.31
CA ALA C 268 33.43 -26.57 4.09
C ALA C 268 34.28 -27.83 4.22
N GLU C 269 34.34 -28.58 3.13
CA GLU C 269 35.05 -29.86 3.11
C GLU C 269 36.54 -29.66 3.39
N GLY C 270 37.19 -30.75 3.78
CA GLY C 270 38.61 -30.73 4.10
C GLY C 270 38.92 -30.36 5.53
N LYS C 271 38.32 -29.26 6.01
CA LYS C 271 38.55 -28.80 7.37
C LYS C 271 37.44 -27.83 7.74
N VAL C 272 37.09 -27.80 9.03
CA VAL C 272 36.08 -26.87 9.52
C VAL C 272 36.60 -25.45 9.34
N MET C 273 35.86 -24.63 8.61
CA MET C 273 36.25 -23.26 8.35
C MET C 273 35.72 -22.34 9.45
N ILE C 274 36.54 -21.36 9.84
CA ILE C 274 36.22 -20.40 10.88
C ILE C 274 36.55 -19.01 10.37
N ARG C 275 35.68 -18.04 10.71
CA ARG C 275 35.86 -16.65 10.29
C ARG C 275 35.40 -15.74 11.42
N SER C 276 35.86 -14.49 11.36
CA SER C 276 35.44 -13.46 12.32
C SER C 276 35.97 -12.11 11.84
N GLU C 277 35.20 -11.06 12.16
CA GLU C 277 35.63 -9.72 11.80
C GLU C 277 36.90 -9.32 12.54
N ASN C 278 36.88 -9.41 13.86
CA ASN C 278 38.02 -9.05 14.71
C ASN C 278 38.06 -10.04 15.87
N ILE C 279 39.06 -10.92 15.85
CA ILE C 279 39.18 -11.94 16.89
C ILE C 279 39.38 -11.31 18.26
N THR C 280 40.09 -10.18 18.32
CA THR C 280 40.31 -9.51 19.60
C THR C 280 39.01 -8.96 20.18
N ASN C 281 38.07 -8.56 19.32
CA ASN C 281 36.78 -8.03 19.76
C ASN C 281 35.82 -9.19 19.95
N ASN C 282 35.41 -9.42 21.20
CA ASN C 282 34.49 -10.51 21.51
C ASN C 282 33.11 -10.29 20.88
N VAL C 283 32.72 -9.04 20.64
CA VAL C 283 31.37 -8.76 20.17
C VAL C 283 31.17 -9.26 18.74
N LYS C 284 32.24 -9.34 17.95
CA LYS C 284 32.12 -9.76 16.56
C LYS C 284 31.65 -11.21 16.47
N ASN C 285 30.88 -11.50 15.42
CA ASN C 285 30.34 -12.83 15.24
C ASN C 285 31.41 -13.77 14.71
N ILE C 286 31.48 -14.96 15.30
CA ILE C 286 32.38 -16.03 14.90
C ILE C 286 31.59 -16.97 14.00
N ILE C 287 31.88 -16.93 12.70
CA ILE C 287 31.21 -17.79 11.74
C ILE C 287 31.96 -19.11 11.68
N VAL C 288 31.21 -20.21 11.58
CA VAL C 288 31.76 -21.56 11.53
C VAL C 288 31.06 -22.29 10.39
N GLN C 289 31.79 -23.22 9.76
CA GLN C 289 31.28 -24.01 8.66
C GLN C 289 31.89 -25.41 8.75
N LEU C 290 31.06 -26.39 9.08
CA LEU C 290 31.50 -27.74 9.40
C LEU C 290 31.87 -28.50 8.13
N ASN C 291 32.19 -29.79 8.28
CA ASN C 291 32.50 -30.68 7.17
C ASN C 291 31.79 -32.02 7.32
N GLU C 292 30.62 -32.02 7.98
CA GLU C 292 29.79 -33.22 8.08
C GLU C 292 28.42 -32.80 8.59
N THR C 293 27.37 -33.37 7.99
CA THR C 293 26.00 -33.00 8.28
C THR C 293 25.41 -33.90 9.37
N VAL C 294 24.35 -33.40 10.01
CA VAL C 294 23.64 -34.09 11.07
C VAL C 294 22.17 -33.74 10.95
N THR C 295 21.30 -34.69 11.25
CA THR C 295 19.86 -34.54 11.08
C THR C 295 19.25 -33.94 12.34
N ILE C 296 18.71 -32.73 12.23
CA ILE C 296 17.99 -32.04 13.30
C ILE C 296 16.53 -32.00 12.88
N ASN C 297 15.64 -32.57 13.70
CA ASN C 297 14.23 -32.77 13.33
C ASN C 297 13.34 -32.10 14.37
N CYS C 298 12.88 -30.88 14.09
CA CYS C 298 11.81 -30.26 14.88
C CYS C 298 10.46 -30.54 14.22
N THR C 299 9.49 -30.99 15.03
CA THR C 299 8.32 -31.70 14.53
C THR C 299 7.08 -31.32 15.34
N ARG C 300 5.98 -31.14 14.61
CA ARG C 300 4.63 -31.12 15.19
C ARG C 300 3.88 -32.30 14.57
N PRO C 301 3.81 -33.47 15.25
CA PRO C 301 3.12 -34.60 14.62
C PRO C 301 1.63 -34.42 14.47
N ASN C 302 0.95 -33.90 15.49
CA ASN C 302 -0.51 -33.81 15.46
C ASN C 302 -0.97 -32.88 14.34
N ASN C 303 -2.08 -33.25 13.71
CA ASN C 303 -2.56 -32.57 12.52
C ASN C 303 -3.10 -31.18 12.86
N ASN C 304 -3.14 -30.33 11.83
CA ASN C 304 -3.73 -28.99 11.89
C ASN C 304 -5.05 -28.99 11.13
N THR C 305 -5.78 -27.88 11.27
CA THR C 305 -7.10 -27.71 10.66
C THR C 305 -7.22 -26.30 10.10
N ARG C 306 -7.99 -26.17 9.03
CA ARG C 306 -8.22 -24.90 8.32
C ARG C 306 -9.71 -24.65 8.20
N LYS C 307 -10.09 -23.38 8.30
CA LYS C 307 -11.48 -22.96 8.13
C LYS C 307 -11.47 -21.58 7.47
N SER C 308 -12.06 -21.49 6.28
CA SER C 308 -12.13 -20.25 5.52
C SER C 308 -13.38 -19.49 5.93
N VAL C 309 -13.20 -18.44 6.72
CA VAL C 309 -14.28 -17.59 7.19
C VAL C 309 -14.27 -16.32 6.33
N ARG C 310 -15.31 -16.15 5.53
CA ARG C 310 -15.39 -15.00 4.63
C ARG C 310 -15.68 -13.73 5.44
N ILE C 311 -14.78 -12.76 5.33
CA ILE C 311 -14.89 -11.49 6.07
C ILE C 311 -15.55 -10.43 5.20
N GLY C 312 -15.43 -10.55 3.87
CA GLY C 312 -15.93 -9.55 2.97
C GLY C 312 -16.30 -10.10 1.60
N PRO C 313 -16.55 -9.22 0.64
CA PRO C 313 -16.87 -9.68 -0.72
C PRO C 313 -15.63 -10.21 -1.44
N GLY C 314 -15.26 -11.44 -1.10
CA GLY C 314 -14.06 -12.10 -1.62
C GLY C 314 -12.92 -12.17 -0.63
N GLN C 315 -13.02 -11.50 0.53
CA GLN C 315 -12.00 -11.57 1.56
C GLN C 315 -12.35 -12.67 2.54
N THR C 316 -11.37 -13.53 2.85
CA THR C 316 -11.58 -14.64 3.76
C THR C 316 -10.30 -14.88 4.56
N PHE C 317 -10.49 -15.28 5.81
CA PHE C 317 -9.39 -15.60 6.72
C PHE C 317 -9.35 -17.11 6.96
N TYR C 318 -8.14 -17.65 7.02
CA TYR C 318 -7.91 -19.09 7.21
C TYR C 318 -7.60 -19.33 8.68
N ALA C 319 -8.66 -19.56 9.47
CA ALA C 319 -8.52 -19.77 10.91
C ALA C 319 -8.24 -21.25 11.20
N THR C 320 -7.72 -21.49 12.40
CA THR C 320 -7.39 -22.84 12.86
C THR C 320 -8.62 -23.44 13.53
N GLY C 321 -9.25 -24.42 12.88
CA GLY C 321 -10.43 -25.05 13.41
C GLY C 321 -10.11 -26.00 14.54
N ASP C 322 -11.15 -26.72 14.99
CA ASP C 322 -10.99 -27.70 16.05
C ASP C 322 -10.12 -28.86 15.57
N ILE C 323 -9.00 -29.08 16.26
CA ILE C 323 -8.07 -30.14 15.88
C ILE C 323 -8.65 -31.49 16.29
N ILE C 324 -8.43 -32.49 15.45
CA ILE C 324 -8.95 -33.85 15.69
C ILE C 324 -7.92 -34.62 16.51
N GLY C 325 -8.41 -35.39 17.47
CA GLY C 325 -7.56 -36.26 18.25
C GLY C 325 -6.89 -35.54 19.41
N ASP C 326 -5.98 -36.28 20.05
CA ASP C 326 -5.21 -35.74 21.17
C ASP C 326 -4.24 -34.69 20.65
N ILE C 327 -4.31 -33.48 21.23
CA ILE C 327 -3.46 -32.38 20.79
C ILE C 327 -2.17 -32.47 21.60
N ARG C 328 -1.23 -33.26 21.10
CA ARG C 328 0.08 -33.35 21.71
C ARG C 328 0.94 -32.16 21.32
N GLN C 329 1.75 -31.70 22.27
CA GLN C 329 2.56 -30.51 22.04
C GLN C 329 3.66 -30.80 21.01
N ALA C 330 3.89 -29.83 20.13
CA ALA C 330 4.98 -29.93 19.17
C ALA C 330 6.32 -29.81 19.90
N HIS C 331 7.26 -30.67 19.52
CA HIS C 331 8.57 -30.73 20.19
C HIS C 331 9.62 -30.99 19.12
N CYS C 332 10.85 -31.32 19.52
CA CYS C 332 11.94 -31.43 18.57
C CYS C 332 12.96 -32.44 19.07
N ASN C 333 13.78 -32.92 18.13
CA ASN C 333 14.70 -34.03 18.35
C ASN C 333 16.03 -33.75 17.67
N VAL C 334 17.10 -34.21 18.33
CA VAL C 334 18.47 -34.09 17.82
C VAL C 334 19.23 -35.36 18.18
N SER C 335 20.05 -35.83 17.23
CA SER C 335 20.88 -37.01 17.43
C SER C 335 22.22 -36.57 18.01
N GLY C 336 22.56 -37.09 19.20
CA GLY C 336 23.74 -36.63 19.89
C GLY C 336 25.05 -37.22 19.42
N SER C 337 25.02 -38.36 18.72
CA SER C 337 26.27 -39.02 18.35
C SER C 337 27.01 -38.23 17.28
N GLN C 338 26.37 -38.03 16.13
CA GLN C 338 27.00 -37.24 15.07
C GLN C 338 27.19 -35.79 15.49
N TRP C 339 26.30 -35.27 16.34
CA TRP C 339 26.48 -33.91 16.83
C TRP C 339 27.72 -33.80 17.70
N ASN C 340 27.96 -34.78 18.58
CA ASN C 340 29.16 -34.76 19.39
C ASN C 340 30.40 -35.00 18.55
N ARG C 341 30.29 -35.77 17.47
CA ARG C 341 31.42 -35.93 16.56
C ARG C 341 31.75 -34.60 15.88
N ALA C 342 30.73 -33.88 15.40
CA ALA C 342 30.98 -32.57 14.81
C ALA C 342 31.53 -31.61 15.85
N LEU C 343 31.10 -31.73 17.10
CA LEU C 343 31.67 -30.91 18.17
C LEU C 343 33.13 -31.24 18.39
N HIS C 344 33.49 -32.53 18.32
CA HIS C 344 34.90 -32.93 18.42
C HIS C 344 35.71 -32.28 17.32
N GLN C 345 35.21 -32.33 16.08
CA GLN C 345 35.89 -31.69 14.96
C GLN C 345 36.05 -30.19 15.21
N VAL C 346 35.00 -29.54 15.71
CA VAL C 346 35.04 -28.09 15.91
C VAL C 346 36.04 -27.72 16.99
N VAL C 347 35.94 -28.37 18.15
CA VAL C 347 36.85 -28.04 19.26
C VAL C 347 38.29 -28.40 18.90
N GLY C 348 38.49 -29.37 17.99
CA GLY C 348 39.81 -29.52 17.39
C GLY C 348 40.18 -28.32 16.55
N GLN C 349 39.19 -27.72 15.87
CA GLN C 349 39.44 -26.53 15.06
C GLN C 349 39.47 -25.25 15.88
N LEU C 350 38.82 -25.20 17.05
CA LEU C 350 38.68 -23.95 17.79
C LEU C 350 39.98 -23.47 18.45
N ARG C 351 41.08 -24.20 18.34
CA ARG C 351 42.32 -23.83 19.01
C ARG C 351 43.02 -22.76 18.18
N GLU C 352 42.80 -21.48 18.54
CA GLU C 352 43.47 -20.41 17.82
C GLU C 352 44.90 -20.22 18.33
N TYR C 353 45.06 -19.89 19.62
CA TYR C 353 46.31 -20.13 20.34
C TYR C 353 45.95 -20.85 21.65
N TRP C 354 45.87 -22.18 21.61
CA TRP C 354 45.74 -23.02 22.81
C TRP C 354 45.83 -24.46 22.35
N ASN C 355 45.77 -25.41 23.30
CA ASN C 355 45.50 -26.80 22.96
C ASN C 355 44.30 -27.42 23.65
N THR C 356 44.02 -27.13 24.93
CA THR C 356 42.76 -27.57 25.54
C THR C 356 42.31 -26.56 26.59
N THR C 357 41.42 -25.64 26.20
CA THR C 357 40.53 -24.96 27.14
C THR C 357 39.42 -24.28 26.36
N ILE C 358 38.16 -24.55 26.69
CA ILE C 358 37.02 -23.82 26.14
C ILE C 358 35.83 -23.99 27.07
N ILE C 359 34.88 -23.06 27.00
CA ILE C 359 33.62 -23.13 27.70
C ILE C 359 32.52 -22.73 26.72
N PHE C 360 31.38 -23.43 26.80
CA PHE C 360 30.20 -23.16 25.96
C PHE C 360 29.02 -22.88 26.87
N LYS C 361 28.49 -21.66 26.79
CA LYS C 361 27.27 -21.23 27.49
C LYS C 361 26.22 -20.87 26.46
N ASN C 362 25.00 -20.60 26.93
CA ASN C 362 23.90 -20.25 26.06
C ASN C 362 23.83 -18.73 25.88
N SER C 363 22.80 -18.27 25.18
CA SER C 363 22.65 -16.85 24.88
C SER C 363 22.44 -16.04 26.15
N SER C 364 22.81 -14.75 26.09
CA SER C 364 22.66 -13.85 27.22
C SER C 364 21.24 -13.34 27.41
N GLY C 365 20.38 -13.46 26.39
CA GLY C 365 19.03 -12.96 26.43
C GLY C 365 18.85 -11.68 25.63
N GLY C 366 17.60 -11.39 25.29
CA GLY C 366 17.28 -10.23 24.47
C GLY C 366 16.05 -10.46 23.62
N ASP C 367 16.17 -10.20 22.32
CA ASP C 367 15.07 -10.46 21.40
C ASP C 367 14.75 -11.94 21.36
N LEU C 368 13.46 -12.25 21.16
CA LEU C 368 13.01 -13.64 21.18
C LEU C 368 13.65 -14.46 20.07
N GLU C 369 13.89 -13.85 18.91
CA GLU C 369 14.52 -14.58 17.82
C GLU C 369 15.97 -14.95 18.16
N ILE C 370 16.66 -14.10 18.91
CA ILE C 370 18.03 -14.40 19.29
C ILE C 370 18.09 -15.32 20.51
N THR C 371 17.07 -15.26 21.38
CA THR C 371 17.06 -16.10 22.58
C THR C 371 16.92 -17.58 22.26
N THR C 372 16.39 -17.93 21.09
CA THR C 372 16.17 -19.31 20.68
C THR C 372 16.62 -19.46 19.23
N HIS C 373 16.47 -20.68 18.69
CA HIS C 373 16.75 -20.97 17.28
C HIS C 373 15.43 -20.85 16.54
N SER C 374 15.19 -19.69 15.93
CA SER C 374 13.99 -19.45 15.16
C SER C 374 14.24 -19.83 13.71
N PHE C 375 13.22 -20.39 13.06
CA PHE C 375 13.29 -20.71 11.64
C PHE C 375 11.86 -20.87 11.13
N ASN C 376 11.72 -21.28 9.88
CA ASN C 376 10.44 -21.39 9.20
C ASN C 376 10.14 -22.86 8.89
N CYS C 377 8.86 -23.21 8.97
CA CYS C 377 8.41 -24.57 8.63
C CYS C 377 7.00 -24.42 8.08
N GLY C 378 6.88 -24.47 6.76
CA GLY C 378 5.60 -24.32 6.10
C GLY C 378 4.88 -23.03 6.44
N GLY C 379 5.62 -21.96 6.70
CA GLY C 379 5.06 -20.70 7.14
C GLY C 379 5.04 -20.54 8.64
N GLU C 380 4.82 -21.62 9.37
CA GLU C 380 4.82 -21.58 10.83
C GLU C 380 6.23 -21.25 11.32
N PHE C 381 6.37 -20.18 12.09
CA PHE C 381 7.68 -19.78 12.60
C PHE C 381 8.00 -20.67 13.79
N PHE C 382 8.80 -21.71 13.56
CA PHE C 382 9.17 -22.64 14.62
C PHE C 382 10.33 -22.03 15.39
N TYR C 383 10.10 -21.71 16.66
CA TYR C 383 11.14 -21.22 17.56
C TYR C 383 11.57 -22.43 18.39
N CYS C 384 12.46 -23.22 17.82
CA CYS C 384 12.96 -24.41 18.50
C CYS C 384 14.11 -24.01 19.43
N ASN C 385 14.15 -24.63 20.61
CA ASN C 385 14.99 -24.15 21.70
C ASN C 385 16.44 -24.57 21.49
N THR C 386 17.35 -23.60 21.58
CA THR C 386 18.79 -23.86 21.58
C THR C 386 19.34 -23.92 23.00
N SER C 387 18.89 -24.93 23.76
CA SER C 387 19.32 -25.16 25.13
C SER C 387 20.16 -26.40 25.30
N GLY C 388 19.97 -27.42 24.47
CA GLY C 388 20.82 -28.58 24.49
C GLY C 388 22.18 -28.40 23.87
N LEU C 389 22.50 -27.19 23.39
CA LEU C 389 23.79 -26.95 22.75
C LEU C 389 24.89 -26.75 23.79
N PHE C 390 24.70 -25.81 24.71
CA PHE C 390 25.75 -25.43 25.65
C PHE C 390 26.00 -26.48 26.73
N ASN C 391 25.13 -27.49 26.88
CA ASN C 391 25.31 -28.50 27.91
C ASN C 391 26.39 -29.49 27.48
N SER C 392 27.64 -29.01 27.53
CA SER C 392 28.80 -29.80 27.18
C SER C 392 30.04 -29.03 27.61
N ASN C 393 31.07 -29.78 28.01
CA ASN C 393 32.36 -29.21 28.42
C ASN C 393 33.46 -30.03 27.75
N TRP C 394 33.91 -29.57 26.58
CA TRP C 394 35.08 -30.12 25.91
C TRP C 394 36.34 -29.39 26.37
N THR C 395 36.56 -29.35 27.69
CA THR C 395 37.62 -28.53 28.25
C THR C 395 38.99 -29.19 28.10
N HIS C 396 39.12 -30.42 28.60
CA HIS C 396 40.39 -31.13 28.66
C HIS C 396 40.41 -32.38 27.79
N ASN C 397 39.42 -33.26 27.95
CA ASN C 397 39.34 -34.55 27.26
C ASN C 397 38.07 -34.57 26.41
N ASP C 398 38.25 -34.55 25.09
CA ASP C 398 37.10 -34.59 24.20
C ASP C 398 36.37 -35.93 24.30
N THR C 399 37.12 -37.02 24.49
CA THR C 399 36.50 -38.33 24.66
C THR C 399 35.63 -38.38 25.90
N ALA C 400 35.99 -37.62 26.95
CA ALA C 400 35.16 -37.57 28.14
C ALA C 400 33.80 -36.94 27.85
N SER C 401 33.75 -36.02 26.91
CA SER C 401 32.49 -35.40 26.48
C SER C 401 31.77 -36.20 25.40
N MET C 402 32.48 -37.11 24.71
CA MET C 402 31.83 -37.96 23.72
C MET C 402 31.11 -39.15 24.34
N LYS C 403 31.53 -39.58 25.52
CA LYS C 403 30.96 -40.75 26.19
C LYS C 403 29.51 -40.58 26.64
N PRO C 404 29.06 -39.36 27.09
CA PRO C 404 27.61 -39.14 27.35
C PRO C 404 26.78 -38.83 26.09
N ASN C 405 26.37 -39.89 25.39
CA ASN C 405 25.44 -39.72 24.27
C ASN C 405 24.17 -39.04 24.77
N ASP C 406 23.56 -38.23 23.91
CA ASP C 406 22.37 -37.44 24.26
C ASP C 406 21.43 -37.43 23.06
N THR C 407 20.48 -38.36 23.06
CA THR C 407 19.38 -38.35 22.08
C THR C 407 18.40 -37.27 22.52
N ILE C 408 18.73 -36.03 22.17
CA ILE C 408 18.13 -34.87 22.81
C ILE C 408 16.70 -34.69 22.30
N THR C 409 15.73 -35.05 23.14
CA THR C 409 14.33 -34.67 22.94
C THR C 409 14.08 -33.41 23.75
N LEU C 410 13.66 -32.35 23.07
CA LEU C 410 13.68 -31.00 23.62
C LEU C 410 12.41 -30.27 23.17
N PRO C 411 12.06 -29.16 23.84
CA PRO C 411 10.86 -28.43 23.42
C PRO C 411 11.16 -27.50 22.27
N CYS C 412 10.11 -27.20 21.50
CA CYS C 412 10.19 -26.26 20.39
C CYS C 412 8.86 -25.55 20.27
N ARG C 413 8.86 -24.23 20.48
CA ARG C 413 7.62 -23.46 20.38
C ARG C 413 7.30 -23.13 18.93
N ILE C 414 6.08 -22.63 18.72
CA ILE C 414 5.57 -22.29 17.39
C ILE C 414 4.93 -20.90 17.47
N LYS C 415 5.07 -20.13 16.39
CA LYS C 415 4.51 -18.79 16.29
C LYS C 415 3.89 -18.62 14.91
N GLN C 416 2.92 -17.70 14.82
CA GLN C 416 2.19 -17.40 13.60
C GLN C 416 2.60 -16.09 12.93
N ILE C 417 3.04 -15.10 13.71
CA ILE C 417 3.32 -13.76 13.22
C ILE C 417 4.75 -13.35 13.59
N ILE C 418 5.35 -12.50 12.76
CA ILE C 418 6.71 -12.03 13.00
C ILE C 418 6.91 -10.75 12.20
N ASN C 419 7.81 -9.89 12.68
CA ASN C 419 8.25 -8.71 11.96
C ASN C 419 9.55 -9.05 11.25
N MET C 420 9.48 -9.28 9.95
CA MET C 420 10.64 -9.70 9.18
C MET C 420 11.68 -8.59 9.12
N TRP C 421 12.92 -8.91 9.49
CA TRP C 421 14.03 -7.96 9.46
C TRP C 421 13.76 -6.74 10.32
N GLN C 422 13.09 -6.96 11.46
CA GLN C 422 12.72 -5.89 12.39
C GLN C 422 11.83 -4.84 11.73
N ARG C 423 11.03 -5.27 10.76
CA ARG C 423 10.09 -4.40 10.04
C ARG C 423 8.76 -4.45 10.78
N VAL C 424 8.54 -3.48 11.67
CA VAL C 424 7.32 -3.45 12.47
C VAL C 424 6.29 -2.71 11.62
N GLY C 425 5.58 -3.48 10.80
CA GLY C 425 4.64 -2.97 9.84
C GLY C 425 3.45 -3.89 9.64
N GLN C 426 3.09 -4.09 8.36
CA GLN C 426 2.01 -4.99 7.96
C GLN C 426 2.51 -6.42 8.07
N ALA C 427 2.45 -6.96 9.29
CA ALA C 427 2.88 -8.32 9.53
C ALA C 427 1.91 -9.30 8.87
N ILE C 428 2.29 -10.58 8.86
CA ILE C 428 1.55 -11.64 8.20
C ILE C 428 1.29 -12.77 9.19
N TYR C 429 0.06 -13.30 9.17
CA TYR C 429 -0.33 -14.44 9.99
C TYR C 429 -0.09 -15.72 9.19
N ALA C 430 0.77 -16.58 9.71
CA ALA C 430 1.03 -17.85 9.03
C ALA C 430 -0.23 -18.70 9.03
N PRO C 431 -0.62 -19.29 7.90
CA PRO C 431 -1.94 -19.94 7.85
C PRO C 431 -1.89 -21.38 8.33
N PRO C 432 -3.03 -22.05 8.42
CA PRO C 432 -3.02 -23.48 8.74
C PRO C 432 -2.31 -24.31 7.66
N ILE C 433 -1.65 -25.37 8.13
CA ILE C 433 -0.64 -26.12 7.38
C ILE C 433 -1.04 -27.58 7.22
N GLN C 434 -2.36 -27.83 7.15
CA GLN C 434 -3.03 -29.08 7.56
C GLN C 434 -2.27 -30.35 7.17
N GLY C 435 -2.09 -31.22 8.15
CA GLY C 435 -1.21 -32.37 8.06
C GLY C 435 -0.05 -32.26 9.03
N VAL C 436 0.70 -33.37 9.11
CA VAL C 436 1.81 -33.44 10.05
C VAL C 436 2.95 -32.55 9.56
N ILE C 437 3.64 -31.90 10.49
CA ILE C 437 4.72 -30.97 10.19
C ILE C 437 6.02 -31.58 10.70
N ARG C 438 7.03 -31.63 9.83
CA ARG C 438 8.30 -32.28 10.16
C ARG C 438 9.40 -31.54 9.40
N CYS C 439 10.12 -30.66 10.10
CA CYS C 439 11.29 -30.00 9.54
C CYS C 439 12.52 -30.78 10.01
N GLU C 440 12.96 -31.69 9.15
CA GLU C 440 14.24 -32.37 9.29
C GLU C 440 15.24 -31.69 8.38
N SER C 441 16.42 -31.39 8.90
CA SER C 441 17.40 -30.62 8.14
C SER C 441 18.82 -31.02 8.51
N ASN C 442 19.72 -30.82 7.55
CA ASN C 442 21.15 -30.98 7.79
C ASN C 442 21.67 -29.81 8.61
N ILE C 443 22.94 -29.91 9.01
CA ILE C 443 23.67 -28.82 9.64
C ILE C 443 24.92 -28.55 8.82
N THR C 444 25.24 -27.27 8.63
CA THR C 444 26.36 -26.85 7.80
C THR C 444 27.31 -25.91 8.54
N GLY C 445 26.80 -25.16 9.52
CA GLY C 445 27.65 -24.20 10.20
C GLY C 445 26.94 -23.58 11.38
N LEU C 446 27.60 -22.57 11.95
CA LEU C 446 27.08 -21.88 13.13
C LEU C 446 27.55 -20.44 13.14
N ILE C 447 26.86 -19.63 13.96
CA ILE C 447 27.22 -18.23 14.19
C ILE C 447 27.27 -18.04 15.70
N LEU C 448 28.47 -18.11 16.28
CA LEU C 448 28.65 -17.98 17.73
C LEU C 448 29.21 -16.60 18.07
N THR C 449 29.29 -16.32 19.36
CA THR C 449 29.81 -15.06 19.87
C THR C 449 30.55 -15.31 21.17
N ARG C 450 31.64 -14.58 21.38
CA ARG C 450 32.44 -14.68 22.58
C ARG C 450 31.92 -13.72 23.64
N ASP C 451 31.89 -14.18 24.89
CA ASP C 451 31.39 -13.36 25.99
C ASP C 451 32.37 -12.23 26.30
N GLY C 452 31.82 -11.06 26.61
CA GLY C 452 32.64 -9.95 27.05
C GLY C 452 33.20 -10.16 28.46
N GLY C 453 32.45 -10.84 29.31
CA GLY C 453 32.89 -11.11 30.67
C GLY C 453 33.75 -12.36 30.75
N GLY C 454 34.91 -12.33 30.11
CA GLY C 454 35.81 -13.47 30.10
C GLY C 454 37.25 -12.99 30.08
N ASN C 455 38.13 -13.79 30.68
CA ASN C 455 39.54 -13.45 30.74
C ASN C 455 40.17 -13.54 29.36
N ILE C 456 41.42 -13.10 29.27
CA ILE C 456 42.11 -13.03 27.99
C ILE C 456 42.61 -14.40 27.56
N ASN C 457 43.29 -15.11 28.48
CA ASN C 457 43.97 -16.38 28.18
C ASN C 457 43.46 -17.56 28.98
N GLU C 458 42.71 -17.35 30.05
CA GLU C 458 42.26 -18.48 30.87
C GLU C 458 41.27 -19.35 30.10
N SER C 459 40.15 -18.76 29.67
CA SER C 459 39.14 -19.50 28.92
C SER C 459 38.16 -18.54 28.26
N GLN C 460 37.87 -18.76 26.97
CA GLN C 460 36.93 -17.94 26.23
C GLN C 460 35.58 -18.64 26.18
N ILE C 461 34.54 -17.95 26.63
CA ILE C 461 33.19 -18.50 26.68
C ILE C 461 32.47 -18.14 25.39
N PHE C 462 32.06 -19.15 24.63
CA PHE C 462 31.30 -18.97 23.39
C PHE C 462 29.84 -19.33 23.62
N ARG C 463 28.96 -18.68 22.84
CA ARG C 463 27.53 -18.92 22.96
C ARG C 463 26.86 -18.58 21.64
N PRO C 464 25.72 -19.19 21.31
CA PRO C 464 25.11 -18.92 19.99
C PRO C 464 24.57 -17.50 19.91
N GLY C 465 24.73 -16.92 18.72
CA GLY C 465 24.21 -15.59 18.43
C GLY C 465 23.68 -15.48 17.02
N GLY C 466 22.43 -15.02 16.88
CA GLY C 466 21.75 -14.96 15.59
C GLY C 466 21.14 -13.60 15.30
N GLY C 467 21.81 -12.54 15.74
CA GLY C 467 21.30 -11.19 15.54
C GLY C 467 21.31 -10.76 14.09
N ASP C 468 22.50 -10.63 13.51
CA ASP C 468 22.63 -10.21 12.12
C ASP C 468 22.26 -11.39 11.22
N MET C 469 21.13 -11.27 10.52
CA MET C 469 20.73 -12.32 9.59
C MET C 469 21.69 -12.40 8.39
N ARG C 470 22.34 -11.29 8.05
CA ARG C 470 23.30 -11.29 6.94
C ARG C 470 24.44 -12.28 7.17
N ASP C 471 24.80 -12.51 8.43
CA ASP C 471 25.83 -13.50 8.74
C ASP C 471 25.42 -14.90 8.28
N ASN C 472 24.13 -15.21 8.30
CA ASN C 472 23.67 -16.52 7.84
C ASN C 472 23.80 -16.70 6.34
N TRP C 473 23.87 -15.60 5.58
CA TRP C 473 23.85 -15.65 4.12
C TRP C 473 25.25 -15.58 3.51
N ARG C 474 26.18 -14.86 4.14
CA ARG C 474 27.55 -14.78 3.66
C ARG C 474 28.40 -15.98 4.08
N SER C 475 27.80 -17.04 4.63
CA SER C 475 28.57 -18.21 5.04
C SER C 475 29.24 -18.88 3.85
N GLU C 476 28.54 -18.93 2.71
CA GLU C 476 29.06 -19.53 1.49
C GLU C 476 29.56 -18.50 0.48
N LEU C 477 29.29 -17.21 0.70
CA LEU C 477 29.73 -16.17 -0.22
C LEU C 477 31.19 -15.77 0.00
N TYR C 478 31.84 -16.26 1.06
CA TYR C 478 33.25 -15.94 1.25
C TYR C 478 34.12 -16.56 0.15
N LYS C 479 33.66 -17.65 -0.46
CA LYS C 479 34.38 -18.22 -1.58
C LYS C 479 34.28 -17.33 -2.81
N TYR C 480 33.08 -16.84 -3.12
CA TYR C 480 32.82 -16.07 -4.33
C TYR C 480 33.06 -14.58 -4.09
N LYS C 481 33.32 -13.87 -5.18
CA LYS C 481 33.43 -12.42 -5.13
C LYS C 481 33.21 -11.86 -6.52
N VAL C 482 32.41 -10.81 -6.62
CA VAL C 482 32.18 -10.16 -7.91
C VAL C 482 33.42 -9.38 -8.30
N VAL C 483 33.83 -9.51 -9.56
CA VAL C 483 35.06 -8.92 -10.07
C VAL C 483 34.76 -8.22 -11.39
N ARG C 484 35.45 -7.10 -11.62
CA ARG C 484 35.24 -6.27 -12.79
C ARG C 484 36.12 -6.73 -13.95
N ILE C 485 35.65 -6.45 -15.16
CA ILE C 485 36.37 -6.72 -16.40
C ILE C 485 36.72 -5.37 -17.00
N GLU C 486 38.00 -5.00 -16.93
CA GLU C 486 38.55 -3.81 -17.57
C GLU C 486 39.50 -4.25 -18.67
N PRO C 487 39.01 -4.61 -19.87
CA PRO C 487 39.89 -5.25 -20.86
C PRO C 487 40.98 -4.35 -21.42
N LEU C 488 40.94 -3.05 -21.16
CA LEU C 488 41.95 -2.15 -21.72
C LEU C 488 43.32 -2.46 -21.14
N GLY C 489 44.30 -2.59 -22.02
CA GLY C 489 45.68 -2.81 -21.59
C GLY C 489 46.62 -2.11 -22.53
N VAL C 490 47.80 -1.74 -22.01
CA VAL C 490 48.79 -0.95 -22.73
C VAL C 490 50.15 -1.60 -22.51
N ALA C 491 51.06 -1.40 -23.47
CA ALA C 491 52.43 -1.88 -23.30
C ALA C 491 53.33 -1.17 -24.30
N PRO C 492 54.62 -0.93 -23.97
CA PRO C 492 55.56 -0.42 -24.98
C PRO C 492 56.20 -1.53 -25.78
N THR C 493 56.20 -1.41 -27.12
CA THR C 493 56.82 -2.39 -28.00
C THR C 493 57.49 -1.62 -29.14
N LYS C 494 57.91 -2.35 -30.17
CA LYS C 494 58.64 -1.78 -31.30
C LYS C 494 57.76 -1.51 -32.52
N ALA C 495 56.57 -2.10 -32.59
CA ALA C 495 55.75 -2.00 -33.79
C ALA C 495 55.19 -0.58 -33.94
N LYS C 496 54.88 -0.22 -35.20
CA LYS C 496 54.37 1.10 -35.53
C LYS C 496 53.54 1.00 -36.80
N ARG C 497 52.45 1.77 -36.85
CA ARG C 497 51.56 1.74 -38.00
C ARG C 497 52.15 2.57 -39.14
N ARG C 498 51.41 2.64 -40.24
CA ARG C 498 51.85 3.42 -41.39
C ARG C 498 51.76 4.91 -41.08
N VAL C 499 52.70 5.67 -41.66
CA VAL C 499 52.74 7.13 -41.55
C VAL C 499 52.80 7.70 -42.96
N VAL C 500 51.97 8.70 -43.22
CA VAL C 500 51.96 9.31 -44.56
C VAL C 500 53.17 10.20 -44.75
N GLU C 501 53.54 10.97 -43.72
CA GLU C 501 54.71 11.84 -43.79
C GLU C 501 55.19 12.18 -42.39
N GLY C 516 38.53 -21.07 -21.71
CA GLY C 516 39.07 -19.77 -21.38
C GLY C 516 38.00 -18.69 -21.33
N PHE C 517 37.22 -18.70 -20.25
CA PHE C 517 36.16 -17.70 -20.07
C PHE C 517 36.75 -16.29 -20.02
N LEU C 518 37.61 -16.03 -19.05
CA LEU C 518 38.28 -14.75 -18.87
C LEU C 518 39.79 -14.92 -18.82
N GLY C 519 40.25 -16.06 -18.27
CA GLY C 519 41.64 -16.24 -17.92
C GLY C 519 42.42 -17.10 -18.89
N THR C 520 42.64 -18.37 -18.51
CA THR C 520 43.49 -19.34 -19.22
C THR C 520 44.86 -18.77 -19.59
N ALA C 521 45.38 -17.88 -18.74
CA ALA C 521 46.76 -17.42 -18.84
C ALA C 521 47.20 -17.07 -17.42
N GLY C 522 47.93 -17.97 -16.78
CA GLY C 522 48.28 -17.77 -15.38
C GLY C 522 49.26 -16.63 -15.18
N SER C 523 50.42 -16.71 -15.85
CA SER C 523 51.36 -15.60 -15.82
C SER C 523 52.08 -15.57 -17.18
N THR C 524 51.58 -14.73 -18.08
CA THR C 524 52.16 -14.54 -19.40
C THR C 524 51.72 -13.18 -19.92
N MET C 525 52.60 -12.54 -20.70
CA MET C 525 52.26 -11.30 -21.40
C MET C 525 52.55 -11.45 -22.89
N GLY C 526 53.60 -12.19 -23.24
CA GLY C 526 53.88 -12.48 -24.64
C GLY C 526 52.97 -13.55 -25.20
N ALA C 527 52.75 -14.61 -24.43
CA ALA C 527 51.82 -15.66 -24.80
C ALA C 527 50.36 -15.29 -24.55
N ALA C 528 50.09 -14.24 -23.77
CA ALA C 528 48.74 -13.80 -23.45
C ALA C 528 48.25 -12.70 -24.37
N SER C 529 48.76 -12.64 -25.61
CA SER C 529 48.35 -11.68 -26.61
C SER C 529 47.72 -12.32 -27.84
N ILE C 530 47.33 -13.60 -27.76
CA ILE C 530 46.71 -14.32 -28.86
C ILE C 530 45.31 -14.80 -28.50
N THR C 531 45.05 -14.99 -27.19
CA THR C 531 43.75 -15.43 -26.71
C THR C 531 42.80 -14.28 -26.38
N LEU C 532 43.09 -13.07 -26.87
CA LEU C 532 42.24 -11.94 -26.55
C LEU C 532 40.85 -12.07 -27.18
N THR C 533 40.76 -12.71 -28.34
CA THR C 533 39.47 -12.82 -29.01
C THR C 533 38.48 -13.67 -28.22
N VAL C 534 38.97 -14.63 -27.44
CA VAL C 534 38.06 -15.45 -26.66
C VAL C 534 37.35 -14.60 -25.61
N GLN C 535 38.03 -13.58 -25.08
CA GLN C 535 37.42 -12.67 -24.13
C GLN C 535 36.58 -11.61 -24.85
N VAL C 536 37.05 -11.14 -26.01
CA VAL C 536 36.33 -10.10 -26.73
C VAL C 536 34.98 -10.61 -27.20
N ARG C 537 34.93 -11.84 -27.74
CA ARG C 537 33.66 -12.40 -28.19
C ARG C 537 32.68 -12.57 -27.05
N LYS C 538 33.19 -12.92 -25.87
CA LYS C 538 32.38 -13.06 -24.67
C LYS C 538 32.33 -11.79 -23.83
N LEU C 539 32.73 -10.64 -24.40
CA LEU C 539 32.73 -9.38 -23.65
C LEU C 539 31.34 -8.77 -23.63
N LEU C 540 30.76 -8.50 -24.81
CA LEU C 540 29.44 -7.91 -24.96
C LEU C 540 28.40 -8.97 -25.31
N SER C 541 28.57 -10.19 -24.78
CA SER C 541 27.74 -11.34 -25.12
C SER C 541 26.65 -11.59 -24.08
N GLY C 542 26.16 -10.53 -23.43
CA GLY C 542 25.06 -10.65 -22.49
C GLY C 542 23.74 -11.05 -23.13
N ILE C 543 23.62 -10.96 -24.46
CA ILE C 543 22.42 -11.40 -25.15
C ILE C 543 22.20 -12.90 -24.95
N VAL C 544 23.29 -13.66 -24.78
CA VAL C 544 23.17 -15.09 -24.50
C VAL C 544 22.44 -15.31 -23.17
N GLN C 545 22.74 -14.48 -22.17
CA GLN C 545 22.04 -14.56 -20.90
C GLN C 545 20.60 -14.05 -21.03
N GLN C 546 20.36 -13.09 -21.93
CA GLN C 546 19.03 -12.51 -22.07
C GLN C 546 18.08 -13.39 -22.87
N GLN C 547 18.60 -14.21 -23.80
CA GLN C 547 17.73 -14.97 -24.69
C GLN C 547 16.86 -15.97 -23.92
N SER C 548 17.36 -16.49 -22.80
CA SER C 548 16.62 -17.49 -22.03
C SER C 548 15.58 -16.88 -21.07
N ASN C 549 15.42 -15.56 -21.03
CA ASN C 549 14.52 -14.95 -20.05
C ASN C 549 13.08 -15.38 -20.26
N LEU C 550 12.54 -15.10 -21.44
CA LEU C 550 11.15 -15.47 -21.79
C LEU C 550 10.14 -14.80 -20.85
N LEU C 551 10.37 -13.53 -20.55
CA LEU C 551 9.47 -12.71 -19.74
C LEU C 551 8.35 -12.10 -20.59
N ARG C 552 7.60 -12.92 -21.33
CA ARG C 552 6.65 -12.37 -22.28
C ARG C 552 5.57 -11.51 -21.60
N ALA C 553 4.74 -12.12 -20.75
CA ALA C 553 4.20 -11.47 -19.56
C ALA C 553 4.41 -12.28 -18.28
N ILE C 554 4.30 -13.61 -18.37
CA ILE C 554 4.12 -14.51 -17.24
C ILE C 554 4.84 -15.80 -17.59
N GLU C 555 5.22 -16.58 -16.57
CA GLU C 555 5.76 -17.92 -16.81
C GLU C 555 4.91 -19.08 -16.31
N ALA C 556 4.52 -19.13 -15.03
CA ALA C 556 4.22 -20.48 -14.52
C ALA C 556 2.75 -20.91 -14.57
N GLN C 557 1.84 -20.20 -13.90
CA GLN C 557 0.40 -20.36 -14.11
C GLN C 557 -0.29 -19.09 -14.59
N GLN C 558 -0.12 -17.99 -13.86
CA GLN C 558 -0.71 -16.67 -14.11
C GLN C 558 -0.11 -15.74 -13.08
N HIS C 559 -0.24 -14.43 -13.32
CA HIS C 559 0.33 -13.44 -12.43
C HIS C 559 -0.36 -12.09 -12.67
N LEU C 560 -0.09 -11.17 -11.76
CA LEU C 560 -0.41 -9.75 -11.93
C LEU C 560 0.69 -9.13 -12.81
N LEU C 561 0.68 -7.80 -12.91
CA LEU C 561 1.70 -7.07 -13.66
C LEU C 561 3.11 -7.54 -13.30
N LYS C 562 3.46 -7.47 -12.00
CA LYS C 562 4.63 -8.13 -11.44
C LYS C 562 5.92 -7.69 -12.15
N LEU C 563 6.20 -6.39 -12.07
CA LEU C 563 7.44 -5.84 -12.61
C LEU C 563 7.83 -4.68 -11.71
N THR C 564 8.99 -4.83 -11.07
CA THR C 564 9.37 -4.09 -9.88
C THR C 564 10.85 -3.76 -10.01
N VAL C 565 11.46 -3.31 -8.90
CA VAL C 565 12.87 -2.89 -8.86
C VAL C 565 13.79 -3.95 -9.45
N TRP C 566 13.48 -5.23 -9.27
CA TRP C 566 14.35 -6.30 -9.76
C TRP C 566 14.50 -6.24 -11.28
N GLY C 567 13.39 -6.33 -12.02
CA GLY C 567 13.47 -6.37 -13.47
C GLY C 567 13.97 -5.06 -14.07
N ILE C 568 13.47 -3.94 -13.57
CA ILE C 568 13.85 -2.65 -14.13
C ILE C 568 15.32 -2.34 -13.85
N LYS C 569 15.82 -2.70 -12.66
CA LYS C 569 17.23 -2.48 -12.38
C LYS C 569 18.11 -3.48 -13.12
N GLN C 570 17.59 -4.69 -13.39
CA GLN C 570 18.32 -5.60 -14.26
C GLN C 570 18.46 -5.02 -15.66
N LEU C 571 17.38 -4.43 -16.19
CA LEU C 571 17.46 -3.79 -17.50
C LEU C 571 18.39 -2.59 -17.46
N GLN C 572 18.39 -1.84 -16.36
CA GLN C 572 19.31 -0.72 -16.20
C GLN C 572 20.76 -1.20 -16.19
N ALA C 573 21.03 -2.32 -15.52
CA ALA C 573 22.37 -2.88 -15.50
C ALA C 573 22.79 -3.35 -16.89
N ARG C 574 21.87 -3.97 -17.63
CA ARG C 574 22.14 -4.33 -19.02
C ARG C 574 22.51 -3.10 -19.84
N VAL C 575 21.70 -2.05 -19.72
CA VAL C 575 21.92 -0.83 -20.51
C VAL C 575 23.25 -0.20 -20.15
N LEU C 576 23.60 -0.17 -18.85
CA LEU C 576 24.84 0.46 -18.44
C LEU C 576 26.05 -0.36 -18.86
N ALA C 577 25.98 -1.69 -18.73
CA ALA C 577 27.08 -2.53 -19.17
C ALA C 577 27.28 -2.42 -20.67
N VAL C 578 26.18 -2.26 -21.43
CA VAL C 578 26.31 -2.05 -22.87
C VAL C 578 26.91 -0.68 -23.14
N GLU C 579 26.49 0.34 -22.39
CA GLU C 579 26.92 1.71 -22.65
C GLU C 579 28.41 1.87 -22.36
N ARG C 580 28.92 1.18 -21.34
CA ARG C 580 30.34 1.24 -21.00
C ARG C 580 31.20 0.84 -22.20
N TYR C 581 30.97 -0.37 -22.71
CA TYR C 581 31.76 -0.84 -23.84
C TYR C 581 31.40 -0.11 -25.13
N LEU C 582 30.20 0.47 -25.23
CA LEU C 582 29.89 1.33 -26.37
C LEU C 582 30.77 2.58 -26.37
N ARG C 583 30.92 3.22 -25.22
CA ARG C 583 31.81 4.38 -25.13
C ARG C 583 33.25 3.97 -25.31
N ASP C 584 33.62 2.76 -24.86
CA ASP C 584 34.95 2.24 -25.12
C ASP C 584 35.21 2.13 -26.63
N GLN C 585 34.27 1.50 -27.35
CA GLN C 585 34.43 1.36 -28.79
C GLN C 585 34.41 2.71 -29.49
N GLN C 586 33.66 3.68 -28.94
CA GLN C 586 33.72 5.04 -29.46
C GLN C 586 35.11 5.63 -29.31
N LEU C 587 35.74 5.41 -28.16
CA LEU C 587 37.11 5.87 -27.97
C LEU C 587 38.08 5.15 -28.90
N LEU C 588 37.82 3.86 -29.16
CA LEU C 588 38.61 3.13 -30.15
C LEU C 588 38.52 3.80 -31.52
N GLY C 589 37.29 4.06 -31.97
CA GLY C 589 37.11 4.74 -33.24
C GLY C 589 37.72 6.13 -33.27
N ILE C 590 37.73 6.81 -32.13
CA ILE C 590 38.42 8.10 -32.02
C ILE C 590 39.91 7.91 -32.26
N TRP C 591 40.50 6.94 -31.56
CA TRP C 591 41.91 6.60 -31.76
C TRP C 591 42.17 5.82 -33.04
N GLY C 592 41.12 5.34 -33.72
CA GLY C 592 41.30 4.55 -34.92
C GLY C 592 41.58 3.10 -34.70
N CYS C 593 41.27 2.57 -33.50
CA CYS C 593 41.54 1.19 -33.13
C CYS C 593 40.31 0.29 -33.26
N SER C 594 39.21 0.79 -33.83
CA SER C 594 38.01 -0.03 -33.96
C SER C 594 38.14 -1.13 -35.01
N GLY C 595 39.22 -1.17 -35.78
CA GLY C 595 39.41 -2.20 -36.79
C GLY C 595 39.91 -3.51 -36.21
N LYS C 596 40.85 -3.42 -35.27
CA LYS C 596 41.43 -4.61 -34.65
C LYS C 596 41.86 -4.27 -33.23
N LEU C 597 42.19 -5.32 -32.46
CA LEU C 597 42.60 -5.12 -31.09
C LEU C 597 44.03 -4.56 -31.02
N ILE C 598 44.97 -5.24 -31.69
CA ILE C 598 46.36 -4.77 -31.70
C ILE C 598 46.43 -3.48 -32.50
N CYS C 599 46.85 -2.40 -31.83
CA CYS C 599 46.92 -1.07 -32.45
C CYS C 599 48.18 -0.39 -31.97
N THR C 600 49.08 -0.09 -32.89
CA THR C 600 50.31 0.63 -32.58
C THR C 600 50.03 2.13 -32.54
N THR C 601 51.06 2.90 -32.19
CA THR C 601 50.96 4.35 -32.06
C THR C 601 52.23 4.99 -32.56
N ASN C 602 52.09 6.26 -32.98
CA ASN C 602 53.22 7.12 -33.30
C ASN C 602 53.74 7.89 -32.09
N VAL C 603 53.38 7.47 -30.88
CA VAL C 603 53.70 8.17 -29.64
C VAL C 603 54.79 7.39 -28.91
N PRO C 604 56.08 7.71 -29.06
CA PRO C 604 57.09 7.02 -28.27
C PRO C 604 57.07 7.52 -26.83
N TRP C 605 57.03 6.58 -25.89
CA TRP C 605 56.85 6.93 -24.49
C TRP C 605 58.06 7.70 -23.96
N ASN C 606 57.78 8.76 -23.20
CA ASN C 606 58.83 9.54 -22.57
C ASN C 606 59.37 8.81 -21.35
N SER C 607 60.68 8.90 -21.15
CA SER C 607 61.37 8.13 -20.13
C SER C 607 61.12 8.76 -18.77
N SER C 608 59.97 8.38 -18.18
CA SER C 608 59.56 8.85 -16.86
C SER C 608 59.31 7.72 -15.86
N TRP C 609 58.99 6.51 -16.33
CA TRP C 609 58.82 5.38 -15.43
C TRP C 609 60.17 4.97 -14.83
N SER C 610 60.11 3.98 -13.94
CA SER C 610 61.33 3.41 -13.36
C SER C 610 62.06 2.57 -14.41
N ASN C 611 63.17 1.96 -14.01
CA ASN C 611 63.96 1.15 -14.92
C ASN C 611 63.15 -0.05 -15.39
N LYS C 612 63.24 -0.35 -16.69
CA LYS C 612 62.46 -1.41 -17.31
C LYS C 612 63.22 -1.93 -18.51
N SER C 613 62.72 -3.05 -19.04
CA SER C 613 63.24 -3.64 -20.27
C SER C 613 62.08 -4.22 -21.06
N GLU C 614 62.29 -4.36 -22.37
CA GLU C 614 61.22 -4.83 -23.24
C GLU C 614 60.85 -6.27 -22.96
N ARG C 615 61.80 -7.10 -22.56
CA ARG C 615 61.58 -8.53 -22.34
C ARG C 615 61.27 -8.87 -20.90
N GLU C 616 62.09 -8.37 -19.95
CA GLU C 616 61.91 -8.73 -18.54
C GLU C 616 60.56 -8.31 -18.00
N ILE C 617 59.93 -7.29 -18.59
CA ILE C 617 58.59 -6.90 -18.17
C ILE C 617 57.56 -7.97 -18.52
N TRP C 618 57.84 -8.83 -19.50
CA TRP C 618 56.83 -9.72 -20.04
C TRP C 618 56.67 -11.01 -19.24
N GLU C 619 57.67 -11.41 -18.46
CA GLU C 619 57.69 -12.70 -17.79
C GLU C 619 57.11 -12.64 -16.38
N ASN C 620 57.62 -11.73 -15.55
CA ASN C 620 57.44 -11.78 -14.10
C ASN C 620 56.31 -10.87 -13.60
N MET C 621 55.29 -10.67 -14.42
CA MET C 621 54.12 -9.91 -13.98
C MET C 621 52.96 -10.20 -14.93
N THR C 622 51.80 -10.49 -14.35
CA THR C 622 50.66 -10.99 -15.13
C THR C 622 49.76 -9.85 -15.61
N TRP C 623 50.32 -8.87 -16.31
CA TRP C 623 49.60 -7.80 -16.99
C TRP C 623 48.93 -6.80 -16.04
N LEU C 624 49.01 -7.00 -14.73
CA LEU C 624 48.32 -6.19 -13.72
C LEU C 624 49.27 -5.51 -12.77
N GLN C 625 50.34 -6.18 -12.35
CA GLN C 625 51.38 -5.52 -11.56
C GLN C 625 52.01 -4.38 -12.34
N TRP C 626 52.11 -4.53 -13.66
CA TRP C 626 52.56 -3.43 -14.50
C TRP C 626 51.53 -2.30 -14.55
N ASP C 627 50.25 -2.64 -14.52
CA ASP C 627 49.21 -1.61 -14.52
C ASP C 627 49.22 -0.78 -13.24
N LYS C 628 49.69 -1.37 -12.13
CA LYS C 628 49.81 -0.62 -10.89
C LYS C 628 50.80 0.54 -11.03
N GLU C 629 51.82 0.38 -11.86
CA GLU C 629 52.74 1.48 -12.12
C GLU C 629 52.07 2.60 -12.91
N ILE C 630 51.04 2.28 -13.70
CA ILE C 630 50.39 3.23 -14.59
C ILE C 630 49.08 3.75 -13.99
N SER C 631 48.92 3.62 -12.66
CA SER C 631 47.69 4.07 -12.01
C SER C 631 47.53 5.58 -12.14
N ASN C 632 48.58 6.33 -11.79
CA ASN C 632 48.54 7.78 -11.93
C ASN C 632 48.77 8.23 -13.36
N TYR C 633 49.55 7.48 -14.14
CA TYR C 633 49.96 7.87 -15.49
C TYR C 633 49.06 7.31 -16.58
N THR C 634 47.84 6.87 -16.24
CA THR C 634 46.93 6.36 -17.26
C THR C 634 46.33 7.50 -18.08
N HIS C 635 45.85 8.55 -17.40
CA HIS C 635 45.21 9.65 -18.09
C HIS C 635 46.19 10.40 -18.98
N ILE C 636 47.46 10.47 -18.58
CA ILE C 636 48.48 11.13 -19.40
C ILE C 636 48.63 10.41 -20.74
N ILE C 637 48.78 9.08 -20.69
CA ILE C 637 48.94 8.31 -21.92
C ILE C 637 47.66 8.36 -22.75
N TYR C 638 46.50 8.37 -22.09
CA TYR C 638 45.24 8.51 -22.81
C TYR C 638 45.20 9.82 -23.60
N GLU C 639 45.50 10.94 -22.94
CA GLU C 639 45.49 12.23 -23.61
C GLU C 639 46.54 12.28 -24.72
N LEU C 640 47.72 11.70 -24.47
CA LEU C 640 48.76 11.70 -25.48
C LEU C 640 48.34 10.95 -26.73
N ILE C 641 47.77 9.75 -26.55
CA ILE C 641 47.33 8.97 -27.70
C ILE C 641 46.17 9.67 -28.40
N GLU C 642 45.30 10.32 -27.65
CA GLU C 642 44.16 10.98 -28.27
C GLU C 642 44.58 12.22 -29.06
N GLU C 643 45.63 12.91 -28.63
CA GLU C 643 46.03 14.16 -29.28
C GLU C 643 47.08 13.95 -30.37
N SER C 644 48.23 13.36 -30.01
CA SER C 644 49.35 13.31 -30.93
C SER C 644 49.08 12.39 -32.12
N GLN C 645 48.68 11.14 -31.83
CA GLN C 645 48.45 10.18 -32.89
C GLN C 645 47.28 10.59 -33.79
N LYS C 646 46.31 11.31 -33.23
CA LYS C 646 45.09 11.64 -33.98
C LYS C 646 45.23 12.91 -34.80
N GLN C 647 45.61 14.02 -34.16
CA GLN C 647 45.59 15.31 -34.85
C GLN C 647 46.73 15.43 -35.87
N GLN C 648 47.85 14.75 -35.64
CA GLN C 648 49.03 14.87 -36.49
C GLN C 648 49.01 13.90 -37.67
N GLU C 649 47.85 13.37 -38.03
CA GLU C 649 47.73 12.43 -39.15
C GLU C 649 47.54 13.22 -40.44
N LYS C 650 48.52 13.17 -41.33
CA LYS C 650 48.42 13.87 -42.59
C LYS C 650 47.43 13.15 -43.52
N ASN C 651 47.10 13.81 -44.64
CA ASN C 651 46.01 13.35 -45.49
C ASN C 651 46.49 12.43 -46.61
N GLU C 652 47.41 12.91 -47.45
CA GLU C 652 47.85 12.19 -48.64
C GLU C 652 49.31 12.54 -48.93
N GLN C 653 49.82 12.00 -50.03
CA GLN C 653 51.10 12.38 -50.62
C GLN C 653 50.84 13.04 -51.97
N GLU C 654 51.91 13.43 -52.64
CA GLU C 654 51.84 14.24 -53.87
C GLU C 654 52.31 13.51 -55.12
N LEU C 655 53.51 12.95 -55.11
CA LEU C 655 54.20 12.48 -56.31
C LEU C 655 54.34 10.96 -56.41
N LEU C 656 54.71 10.30 -55.32
CA LEU C 656 55.06 8.88 -55.35
C LEU C 656 53.81 8.04 -55.07
N GLU C 657 53.20 7.53 -56.14
CA GLU C 657 52.10 6.56 -56.05
C GLU C 657 52.31 5.54 -57.16
N LEU C 658 51.29 4.70 -57.38
CA LEU C 658 51.39 3.64 -58.38
C LEU C 658 51.52 4.23 -59.79
N ASP C 659 50.83 5.33 -60.06
CA ASP C 659 50.90 5.99 -61.37
C ASP C 659 52.32 6.45 -61.71
N GLN D 20 -11.97 -11.01 40.25
CA GLN D 20 -13.12 -10.21 39.72
C GLN D 20 -13.11 -8.80 40.30
N GLU D 21 -13.98 -7.96 39.77
CA GLU D 21 -14.06 -6.56 40.18
C GLU D 21 -14.76 -6.47 41.52
N GLN D 22 -14.01 -6.15 42.57
CA GLN D 22 -14.47 -6.18 43.95
C GLN D 22 -14.38 -4.78 44.56
N LEU D 23 -15.35 -4.47 45.43
CA LEU D 23 -15.38 -3.23 46.20
C LEU D 23 -15.63 -3.57 47.66
N VAL D 24 -14.93 -2.88 48.55
CA VAL D 24 -14.98 -3.13 49.99
C VAL D 24 -15.09 -1.80 50.71
N GLU D 25 -16.16 -1.62 51.48
CA GLU D 25 -16.35 -0.42 52.29
C GLU D 25 -15.76 -0.63 53.68
N SER D 26 -15.40 0.50 54.31
CA SER D 26 -14.82 0.46 55.66
C SER D 26 -14.91 1.85 56.25
N GLY D 27 -14.64 1.93 57.56
CA GLY D 27 -14.68 3.16 58.31
C GLY D 27 -15.99 3.41 59.03
N GLY D 28 -17.09 2.82 58.55
CA GLY D 28 -18.36 3.00 59.23
C GLY D 28 -18.36 2.37 60.60
N GLY D 29 -19.10 3.00 61.51
CA GLY D 29 -19.17 2.52 62.88
C GLY D 29 -20.14 3.37 63.66
N VAL D 30 -20.34 2.99 64.92
CA VAL D 30 -21.26 3.73 65.78
C VAL D 30 -20.67 5.11 66.06
N VAL D 31 -21.50 6.15 65.87
CA VAL D 31 -21.13 7.54 66.10
C VAL D 31 -22.34 8.25 66.70
N GLN D 32 -22.14 9.54 67.02
CA GLN D 32 -23.15 10.42 67.59
C GLN D 32 -23.38 11.63 66.67
N PRO D 33 -24.57 12.24 66.69
CA PRO D 33 -24.81 13.37 65.79
C PRO D 33 -23.96 14.58 66.14
N GLY D 34 -23.76 15.43 65.13
CA GLY D 34 -22.94 16.61 65.26
C GLY D 34 -21.46 16.40 64.95
N GLY D 35 -20.99 15.16 64.98
CA GLY D 35 -19.61 14.86 64.66
C GLY D 35 -19.37 14.70 63.17
N SER D 36 -18.52 13.73 62.81
CA SER D 36 -18.21 13.47 61.41
C SER D 36 -17.82 12.01 61.28
N LEU D 37 -17.48 11.60 60.06
CA LEU D 37 -17.13 10.21 59.78
C LEU D 37 -16.44 10.15 58.43
N ARG D 38 -15.56 9.17 58.28
CA ARG D 38 -14.77 8.96 57.06
C ARG D 38 -15.05 7.54 56.57
N LEU D 39 -15.86 7.43 55.51
CA LEU D 39 -16.15 6.15 54.88
C LEU D 39 -15.22 5.98 53.68
N SER D 40 -14.43 4.91 53.69
CA SER D 40 -13.45 4.61 52.66
C SER D 40 -13.87 3.36 51.91
N CYS D 41 -13.98 3.48 50.59
CA CYS D 41 -14.39 2.39 49.70
C CYS D 41 -13.21 2.05 48.81
N LEU D 42 -12.54 0.93 49.11
CA LEU D 42 -11.45 0.43 48.29
C LEU D 42 -12.00 -0.45 47.17
N ALA D 43 -11.22 -0.54 46.09
CA ALA D 43 -11.64 -1.25 44.89
C ALA D 43 -10.47 -2.05 44.34
N SER D 44 -10.80 -3.10 43.60
CA SER D 44 -9.79 -3.95 42.99
C SER D 44 -10.41 -4.67 41.80
N GLY D 45 -9.55 -5.19 40.93
CA GLY D 45 -9.98 -5.92 39.77
C GLY D 45 -10.31 -5.08 38.56
N PHE D 46 -10.01 -3.79 38.57
CA PHE D 46 -10.25 -2.94 37.42
C PHE D 46 -9.49 -1.63 37.61
N THR D 47 -9.52 -0.80 36.58
CA THR D 47 -8.83 0.50 36.59
C THR D 47 -9.76 1.52 37.22
N PHE D 48 -9.58 1.74 38.53
CA PHE D 48 -10.41 2.66 39.29
C PHE D 48 -10.18 4.13 38.93
N HIS D 49 -9.18 4.44 38.10
CA HIS D 49 -8.77 5.83 37.87
C HIS D 49 -9.86 6.70 37.27
N LYS D 50 -10.90 6.10 36.65
CA LYS D 50 -11.94 6.86 35.97
C LYS D 50 -13.34 6.32 36.24
N TYR D 51 -13.55 5.56 37.31
CA TYR D 51 -14.85 4.96 37.63
C TYR D 51 -15.56 5.85 38.64
N GLY D 52 -16.50 6.66 38.14
CA GLY D 52 -17.32 7.47 39.03
C GLY D 52 -18.23 6.61 39.87
N MET D 53 -17.96 6.54 41.17
CA MET D 53 -18.66 5.64 42.08
C MET D 53 -19.92 6.30 42.61
N HIS D 54 -20.69 5.53 43.39
CA HIS D 54 -21.98 5.95 43.92
C HIS D 54 -22.07 5.50 45.37
N TRP D 55 -22.34 6.44 46.27
CA TRP D 55 -22.58 6.16 47.68
C TRP D 55 -24.09 6.11 47.89
N VAL D 56 -24.57 4.97 48.40
CA VAL D 56 -25.97 4.74 48.68
C VAL D 56 -26.09 4.34 50.14
N ARG D 57 -27.28 4.53 50.72
CA ARG D 57 -27.56 4.14 52.11
C ARG D 57 -28.89 3.40 52.18
N GLN D 58 -28.99 2.55 53.19
CA GLN D 58 -30.21 1.80 53.48
C GLN D 58 -30.46 1.86 54.98
N ALA D 59 -31.56 2.51 55.38
CA ALA D 59 -31.87 2.72 56.78
C ALA D 59 -32.68 1.55 57.34
N PRO D 60 -32.78 1.42 58.67
CA PRO D 60 -33.62 0.35 59.23
C PRO D 60 -35.08 0.55 58.88
N GLY D 61 -35.70 -0.50 58.35
CA GLY D 61 -37.10 -0.44 57.97
C GLY D 61 -37.39 0.53 56.84
N LYS D 62 -36.42 0.78 55.97
CA LYS D 62 -36.58 1.66 54.83
C LYS D 62 -35.89 1.06 53.62
N GLY D 63 -36.23 1.59 52.46
CA GLY D 63 -35.63 1.16 51.21
C GLY D 63 -34.30 1.84 50.96
N LEU D 64 -33.77 1.60 49.77
CA LEU D 64 -32.52 2.22 49.36
C LEU D 64 -32.70 3.72 49.20
N GLU D 65 -31.62 4.46 49.47
CA GLU D 65 -31.61 5.92 49.37
C GLU D 65 -30.24 6.36 48.87
N TRP D 66 -30.23 7.04 47.73
CA TRP D 66 -28.97 7.52 47.17
C TRP D 66 -28.40 8.65 48.00
N VAL D 67 -27.10 8.59 48.27
CA VAL D 67 -26.41 9.56 49.12
C VAL D 67 -25.63 10.53 48.24
N ALA D 68 -24.73 10.00 47.41
CA ALA D 68 -23.80 10.87 46.68
C ALA D 68 -23.30 10.18 45.44
N LEU D 69 -22.78 11.00 44.52
CA LEU D 69 -22.22 10.54 43.26
C LEU D 69 -21.07 11.48 42.89
N ILE D 70 -19.99 10.91 42.35
CA ILE D 70 -18.83 11.67 41.90
C ILE D 70 -18.50 11.25 40.47
N SER D 71 -18.02 12.21 39.68
CA SER D 71 -17.64 11.96 38.30
C SER D 71 -16.34 11.13 38.27
N ASP D 72 -15.91 10.82 37.04
CA ASP D 72 -14.68 10.04 36.87
C ASP D 72 -13.46 10.85 37.28
N ASP D 73 -13.45 12.14 36.96
CA ASP D 73 -12.31 13.03 37.22
C ASP D 73 -12.49 13.86 38.48
N GLY D 74 -13.59 13.70 39.22
CA GLY D 74 -13.84 14.52 40.39
C GLY D 74 -14.17 15.96 40.11
N MET D 75 -14.45 16.32 38.85
CA MET D 75 -14.76 17.71 38.51
C MET D 75 -16.05 18.16 39.16
N ARG D 76 -17.15 17.48 38.85
CA ARG D 76 -18.46 17.73 39.42
C ARG D 76 -18.80 16.64 40.43
N LYS D 77 -19.95 16.79 41.07
CA LYS D 77 -20.42 15.82 42.04
C LYS D 77 -21.85 16.19 42.42
N TYR D 78 -22.61 15.18 42.85
CA TYR D 78 -24.03 15.31 43.14
C TYR D 78 -24.32 14.73 44.51
N HIS D 79 -25.15 15.45 45.28
CA HIS D 79 -25.58 15.02 46.60
C HIS D 79 -27.06 15.28 46.75
N SER D 80 -27.76 14.38 47.42
CA SER D 80 -29.19 14.58 47.68
C SER D 80 -29.38 15.82 48.55
N ASP D 81 -30.48 16.53 48.30
CA ASP D 81 -30.74 17.78 49.01
C ASP D 81 -30.86 17.57 50.51
N SER D 82 -31.32 16.39 50.94
CA SER D 82 -31.35 16.09 52.37
C SER D 82 -29.94 15.93 52.91
N MET D 83 -29.12 15.13 52.23
CA MET D 83 -27.73 14.90 52.63
C MET D 83 -26.77 15.95 52.09
N TRP D 84 -27.24 16.91 51.29
CA TRP D 84 -26.36 17.92 50.74
C TRP D 84 -25.81 18.80 51.86
N GLY D 85 -24.50 19.06 51.79
CA GLY D 85 -23.79 19.83 52.80
C GLY D 85 -23.21 18.98 53.92
N ARG D 86 -23.95 17.96 54.35
CA ARG D 86 -23.48 17.11 55.43
C ARG D 86 -22.34 16.20 54.98
N VAL D 87 -22.31 15.81 53.71
CA VAL D 87 -21.35 14.86 53.17
C VAL D 87 -20.58 15.51 52.03
N THR D 88 -19.32 15.08 51.88
CA THR D 88 -18.47 15.51 50.79
C THR D 88 -17.72 14.29 50.25
N ILE D 89 -17.81 14.09 48.93
CA ILE D 89 -17.29 12.90 48.27
C ILE D 89 -15.99 13.27 47.57
N SER D 90 -15.08 12.29 47.47
CA SER D 90 -13.80 12.51 46.80
C SER D 90 -13.26 11.17 46.34
N ARG D 91 -12.28 11.23 45.43
CA ARG D 91 -11.65 10.07 44.83
C ARG D 91 -10.15 10.13 45.05
N ASP D 92 -9.50 8.98 44.87
CA ASP D 92 -8.04 8.88 44.96
C ASP D 92 -7.62 7.81 43.96
N ASN D 93 -7.21 8.25 42.77
CA ASN D 93 -6.84 7.32 41.72
C ASN D 93 -5.53 6.60 42.02
N SER D 94 -4.62 7.25 42.76
CA SER D 94 -3.37 6.60 43.14
C SER D 94 -3.63 5.40 44.05
N LYS D 95 -4.48 5.60 45.07
CA LYS D 95 -4.87 4.52 45.97
C LYS D 95 -5.95 3.61 45.36
N ASN D 96 -6.59 4.03 44.27
CA ASN D 96 -7.75 3.31 43.72
C ASN D 96 -8.85 3.20 44.78
N THR D 97 -9.21 4.35 45.36
CA THR D 97 -10.09 4.41 46.52
C THR D 97 -11.05 5.59 46.39
N LEU D 98 -12.16 5.48 47.09
CA LEU D 98 -13.16 6.55 47.19
C LEU D 98 -13.33 6.88 48.67
N TYR D 99 -13.69 8.14 48.95
CA TYR D 99 -13.80 8.63 50.32
C TYR D 99 -15.02 9.52 50.44
N LEU D 100 -15.67 9.42 51.60
CA LEU D 100 -16.82 10.25 51.95
C LEU D 100 -16.62 10.79 53.35
N GLN D 101 -16.55 12.12 53.47
CA GLN D 101 -16.37 12.80 54.75
C GLN D 101 -17.69 13.41 55.17
N PHE D 102 -18.17 13.04 56.35
CA PHE D 102 -19.44 13.54 56.86
C PHE D 102 -19.23 14.81 57.68
N SER D 103 -20.34 15.45 58.04
CA SER D 103 -20.31 16.63 58.89
C SER D 103 -21.71 16.92 59.36
N SER D 104 -21.84 17.26 60.65
CA SER D 104 -23.13 17.56 61.27
C SER D 104 -24.07 16.36 61.15
N LEU D 105 -23.61 15.22 61.66
CA LEU D 105 -24.35 13.98 61.55
C LEU D 105 -25.69 14.08 62.28
N LYS D 106 -26.69 13.39 61.73
CA LYS D 106 -28.04 13.37 62.26
C LYS D 106 -28.44 11.94 62.60
N VAL D 107 -29.35 11.82 63.58
CA VAL D 107 -29.83 10.50 64.01
C VAL D 107 -30.54 9.77 62.88
N GLU D 108 -31.12 10.51 61.92
CA GLU D 108 -31.77 9.90 60.77
C GLU D 108 -30.77 9.24 59.81
N ASP D 109 -29.47 9.50 59.96
CA ASP D 109 -28.44 8.91 59.11
C ASP D 109 -28.10 7.46 59.49
N THR D 110 -28.81 6.85 60.45
CA THR D 110 -28.59 5.46 60.78
C THR D 110 -28.88 4.59 59.57
N ALA D 111 -27.86 3.91 59.04
CA ALA D 111 -28.03 3.12 57.83
C ALA D 111 -26.77 2.33 57.54
N MET D 112 -26.94 1.33 56.67
CA MET D 112 -25.82 0.63 56.05
C MET D 112 -25.50 1.34 54.74
N PHE D 113 -24.26 1.82 54.62
CA PHE D 113 -23.79 2.55 53.45
C PHE D 113 -23.05 1.61 52.53
N PHE D 114 -23.41 1.64 51.24
CA PHE D 114 -22.82 0.84 50.18
C PHE D 114 -22.15 1.74 49.15
N CYS D 115 -21.16 1.17 48.46
CA CYS D 115 -20.34 1.85 47.46
C CYS D 115 -20.43 1.06 46.17
N ALA D 116 -21.23 1.55 45.23
CA ALA D 116 -21.57 0.86 43.99
C ALA D 116 -20.85 1.48 42.80
N ARG D 117 -20.56 0.64 41.81
CA ARG D 117 -19.83 1.06 40.62
C ARG D 117 -20.82 1.70 39.64
N GLU D 118 -20.32 2.09 38.47
CA GLU D 118 -21.08 2.65 37.37
C GLU D 118 -21.18 1.60 36.26
N ALA D 119 -21.90 1.95 35.18
CA ALA D 119 -22.37 0.98 34.19
C ALA D 119 -21.22 0.56 33.28
N GLY D 120 -20.37 -0.29 33.84
CA GLY D 120 -19.20 -0.78 33.12
C GLY D 120 -18.24 0.34 32.81
N GLY D 121 -17.24 0.00 31.99
CA GLY D 121 -16.23 0.96 31.61
C GLY D 121 -16.68 1.94 30.54
N PRO D 122 -17.03 1.42 29.35
CA PRO D 122 -17.51 2.30 28.28
C PRO D 122 -19.02 2.48 28.30
N ILE D 123 -19.54 3.31 27.39
CA ILE D 123 -20.97 3.41 27.11
C ILE D 123 -21.21 2.75 25.77
N TRP D 124 -22.24 1.90 25.71
CA TRP D 124 -22.52 1.09 24.53
C TRP D 124 -23.62 1.72 23.69
N HIS D 125 -23.49 1.61 22.37
CA HIS D 125 -24.52 2.05 21.44
C HIS D 125 -24.28 1.37 20.11
N ASP D 126 -25.28 0.63 19.62
CA ASP D 126 -25.20 -0.07 18.33
C ASP D 126 -24.02 -1.03 18.31
N ASP D 127 -23.76 -1.70 19.43
CA ASP D 127 -22.67 -2.63 19.67
C ASP D 127 -21.30 -1.95 19.72
N VAL D 128 -21.21 -0.62 19.60
CA VAL D 128 -19.95 0.12 19.63
C VAL D 128 -19.80 0.73 21.01
N LYS D 129 -18.60 0.62 21.56
CA LYS D 129 -18.29 1.05 22.92
C LYS D 129 -17.46 2.33 22.86
N TYR D 130 -17.84 3.33 23.66
CA TYR D 130 -17.16 4.61 23.73
C TYR D 130 -16.56 4.78 25.12
N TYR D 131 -15.26 5.04 25.17
CA TYR D 131 -14.57 5.47 26.36
C TYR D 131 -14.41 6.98 26.36
N ASP D 132 -14.00 7.52 27.51
CA ASP D 132 -13.95 8.96 27.72
C ASP D 132 -12.69 9.55 27.09
N PHE D 133 -12.45 10.83 27.39
CA PHE D 133 -11.24 11.50 26.97
C PHE D 133 -10.05 10.87 27.70
N ASN D 134 -8.94 10.70 26.97
CA ASN D 134 -7.79 9.94 27.46
C ASN D 134 -8.15 8.49 27.77
N ASP D 135 -9.14 7.94 27.06
CA ASP D 135 -9.61 6.57 27.25
C ASP D 135 -10.07 6.34 28.70
N GLY D 136 -11.09 7.10 29.09
CA GLY D 136 -11.64 7.00 30.43
C GLY D 136 -12.85 6.08 30.50
N TYR D 137 -13.03 5.48 31.66
CA TYR D 137 -14.09 4.51 31.92
C TYR D 137 -15.31 5.22 32.48
N TYR D 138 -16.05 5.90 31.59
CA TYR D 138 -17.13 6.79 31.95
C TYR D 138 -18.49 6.21 31.59
N ASN D 139 -19.51 6.70 32.28
CA ASN D 139 -20.90 6.36 32.05
C ASN D 139 -21.76 7.32 32.86
N TYR D 140 -23.06 7.30 32.59
CA TYR D 140 -24.05 7.82 33.54
C TYR D 140 -25.29 6.94 33.35
N HIS D 141 -25.41 5.92 34.20
CA HIS D 141 -26.33 4.83 33.98
C HIS D 141 -26.54 4.10 35.32
N TYR D 142 -27.20 2.95 35.26
CA TYR D 142 -27.39 2.07 36.41
C TYR D 142 -26.05 1.67 37.02
N MET D 143 -26.13 1.21 38.27
CA MET D 143 -24.96 0.76 39.03
C MET D 143 -24.92 -0.76 38.92
N ASP D 144 -23.90 -1.27 38.23
CA ASP D 144 -23.85 -2.70 37.93
C ASP D 144 -23.32 -3.50 39.11
N VAL D 145 -22.31 -2.99 39.82
CA VAL D 145 -21.62 -3.69 40.89
C VAL D 145 -21.86 -2.96 42.19
N TRP D 146 -22.06 -3.72 43.27
CA TRP D 146 -22.26 -3.20 44.61
C TRP D 146 -21.17 -3.76 45.54
N GLY D 147 -20.81 -2.96 46.55
CA GLY D 147 -19.75 -3.33 47.46
C GLY D 147 -20.26 -4.08 48.67
N LYS D 148 -19.32 -4.35 49.60
CA LYS D 148 -19.64 -5.08 50.82
C LYS D 148 -20.67 -4.34 51.65
N GLY D 149 -20.34 -3.14 52.08
CA GLY D 149 -21.22 -2.26 52.85
C GLY D 149 -20.74 -2.17 54.28
N THR D 150 -20.91 -0.99 54.88
CA THR D 150 -20.51 -0.74 56.26
C THR D 150 -21.63 -0.03 57.00
N THR D 151 -21.84 -0.40 58.26
CA THR D 151 -22.92 0.15 59.06
C THR D 151 -22.48 1.44 59.75
N VAL D 152 -23.42 2.37 59.86
CA VAL D 152 -23.23 3.63 60.59
C VAL D 152 -24.49 3.87 61.41
N THR D 153 -24.33 4.05 62.72
CA THR D 153 -25.45 4.22 63.66
C THR D 153 -25.26 5.54 64.39
N VAL D 154 -25.96 6.58 63.93
CA VAL D 154 -25.93 7.89 64.59
C VAL D 154 -27.02 7.92 65.65
N SER D 155 -26.63 8.25 66.88
CA SER D 155 -27.55 8.23 68.01
C SER D 155 -27.12 9.26 69.04
N SER D 156 -28.10 9.83 69.73
CA SER D 156 -27.86 10.94 70.67
C SER D 156 -27.84 10.49 72.12
N ALA D 157 -28.55 9.42 72.47
CA ALA D 157 -28.56 8.96 73.85
C ALA D 157 -27.18 8.43 74.25
N SER D 158 -27.00 8.27 75.56
CA SER D 158 -25.74 7.85 76.16
C SER D 158 -25.82 6.40 76.61
N THR D 159 -24.65 5.77 76.72
CA THR D 159 -24.58 4.36 77.09
C THR D 159 -25.10 4.15 78.51
N LYS D 160 -25.90 3.09 78.68
CA LYS D 160 -26.55 2.80 79.95
C LYS D 160 -26.84 1.31 80.01
N GLY D 161 -26.87 0.78 81.23
CA GLY D 161 -27.20 -0.61 81.43
C GLY D 161 -28.69 -0.84 81.25
N PRO D 162 -29.11 -2.10 81.10
CA PRO D 162 -30.50 -2.40 80.81
C PRO D 162 -31.34 -2.57 82.07
N SER D 163 -32.66 -2.58 81.86
CA SER D 163 -33.63 -2.88 82.91
C SER D 163 -34.54 -3.99 82.38
N VAL D 164 -34.44 -5.17 82.99
CA VAL D 164 -35.20 -6.35 82.61
C VAL D 164 -36.36 -6.50 83.58
N PHE D 165 -37.54 -6.82 83.05
CA PHE D 165 -38.72 -7.07 83.86
C PHE D 165 -39.47 -8.29 83.33
N PRO D 166 -40.12 -9.08 84.21
CA PRO D 166 -40.78 -10.31 83.74
C PRO D 166 -42.19 -10.06 83.21
N LEU D 167 -42.45 -10.47 81.97
CA LEU D 167 -43.80 -10.44 81.40
C LEU D 167 -44.49 -11.76 81.73
N ALA D 168 -45.50 -11.69 82.61
CA ALA D 168 -46.17 -12.86 83.17
C ALA D 168 -46.73 -13.76 82.07
N PRO D 169 -47.03 -15.04 82.39
CA PRO D 169 -47.56 -15.93 81.35
C PRO D 169 -48.94 -15.52 80.88
N SER D 170 -49.05 -15.13 79.61
CA SER D 170 -50.30 -14.70 79.01
C SER D 170 -50.75 -15.72 77.98
N SER D 171 -52.04 -16.07 78.01
CA SER D 171 -52.56 -17.09 77.10
C SER D 171 -52.55 -16.54 75.67
N LYS D 172 -51.62 -17.05 74.85
CA LYS D 172 -51.53 -16.60 73.47
C LYS D 172 -52.58 -17.26 72.59
N SER D 173 -53.04 -18.46 72.96
CA SER D 173 -54.13 -19.14 72.28
C SER D 173 -55.07 -19.69 73.34
N THR D 174 -56.35 -19.33 73.24
CA THR D 174 -57.33 -19.77 74.23
C THR D 174 -57.47 -21.29 74.23
N SER D 175 -57.77 -21.87 73.07
CA SER D 175 -57.89 -23.31 72.96
C SER D 175 -56.51 -23.97 72.99
N GLY D 176 -56.45 -25.16 73.59
CA GLY D 176 -55.22 -25.91 73.71
C GLY D 176 -54.34 -25.53 74.89
N GLY D 177 -54.58 -24.40 75.52
CA GLY D 177 -53.81 -24.00 76.68
C GLY D 177 -52.35 -23.70 76.37
N THR D 178 -52.12 -22.66 75.58
CA THR D 178 -50.78 -22.24 75.16
C THR D 178 -50.50 -20.87 75.76
N ALA D 179 -49.56 -20.83 76.71
CA ALA D 179 -49.15 -19.60 77.37
C ALA D 179 -47.89 -19.05 76.71
N ALA D 180 -47.59 -17.79 77.05
CA ALA D 180 -46.42 -17.10 76.54
C ALA D 180 -45.80 -16.31 77.68
N LEU D 181 -44.56 -16.66 78.04
CA LEU D 181 -43.77 -15.92 78.99
C LEU D 181 -42.93 -14.88 78.23
N GLY D 182 -42.46 -13.87 78.96
CA GLY D 182 -41.61 -12.88 78.34
C GLY D 182 -40.67 -12.22 79.31
N CYS D 183 -39.69 -11.51 78.75
CA CYS D 183 -38.80 -10.66 79.53
C CYS D 183 -38.60 -9.38 78.72
N LEU D 184 -39.11 -8.27 79.24
CA LEU D 184 -39.01 -6.97 78.60
C LEU D 184 -37.72 -6.30 79.06
N VAL D 185 -36.80 -6.08 78.12
CA VAL D 185 -35.60 -5.31 78.36
C VAL D 185 -35.87 -3.90 77.86
N LYS D 186 -35.58 -2.90 78.68
CA LYS D 186 -35.84 -1.51 78.31
C LYS D 186 -34.79 -0.62 78.93
N ASP D 187 -34.69 0.60 78.39
CA ASP D 187 -33.79 1.62 78.93
C ASP D 187 -32.33 1.15 78.87
N TYR D 188 -31.88 0.86 77.65
CA TYR D 188 -30.52 0.44 77.37
C TYR D 188 -30.03 1.13 76.10
N PHE D 189 -28.71 1.20 75.97
CA PHE D 189 -28.10 1.80 74.80
C PHE D 189 -26.60 1.47 74.81
N PRO D 190 -25.95 1.25 73.64
CA PRO D 190 -26.46 1.08 72.28
C PRO D 190 -26.81 -0.36 71.97
N GLU D 191 -27.34 -0.61 70.77
CA GLU D 191 -27.70 -1.96 70.37
C GLU D 191 -26.45 -2.82 70.26
N PRO D 192 -26.59 -4.16 70.32
CA PRO D 192 -27.75 -5.02 70.59
C PRO D 192 -27.77 -5.54 72.02
N VAL D 193 -28.78 -6.34 72.35
CA VAL D 193 -28.88 -7.02 73.65
C VAL D 193 -29.18 -8.48 73.37
N THR D 194 -28.27 -9.36 73.77
CA THR D 194 -28.50 -10.79 73.64
C THR D 194 -29.36 -11.29 74.79
N VAL D 195 -30.22 -12.26 74.50
CA VAL D 195 -31.07 -12.90 75.50
C VAL D 195 -31.18 -14.38 75.17
N SER D 196 -31.16 -15.20 76.21
CA SER D 196 -31.35 -16.64 76.09
C SER D 196 -32.31 -17.09 77.16
N TRP D 197 -32.82 -18.32 77.00
CA TRP D 197 -33.78 -18.93 77.92
C TRP D 197 -33.15 -20.19 78.50
N ASN D 198 -32.95 -20.19 79.81
CA ASN D 198 -32.31 -21.31 80.51
C ASN D 198 -30.90 -21.57 79.97
N SER D 199 -30.16 -20.48 79.79
CA SER D 199 -28.79 -20.54 79.26
C SER D 199 -28.76 -21.19 77.87
N GLY D 200 -29.71 -20.79 77.02
CA GLY D 200 -29.78 -21.31 75.67
C GLY D 200 -30.39 -22.68 75.52
N ALA D 201 -30.75 -23.35 76.62
CA ALA D 201 -31.34 -24.68 76.52
C ALA D 201 -32.71 -24.63 75.86
N LEU D 202 -33.57 -23.73 76.32
CA LEU D 202 -34.91 -23.58 75.76
C LEU D 202 -34.84 -22.70 74.51
N THR D 203 -35.20 -23.30 73.36
CA THR D 203 -35.15 -22.62 72.06
C THR D 203 -36.48 -22.60 71.34
N SER D 204 -37.38 -23.54 71.60
CA SER D 204 -38.66 -23.56 70.92
C SER D 204 -39.51 -22.36 71.32
N GLY D 205 -40.09 -21.68 70.34
CA GLY D 205 -40.92 -20.52 70.58
C GLY D 205 -40.18 -19.26 70.99
N VAL D 206 -38.85 -19.30 71.07
CA VAL D 206 -38.10 -18.12 71.49
C VAL D 206 -38.08 -17.09 70.36
N HIS D 207 -38.29 -15.82 70.71
CA HIS D 207 -38.30 -14.74 69.73
C HIS D 207 -37.90 -13.45 70.42
N THR D 208 -36.88 -12.79 69.87
CA THR D 208 -36.43 -11.48 70.33
C THR D 208 -36.75 -10.45 69.24
N PHE D 209 -37.33 -9.33 69.66
CA PHE D 209 -37.81 -8.30 68.75
C PHE D 209 -36.72 -7.24 68.54
N PRO D 210 -36.77 -6.49 67.44
CA PRO D 210 -35.74 -5.46 67.21
C PRO D 210 -35.83 -4.33 68.23
N ALA D 211 -34.68 -3.76 68.54
CA ALA D 211 -34.58 -2.68 69.51
C ALA D 211 -35.29 -1.45 68.98
N VAL D 212 -36.44 -1.11 69.56
CA VAL D 212 -37.19 0.08 69.19
C VAL D 212 -36.63 1.26 69.99
N LEU D 213 -36.46 2.39 69.30
CA LEU D 213 -35.90 3.59 69.94
C LEU D 213 -36.97 4.22 70.83
N GLN D 214 -36.77 4.12 72.14
CA GLN D 214 -37.72 4.69 73.09
C GLN D 214 -37.76 6.21 72.98
N SER D 215 -38.82 6.79 73.57
CA SER D 215 -38.96 8.25 73.55
C SER D 215 -37.84 8.94 74.33
N SER D 216 -37.27 8.26 75.33
CA SER D 216 -36.19 8.81 76.13
C SER D 216 -34.82 8.66 75.48
N GLY D 217 -34.75 8.26 74.21
CA GLY D 217 -33.49 8.06 73.52
C GLY D 217 -32.88 6.68 73.69
N LEU D 218 -33.30 5.94 74.70
CA LEU D 218 -32.78 4.59 74.95
C LEU D 218 -33.53 3.60 74.05
N TYR D 219 -33.29 2.31 74.26
CA TYR D 219 -33.83 1.24 73.43
C TYR D 219 -34.62 0.25 74.27
N SER D 220 -35.45 -0.55 73.60
CA SER D 220 -36.32 -1.51 74.26
C SER D 220 -36.62 -2.67 73.31
N LEU D 221 -36.65 -3.87 73.87
CA LEU D 221 -37.13 -5.06 73.16
C LEU D 221 -37.72 -6.03 74.18
N SER D 222 -38.21 -7.16 73.68
CA SER D 222 -38.83 -8.18 74.51
C SER D 222 -38.44 -9.55 73.99
N SER D 223 -37.88 -10.38 74.87
CA SER D 223 -37.59 -11.78 74.56
C SER D 223 -38.77 -12.61 75.04
N VAL D 224 -39.54 -13.17 74.10
CA VAL D 224 -40.77 -13.89 74.38
C VAL D 224 -40.56 -15.37 74.07
N VAL D 225 -41.22 -16.23 74.85
CA VAL D 225 -41.16 -17.68 74.64
C VAL D 225 -42.56 -18.25 74.84
N THR D 226 -43.04 -18.97 73.82
CA THR D 226 -44.37 -19.60 73.84
C THR D 226 -44.21 -21.04 74.31
N VAL D 227 -44.92 -21.40 75.38
CA VAL D 227 -44.84 -22.73 75.98
C VAL D 227 -46.27 -23.20 76.27
N PRO D 228 -46.49 -24.44 76.70
CA PRO D 228 -47.83 -24.84 77.11
C PRO D 228 -48.24 -24.16 78.41
N SER D 229 -49.54 -23.88 78.52
CA SER D 229 -50.06 -23.29 79.76
C SER D 229 -49.93 -24.25 80.93
N SER D 230 -49.92 -25.56 80.67
CA SER D 230 -49.73 -26.54 81.74
C SER D 230 -48.28 -26.66 82.18
N SER D 231 -47.32 -26.25 81.34
CA SER D 231 -45.92 -26.32 81.72
C SER D 231 -45.56 -25.34 82.83
N LEU D 232 -46.37 -24.32 83.06
CA LEU D 232 -46.10 -23.37 84.13
C LEU D 232 -46.14 -24.07 85.48
N GLY D 233 -45.27 -23.65 86.37
CA GLY D 233 -45.13 -24.27 87.69
C GLY D 233 -44.18 -25.46 87.72
N THR D 234 -44.36 -26.39 86.77
CA THR D 234 -43.46 -27.54 86.67
C THR D 234 -42.20 -27.18 85.89
N GLN D 235 -42.36 -26.52 84.75
CA GLN D 235 -41.24 -26.11 83.91
C GLN D 235 -40.83 -24.69 84.32
N THR D 236 -39.67 -24.57 84.95
CA THR D 236 -39.16 -23.28 85.37
C THR D 236 -38.50 -22.58 84.19
N TYR D 237 -38.53 -21.25 84.21
CA TYR D 237 -38.02 -20.42 83.14
C TYR D 237 -37.24 -19.25 83.75
N ILE D 238 -35.98 -19.10 83.33
CA ILE D 238 -35.12 -18.01 83.78
C ILE D 238 -34.46 -17.44 82.53
N CYS D 239 -34.80 -16.21 82.17
CA CYS D 239 -34.25 -15.56 80.99
C CYS D 239 -32.94 -14.87 81.35
N ASN D 240 -31.87 -15.25 80.66
CA ASN D 240 -30.54 -14.68 80.86
C ASN D 240 -30.34 -13.58 79.82
N VAL D 241 -30.33 -12.33 80.28
CA VAL D 241 -30.15 -11.15 79.45
C VAL D 241 -28.71 -10.69 79.59
N ASN D 242 -28.13 -10.22 78.49
CA ASN D 242 -26.74 -9.75 78.47
C ASN D 242 -26.66 -8.61 77.46
N HIS D 243 -26.40 -7.40 77.98
CA HIS D 243 -26.14 -6.23 77.16
C HIS D 243 -24.63 -6.08 77.03
N LYS D 244 -24.10 -6.42 75.85
CA LYS D 244 -22.67 -6.51 75.61
C LYS D 244 -22.01 -5.14 75.46
N PRO D 245 -22.62 -4.20 74.72
CA PRO D 245 -22.09 -2.82 74.75
C PRO D 245 -21.92 -2.22 76.14
N SER D 246 -22.83 -2.52 77.07
CA SER D 246 -22.71 -2.08 78.46
C SER D 246 -22.07 -3.12 79.36
N ASN D 247 -21.86 -4.35 78.87
CA ASN D 247 -21.22 -5.41 79.65
C ASN D 247 -22.00 -5.72 80.93
N THR D 248 -23.32 -5.62 80.85
CA THR D 248 -24.23 -5.96 81.95
C THR D 248 -24.87 -7.32 81.67
N LYS D 249 -25.13 -8.06 82.74
CA LYS D 249 -25.72 -9.40 82.65
C LYS D 249 -26.66 -9.62 83.83
N VAL D 250 -27.81 -10.25 83.55
CA VAL D 250 -28.78 -10.58 84.58
C VAL D 250 -29.46 -11.89 84.19
N ASP D 251 -30.04 -12.55 85.19
CA ASP D 251 -30.79 -13.80 85.03
C ASP D 251 -32.13 -13.61 85.73
N LYS D 252 -33.12 -13.09 85.00
CA LYS D 252 -34.40 -12.71 85.57
C LYS D 252 -35.38 -13.88 85.46
N ARG D 253 -36.04 -14.20 86.57
CA ARG D 253 -37.02 -15.27 86.60
C ARG D 253 -38.39 -14.77 86.16
N VAL D 254 -39.18 -15.69 85.62
CA VAL D 254 -40.57 -15.43 85.23
C VAL D 254 -41.43 -16.55 85.78
N GLU D 255 -42.60 -16.19 86.28
CA GLU D 255 -43.47 -17.15 86.97
C GLU D 255 -44.90 -16.66 86.82
N PRO D 256 -45.89 -17.50 87.14
CA PRO D 256 -47.28 -17.02 87.14
C PRO D 256 -47.48 -15.92 88.19
N LYS D 257 -47.98 -14.78 87.73
CA LYS D 257 -48.23 -13.66 88.62
C LYS D 257 -49.25 -14.04 89.69
N SER D 258 -48.87 -13.82 90.96
CA SER D 258 -49.77 -14.13 92.06
C SER D 258 -50.83 -13.05 92.24
N CYS D 259 -50.47 -11.79 91.99
CA CYS D 259 -51.42 -10.70 92.10
C CYS D 259 -52.42 -10.72 90.95
N GLN E 20 -36.79 14.17 45.69
CA GLN E 20 -36.79 13.92 47.17
C GLN E 20 -37.84 12.87 47.59
N SER E 21 -39.02 12.93 46.99
CA SER E 21 -40.07 11.95 47.27
C SER E 21 -39.79 10.68 46.50
N ALA E 22 -39.64 9.57 47.23
CA ALA E 22 -39.32 8.30 46.61
C ALA E 22 -40.43 7.85 45.67
N LEU E 23 -40.04 7.14 44.62
CA LEU E 23 -41.00 6.61 43.66
C LEU E 23 -41.94 5.62 44.34
N THR E 24 -43.24 5.92 44.30
CA THR E 24 -44.21 5.20 45.11
C THR E 24 -44.67 3.92 44.41
N GLN E 25 -44.62 2.81 45.15
CA GLN E 25 -45.17 1.54 44.72
C GLN E 25 -45.76 0.81 45.92
N PRO E 26 -46.56 -0.25 45.74
CA PRO E 26 -47.11 -0.96 46.90
C PRO E 26 -46.02 -1.51 47.82
N ALA E 27 -46.38 -1.65 49.09
CA ALA E 27 -45.42 -2.07 50.11
C ALA E 27 -44.93 -3.50 49.85
N SER E 28 -45.81 -4.36 49.34
CA SER E 28 -45.42 -5.74 49.06
C SER E 28 -46.50 -6.39 48.21
N VAL E 29 -46.08 -7.39 47.43
CA VAL E 29 -46.97 -8.22 46.62
C VAL E 29 -46.47 -9.65 46.70
N SER E 30 -47.26 -10.56 46.14
CA SER E 30 -46.90 -11.97 46.14
C SER E 30 -47.55 -12.66 44.95
N GLY E 31 -47.02 -13.83 44.59
CA GLY E 31 -47.57 -14.60 43.48
C GLY E 31 -47.18 -16.05 43.57
N SER E 32 -47.96 -16.88 42.88
CA SER E 32 -47.76 -18.33 42.92
C SER E 32 -46.48 -18.70 42.15
N PRO E 33 -45.93 -19.89 42.40
CA PRO E 33 -44.80 -20.35 41.55
C PRO E 33 -45.21 -20.43 40.08
N GLY E 34 -44.44 -19.73 39.24
CA GLY E 34 -44.70 -19.67 37.82
C GLY E 34 -45.74 -18.66 37.39
N GLN E 35 -46.45 -18.04 38.33
CA GLN E 35 -47.46 -17.05 37.97
C GLN E 35 -46.80 -15.74 37.55
N THR E 36 -47.35 -15.13 36.51
CA THR E 36 -46.84 -13.84 36.04
C THR E 36 -47.40 -12.71 36.88
N ILE E 37 -46.59 -11.66 37.05
CA ILE E 37 -46.96 -10.48 37.82
C ILE E 37 -46.30 -9.26 37.17
N THR E 38 -46.72 -8.08 37.61
CA THR E 38 -46.17 -6.83 37.09
C THR E 38 -46.26 -5.77 38.17
N ILE E 39 -45.09 -5.40 38.73
CA ILE E 39 -45.02 -4.26 39.63
C ILE E 39 -45.12 -2.99 38.79
N SER E 40 -45.72 -1.95 39.37
CA SER E 40 -45.84 -0.66 38.70
C SER E 40 -45.63 0.45 39.73
N CYS E 41 -44.60 1.25 39.53
CA CYS E 41 -44.25 2.35 40.43
C CYS E 41 -44.47 3.69 39.75
N ASN E 42 -44.88 4.67 40.55
CA ASN E 42 -45.21 6.01 40.09
C ASN E 42 -44.02 6.94 40.29
N GLY E 43 -44.01 8.02 39.52
CA GLY E 43 -42.96 9.02 39.57
C GLY E 43 -43.48 10.36 39.11
N THR E 44 -42.60 11.14 38.49
CA THR E 44 -42.94 12.45 37.96
C THR E 44 -42.32 12.60 36.58
N SER E 45 -42.62 13.72 35.91
CA SER E 45 -42.06 13.99 34.60
C SER E 45 -40.62 14.48 34.68
N SER E 46 -40.19 15.00 35.83
CA SER E 46 -38.82 15.50 35.93
C SER E 46 -37.80 14.37 35.89
N ASP E 47 -38.16 13.17 36.34
CA ASP E 47 -37.27 12.02 36.39
C ASP E 47 -37.71 10.89 35.47
N VAL E 48 -38.98 10.47 35.56
CA VAL E 48 -39.44 9.33 34.76
C VAL E 48 -39.83 9.79 33.36
N GLY E 49 -40.66 10.83 33.26
CA GLY E 49 -41.09 11.32 31.96
C GLY E 49 -40.07 12.21 31.26
N GLY E 50 -39.10 12.76 32.00
CA GLY E 50 -38.11 13.62 31.38
C GLY E 50 -36.97 12.87 30.74
N PHE E 51 -36.61 11.71 31.28
CA PHE E 51 -35.49 10.93 30.79
C PHE E 51 -35.74 9.46 31.11
N ASP E 52 -35.54 8.59 30.11
CA ASP E 52 -35.97 7.20 30.19
C ASP E 52 -34.95 6.29 30.88
N SER E 53 -34.00 6.84 31.63
CA SER E 53 -33.01 6.03 32.35
C SER E 53 -33.57 5.63 33.72
N VAL E 54 -34.61 4.80 33.66
CA VAL E 54 -35.28 4.26 34.83
C VAL E 54 -34.82 2.82 35.03
N SER E 55 -34.37 2.50 36.25
CA SER E 55 -33.88 1.18 36.58
C SER E 55 -34.71 0.58 37.72
N TRP E 56 -34.55 -0.73 37.89
CA TRP E 56 -35.16 -1.49 38.97
C TRP E 56 -34.09 -2.38 39.58
N TYR E 57 -33.85 -2.20 40.88
CA TYR E 57 -32.93 -2.99 41.67
C TYR E 57 -33.70 -4.01 42.49
N GLN E 58 -33.00 -5.07 42.91
CA GLN E 58 -33.54 -6.08 43.80
C GLN E 58 -32.55 -6.32 44.93
N GLN E 59 -33.08 -6.50 46.15
CA GLN E 59 -32.28 -6.84 47.32
C GLN E 59 -32.95 -7.99 48.05
N SER E 60 -32.26 -9.12 48.14
CA SER E 60 -32.76 -10.28 48.85
C SER E 60 -32.39 -10.19 50.32
N PRO E 61 -33.12 -10.89 51.23
CA PRO E 61 -32.69 -10.90 52.63
C PRO E 61 -31.34 -11.60 52.79
N GLY E 62 -30.33 -10.84 53.21
CA GLY E 62 -28.98 -11.36 53.30
C GLY E 62 -28.15 -11.17 52.06
N LYS E 63 -28.46 -10.15 51.25
CA LYS E 63 -27.75 -9.90 50.01
C LYS E 63 -27.74 -8.41 49.73
N ALA E 64 -26.67 -7.93 49.12
CA ALA E 64 -26.58 -6.55 48.69
C ALA E 64 -27.52 -6.34 47.51
N PRO E 65 -27.82 -5.08 47.15
CA PRO E 65 -28.71 -4.86 46.00
C PRO E 65 -28.08 -5.33 44.70
N LYS E 66 -28.96 -5.76 43.78
CA LYS E 66 -28.54 -6.19 42.44
C LYS E 66 -29.57 -5.71 41.43
N VAL E 67 -29.07 -5.25 40.29
CA VAL E 67 -29.92 -4.61 39.28
C VAL E 67 -30.70 -5.67 38.52
N MET E 68 -32.00 -5.44 38.35
CA MET E 68 -32.87 -6.29 37.55
C MET E 68 -33.29 -5.66 36.23
N VAL E 69 -33.36 -4.33 36.15
CA VAL E 69 -33.69 -3.66 34.88
C VAL E 69 -32.94 -2.33 34.83
N PHE E 70 -32.40 -2.02 33.66
CA PHE E 70 -31.92 -0.71 33.27
C PHE E 70 -32.17 -0.59 31.78
N ASP E 71 -32.33 0.64 31.26
CA ASP E 71 -32.62 0.80 29.84
C ASP E 71 -33.91 0.06 29.46
N VAL E 72 -35.02 0.55 30.04
CA VAL E 72 -36.19 -0.18 30.52
C VAL E 72 -36.67 -1.25 29.54
N SER E 73 -36.51 -1.02 28.24
CA SER E 73 -36.82 -2.00 27.21
C SER E 73 -35.65 -2.95 26.95
N HIS E 74 -34.73 -3.09 27.91
CA HIS E 74 -33.56 -3.96 27.87
C HIS E 74 -33.21 -4.24 29.33
N ARG E 75 -32.37 -5.26 29.55
CA ARG E 75 -32.06 -5.79 30.88
C ARG E 75 -30.56 -5.89 31.12
N PRO E 76 -30.10 -5.83 32.38
CA PRO E 76 -28.66 -5.93 32.66
C PRO E 76 -28.19 -7.39 32.71
N SER E 77 -26.90 -7.56 33.02
CA SER E 77 -26.28 -8.87 33.11
C SER E 77 -26.98 -9.75 34.14
N GLY E 78 -26.92 -11.06 33.90
CA GLY E 78 -27.47 -12.04 34.83
C GLY E 78 -28.97 -12.03 34.93
N ILE E 79 -29.67 -11.47 33.96
CA ILE E 79 -31.13 -11.38 33.94
C ILE E 79 -31.64 -12.17 32.75
N SER E 80 -32.59 -13.06 32.99
CA SER E 80 -33.18 -13.88 31.94
C SER E 80 -34.24 -13.08 31.19
N ASN E 81 -34.82 -13.69 30.15
CA ASN E 81 -35.87 -13.07 29.37
C ASN E 81 -37.20 -13.00 30.11
N ARG E 82 -37.33 -13.66 31.27
CA ARG E 82 -38.56 -13.58 32.04
C ARG E 82 -38.84 -12.16 32.51
N PHE E 83 -37.79 -11.43 32.87
CA PHE E 83 -37.91 -10.09 33.42
C PHE E 83 -37.89 -9.07 32.28
N SER E 84 -38.88 -8.18 32.27
CA SER E 84 -38.99 -7.14 31.26
C SER E 84 -39.46 -5.85 31.91
N GLY E 85 -39.27 -4.75 31.20
CA GLY E 85 -39.59 -3.44 31.71
C GLY E 85 -40.37 -2.62 30.70
N SER E 86 -41.19 -1.72 31.22
CA SER E 86 -41.94 -0.79 30.39
C SER E 86 -42.10 0.53 31.13
N LYS E 87 -42.45 1.57 30.38
CA LYS E 87 -42.63 2.91 30.93
C LYS E 87 -43.85 3.55 30.29
N SER E 88 -44.57 4.34 31.09
CA SER E 88 -45.78 5.04 30.65
C SER E 88 -45.79 6.40 31.32
N GLY E 89 -45.41 7.44 30.58
CA GLY E 89 -45.38 8.79 31.10
C GLY E 89 -44.47 8.94 32.30
N ASN E 90 -45.07 9.16 33.48
CA ASN E 90 -44.34 9.34 34.72
C ASN E 90 -44.26 8.05 35.55
N THR E 91 -44.64 6.91 34.97
CA THR E 91 -44.69 5.64 35.68
C THR E 91 -43.78 4.62 34.99
N ALA E 92 -43.26 3.69 35.79
CA ALA E 92 -42.47 2.57 35.31
C ALA E 92 -43.12 1.27 35.76
N SER E 93 -42.79 0.18 35.06
CA SER E 93 -43.38 -1.12 35.35
C SER E 93 -42.36 -2.22 35.07
N LEU E 94 -42.34 -3.20 35.97
CA LEU E 94 -41.43 -4.36 35.91
C LEU E 94 -42.29 -5.61 35.86
N THR E 95 -42.30 -6.28 34.70
CA THR E 95 -43.09 -7.48 34.48
C THR E 95 -42.20 -8.70 34.63
N ILE E 96 -42.71 -9.72 35.31
CA ILE E 96 -41.99 -10.97 35.55
C ILE E 96 -42.98 -12.10 35.30
N SER E 97 -42.74 -12.86 34.23
CA SER E 97 -43.53 -14.02 33.87
C SER E 97 -42.77 -15.29 34.24
N GLY E 98 -43.45 -16.24 34.89
CA GLY E 98 -42.77 -17.43 35.34
C GLY E 98 -41.95 -17.20 36.59
N LEU E 99 -42.63 -16.84 37.68
CA LEU E 99 -41.99 -16.51 38.95
C LEU E 99 -41.10 -17.64 39.44
N HIS E 100 -39.82 -17.35 39.61
CA HIS E 100 -38.83 -18.30 40.10
C HIS E 100 -38.62 -18.11 41.59
N ILE E 101 -37.88 -19.04 42.20
CA ILE E 101 -37.62 -18.96 43.63
C ILE E 101 -36.69 -17.79 43.95
N GLU E 102 -35.79 -17.45 43.02
CA GLU E 102 -34.87 -16.33 43.25
C GLU E 102 -35.53 -14.96 43.10
N ASP E 103 -36.79 -14.90 42.67
CA ASP E 103 -37.47 -13.63 42.51
C ASP E 103 -37.88 -12.99 43.83
N GLU E 104 -37.82 -13.73 44.94
CA GLU E 104 -38.19 -13.17 46.24
C GLU E 104 -37.19 -12.10 46.65
N GLY E 105 -37.71 -11.05 47.30
CA GLY E 105 -36.88 -9.95 47.76
C GLY E 105 -37.55 -8.59 47.56
N ASP E 106 -36.91 -7.53 48.03
CA ASP E 106 -37.44 -6.18 47.91
C ASP E 106 -36.96 -5.55 46.61
N TYR E 107 -37.91 -5.20 45.74
CA TYR E 107 -37.62 -4.49 44.49
C TYR E 107 -37.81 -2.99 44.70
N PHE E 108 -36.91 -2.21 44.10
CA PHE E 108 -36.91 -0.76 44.21
C PHE E 108 -36.70 -0.16 42.83
N CYS E 109 -37.64 0.66 42.36
CA CYS E 109 -37.47 1.39 41.11
C CYS E 109 -36.83 2.74 41.40
N SER E 110 -35.92 3.16 40.51
CA SER E 110 -35.20 4.41 40.65
C SER E 110 -35.10 5.08 39.30
N SER E 111 -34.95 6.41 39.32
CA SER E 111 -34.91 7.20 38.10
C SER E 111 -33.92 8.34 38.27
N LEU E 112 -33.34 8.75 37.14
CA LEU E 112 -32.41 9.87 37.10
C LEU E 112 -33.18 11.17 36.89
N THR E 113 -32.92 12.16 37.74
CA THR E 113 -33.61 13.43 37.68
C THR E 113 -32.96 14.33 36.64
N ASP E 114 -33.63 15.46 36.36
CA ASP E 114 -33.09 16.43 35.40
C ASP E 114 -31.82 17.09 35.90
N ARG E 115 -31.59 17.12 37.22
CA ARG E 115 -30.37 17.66 37.80
C ARG E 115 -29.26 16.62 37.90
N SER E 116 -29.36 15.51 37.18
CA SER E 116 -28.40 14.40 37.17
C SER E 116 -28.31 13.67 38.51
N HIS E 117 -29.25 13.91 39.43
CA HIS E 117 -29.30 13.20 40.70
C HIS E 117 -30.17 11.96 40.57
N ARG E 118 -29.94 11.00 41.45
CA ARG E 118 -30.68 9.74 41.49
C ARG E 118 -31.63 9.73 42.68
N ILE E 119 -32.73 9.00 42.52
CA ILE E 119 -33.76 8.86 43.55
C ILE E 119 -34.29 7.43 43.49
N PHE E 120 -34.48 6.83 44.67
CA PHE E 120 -34.92 5.46 44.79
C PHE E 120 -36.40 5.38 45.11
N GLY E 121 -36.96 4.17 44.97
CA GLY E 121 -38.37 3.94 45.22
C GLY E 121 -38.67 3.55 46.65
N GLY E 122 -39.98 3.48 46.96
CA GLY E 122 -40.39 3.12 48.30
C GLY E 122 -40.08 1.67 48.65
N GLY E 123 -40.30 0.76 47.69
CA GLY E 123 -40.00 -0.64 47.84
C GLY E 123 -41.21 -1.55 47.71
N THR E 124 -41.00 -2.78 47.25
CA THR E 124 -42.06 -3.78 47.19
C THR E 124 -41.43 -5.14 47.47
N LYS E 125 -41.89 -5.80 48.54
CA LYS E 125 -41.35 -7.10 48.93
C LYS E 125 -42.12 -8.19 48.18
N VAL E 126 -41.52 -8.70 47.11
CA VAL E 126 -42.07 -9.82 46.36
C VAL E 126 -41.74 -11.12 47.07
N THR E 127 -42.71 -12.02 47.14
CA THR E 127 -42.51 -13.33 47.75
C THR E 127 -43.38 -14.34 47.01
N VAL E 128 -42.85 -15.56 46.88
CA VAL E 128 -43.55 -16.64 46.20
C VAL E 128 -44.60 -17.19 47.15
N LEU E 129 -45.85 -17.30 46.67
CA LEU E 129 -46.88 -17.88 47.51
C LEU E 129 -46.59 -19.36 47.75
N GLY E 130 -47.32 -19.94 48.69
CA GLY E 130 -47.13 -21.31 49.13
C GLY E 130 -47.29 -21.43 50.63
N GLN E 131 -47.17 -20.30 51.34
CA GLN E 131 -47.44 -20.21 52.76
C GLN E 131 -48.86 -19.68 52.92
N PRO E 132 -49.82 -20.45 53.43
CA PRO E 132 -51.15 -19.89 53.63
C PRO E 132 -51.14 -18.79 54.68
N LYS E 133 -52.18 -17.97 54.65
CA LYS E 133 -52.31 -16.86 55.57
C LYS E 133 -52.97 -17.33 56.86
N ALA E 134 -52.41 -16.91 57.98
CA ALA E 134 -52.86 -17.30 59.31
C ALA E 134 -53.16 -16.05 60.13
N ALA E 135 -54.09 -16.18 61.06
CA ALA E 135 -54.48 -15.03 61.87
C ALA E 135 -53.47 -14.83 63.00
N PRO E 136 -53.34 -13.61 63.53
CA PRO E 136 -52.35 -13.38 64.59
C PRO E 136 -52.89 -13.84 65.94
N SER E 137 -52.10 -14.66 66.64
CA SER E 137 -52.43 -15.09 67.99
C SER E 137 -52.03 -13.97 68.94
N VAL E 138 -52.90 -12.97 69.03
CA VAL E 138 -52.57 -11.73 69.74
C VAL E 138 -52.80 -11.93 71.23
N THR E 139 -51.93 -11.34 72.04
CA THR E 139 -52.11 -11.33 73.49
C THR E 139 -51.59 -10.01 74.04
N LEU E 140 -51.86 -9.79 75.33
CA LEU E 140 -51.56 -8.53 75.99
C LEU E 140 -51.04 -8.81 77.39
N PHE E 141 -49.80 -8.40 77.66
CA PHE E 141 -49.18 -8.62 78.96
C PHE E 141 -49.55 -7.48 79.92
N PRO E 142 -50.01 -7.73 81.15
CA PRO E 142 -50.24 -6.62 82.08
C PRO E 142 -48.91 -6.07 82.59
N PRO E 143 -48.92 -4.94 83.31
CA PRO E 143 -47.67 -4.44 83.91
C PRO E 143 -47.32 -5.24 85.15
N SER E 144 -46.17 -5.90 85.12
CA SER E 144 -45.77 -6.78 86.21
C SER E 144 -45.50 -5.98 87.49
N SER E 145 -45.51 -6.69 88.61
CA SER E 145 -45.27 -6.07 89.91
C SER E 145 -43.85 -5.51 90.00
N GLU E 146 -42.90 -6.12 89.30
CA GLU E 146 -41.54 -5.58 89.26
C GLU E 146 -41.50 -4.21 88.62
N GLU E 147 -42.43 -3.93 87.70
CA GLU E 147 -42.52 -2.62 87.07
C GLU E 147 -43.30 -1.64 87.93
N LEU E 148 -44.36 -2.12 88.60
CA LEU E 148 -45.17 -1.26 89.46
C LEU E 148 -44.35 -0.69 90.62
N GLN E 149 -43.53 -1.52 91.24
CA GLN E 149 -42.72 -1.05 92.37
C GLN E 149 -41.67 -0.04 91.93
N ALA E 150 -41.22 -0.10 90.67
CA ALA E 150 -40.23 0.82 90.13
C ALA E 150 -40.84 2.13 89.62
N ASN E 151 -42.09 2.44 89.97
CA ASN E 151 -42.76 3.66 89.53
C ASN E 151 -42.84 3.72 88.01
N LYS E 152 -43.17 2.59 87.39
CA LYS E 152 -43.32 2.47 85.95
C LYS E 152 -44.45 1.49 85.64
N ALA E 153 -44.93 1.56 84.40
CA ALA E 153 -45.91 0.61 83.91
C ALA E 153 -45.79 0.54 82.40
N THR E 154 -46.04 -0.64 81.84
CA THR E 154 -45.95 -0.82 80.40
C THR E 154 -46.83 -1.97 79.98
N LEU E 155 -47.63 -1.76 78.94
CA LEU E 155 -48.47 -2.78 78.33
C LEU E 155 -47.83 -3.22 77.02
N VAL E 156 -47.64 -4.54 76.88
CA VAL E 156 -47.01 -5.14 75.71
C VAL E 156 -48.05 -5.96 74.97
N CYS E 157 -48.44 -5.49 73.79
CA CYS E 157 -49.32 -6.25 72.89
C CYS E 157 -48.44 -7.09 71.96
N LEU E 158 -48.47 -8.41 72.16
CA LEU E 158 -47.68 -9.35 71.38
C LEU E 158 -48.52 -9.88 70.22
N ILE E 159 -48.01 -9.69 69.00
CA ILE E 159 -48.59 -10.25 67.77
C ILE E 159 -47.62 -11.31 67.29
N SER E 160 -48.16 -12.44 66.81
CA SER E 160 -47.30 -13.56 66.45
C SER E 160 -48.05 -14.51 65.52
N ASP E 161 -47.28 -15.20 64.68
CA ASP E 161 -47.80 -16.28 63.84
C ASP E 161 -48.89 -15.79 62.90
N PHE E 162 -48.52 -14.82 62.06
CA PHE E 162 -49.41 -14.26 61.05
C PHE E 162 -48.63 -13.98 59.78
N TYR E 163 -49.28 -14.17 58.64
CA TYR E 163 -48.70 -13.96 57.32
C TYR E 163 -49.81 -13.42 56.41
N PRO E 164 -49.55 -12.41 55.56
CA PRO E 164 -48.32 -11.63 55.33
C PRO E 164 -48.00 -10.69 56.48
N GLY E 165 -46.79 -10.12 56.45
CA GLY E 165 -46.38 -9.18 57.47
C GLY E 165 -47.00 -7.80 57.28
N ALA E 166 -48.33 -7.70 57.45
CA ALA E 166 -49.05 -6.44 57.36
C ALA E 166 -50.12 -6.45 58.44
N VAL E 167 -49.79 -5.87 59.59
CA VAL E 167 -50.70 -5.71 60.72
C VAL E 167 -50.59 -4.26 61.19
N THR E 168 -51.70 -3.73 61.72
CA THR E 168 -51.72 -2.41 62.33
C THR E 168 -52.30 -2.53 63.74
N VAL E 169 -51.57 -1.98 64.71
CA VAL E 169 -51.90 -2.06 66.12
C VAL E 169 -52.44 -0.72 66.58
N ALA E 170 -53.35 -0.76 67.56
CA ALA E 170 -53.88 0.45 68.17
C ALA E 170 -54.21 0.16 69.62
N TRP E 171 -54.08 1.18 70.46
CA TRP E 171 -54.33 1.08 71.89
C TRP E 171 -55.56 1.91 72.26
N LYS E 172 -56.23 1.51 73.34
CA LYS E 172 -57.36 2.27 73.82
C LYS E 172 -57.58 1.96 75.30
N ALA E 173 -58.24 2.91 75.98
CA ALA E 173 -58.67 2.72 77.36
C ALA E 173 -59.97 1.91 77.36
N ASP E 174 -60.60 1.80 78.53
CA ASP E 174 -61.88 1.08 78.61
C ASP E 174 -62.95 1.73 77.74
N SER E 175 -62.93 3.06 77.60
CA SER E 175 -63.86 3.79 76.75
C SER E 175 -63.20 4.79 75.81
N SER E 176 -61.98 5.25 76.09
CA SER E 176 -61.28 6.27 75.33
C SER E 176 -60.15 5.65 74.52
N PRO E 177 -59.61 6.33 73.50
CA PRO E 177 -58.41 5.84 72.84
C PRO E 177 -57.15 6.23 73.59
N VAL E 178 -56.02 5.69 73.12
CA VAL E 178 -54.70 5.93 73.70
C VAL E 178 -53.71 6.10 72.56
N LYS E 179 -53.13 7.29 72.44
CA LYS E 179 -52.12 7.60 71.44
C LYS E 179 -50.74 7.88 72.03
N ALA E 180 -50.67 8.46 73.23
CA ALA E 180 -49.40 8.75 73.84
C ALA E 180 -48.71 7.47 74.30
N GLY E 181 -47.37 7.46 74.20
CA GLY E 181 -46.58 6.32 74.62
C GLY E 181 -46.66 5.11 73.72
N VAL E 182 -47.37 5.17 72.60
CA VAL E 182 -47.52 4.03 71.71
C VAL E 182 -46.26 3.88 70.87
N GLU E 183 -45.69 2.67 70.86
CA GLU E 183 -44.50 2.36 70.07
C GLU E 183 -44.70 0.98 69.46
N THR E 184 -45.19 0.96 68.21
CA THR E 184 -45.46 -0.29 67.51
C THR E 184 -44.19 -0.76 66.80
N THR E 185 -43.89 -2.05 66.95
CA THR E 185 -42.73 -2.65 66.30
C THR E 185 -43.14 -3.24 64.95
N THR E 186 -42.21 -3.20 64.01
CA THR E 186 -42.49 -3.71 62.67
C THR E 186 -42.69 -5.23 62.72
N PRO E 187 -43.41 -5.81 61.77
CA PRO E 187 -43.50 -7.28 61.73
C PRO E 187 -42.16 -7.92 61.43
N SER E 188 -41.64 -8.66 62.41
CA SER E 188 -40.38 -9.38 62.29
C SER E 188 -40.65 -10.83 61.96
N LYS E 189 -39.98 -11.33 60.92
CA LYS E 189 -40.21 -12.69 60.44
C LYS E 189 -39.78 -13.70 61.50
N GLN E 190 -40.73 -14.51 61.96
CA GLN E 190 -40.42 -15.56 62.92
C GLN E 190 -39.62 -16.67 62.25
N SER E 191 -39.19 -17.65 63.07
CA SER E 191 -38.47 -18.79 62.54
C SER E 191 -39.36 -19.74 61.75
N ASN E 192 -40.68 -19.73 62.00
CA ASN E 192 -41.63 -20.58 61.28
C ASN E 192 -42.17 -19.93 60.01
N ASN E 193 -41.47 -18.93 59.45
CA ASN E 193 -41.81 -18.20 58.24
C ASN E 193 -42.96 -17.21 58.43
N LYS E 194 -43.58 -17.13 59.61
CA LYS E 194 -44.62 -16.16 59.90
C LYS E 194 -43.96 -14.89 60.44
N TYR E 195 -44.78 -13.96 60.93
CA TYR E 195 -44.32 -12.67 61.43
C TYR E 195 -44.69 -12.51 62.90
N ALA E 196 -43.98 -11.60 63.57
CA ALA E 196 -44.23 -11.28 64.97
C ALA E 196 -43.87 -9.83 65.23
N ALA E 197 -44.45 -9.29 66.30
CA ALA E 197 -44.20 -7.90 66.69
C ALA E 197 -44.65 -7.72 68.13
N SER E 198 -44.18 -6.63 68.73
CA SER E 198 -44.51 -6.29 70.11
C SER E 198 -44.71 -4.78 70.21
N SER E 199 -45.97 -4.36 70.35
CA SER E 199 -46.30 -2.95 70.54
C SER E 199 -46.24 -2.61 72.02
N TYR E 200 -45.64 -1.45 72.33
CA TYR E 200 -45.39 -1.01 73.69
C TYR E 200 -46.21 0.25 73.97
N LEU E 201 -46.89 0.26 75.13
CA LEU E 201 -47.60 1.43 75.63
C LEU E 201 -47.08 1.73 77.04
N SER E 202 -46.32 2.81 77.17
CA SER E 202 -45.73 3.21 78.45
C SER E 202 -46.72 4.06 79.24
N LEU E 203 -46.95 3.69 80.50
CA LEU E 203 -47.86 4.38 81.38
C LEU E 203 -47.25 4.42 82.77
N THR E 204 -47.88 5.18 83.66
CA THR E 204 -47.50 5.25 85.06
C THR E 204 -48.31 4.24 85.87
N PRO E 205 -47.90 3.93 87.10
CA PRO E 205 -48.75 3.05 87.93
C PRO E 205 -50.11 3.64 88.23
N GLU E 206 -50.16 4.94 88.57
CA GLU E 206 -51.44 5.58 88.86
C GLU E 206 -52.33 5.63 87.62
N GLN E 207 -51.74 5.92 86.45
CA GLN E 207 -52.53 5.93 85.22
C GLN E 207 -53.02 4.54 84.87
N TRP E 208 -52.20 3.51 85.11
CA TRP E 208 -52.62 2.14 84.83
C TRP E 208 -53.75 1.72 85.76
N LYS E 209 -53.66 2.07 87.04
CA LYS E 209 -54.69 1.69 87.99
C LYS E 209 -55.94 2.57 87.91
N SER E 210 -55.86 3.74 87.28
CA SER E 210 -57.03 4.60 87.15
C SER E 210 -58.01 4.03 86.14
N HIS E 211 -57.54 3.74 84.93
CA HIS E 211 -58.40 3.16 83.91
C HIS E 211 -58.79 1.73 84.30
N LYS E 212 -60.08 1.43 84.18
CA LYS E 212 -60.56 0.12 84.61
C LYS E 212 -60.05 -1.00 83.71
N SER E 213 -59.76 -0.70 82.44
CA SER E 213 -59.25 -1.72 81.54
C SER E 213 -58.71 -1.06 80.28
N TYR E 214 -57.55 -1.53 79.83
CA TYR E 214 -56.99 -1.17 78.55
C TYR E 214 -57.26 -2.27 77.53
N SER E 215 -57.07 -1.94 76.26
CA SER E 215 -57.33 -2.88 75.18
C SER E 215 -56.42 -2.55 74.00
N CYS E 216 -56.00 -3.61 73.31
CA CYS E 216 -55.16 -3.53 72.11
C CYS E 216 -55.95 -4.14 70.96
N GLN E 217 -56.29 -3.31 69.98
CA GLN E 217 -56.99 -3.72 68.77
C GLN E 217 -55.99 -3.85 67.63
N VAL E 218 -55.89 -5.04 67.05
CA VAL E 218 -54.93 -5.34 66.00
C VAL E 218 -55.71 -5.79 64.77
N THR E 219 -55.33 -5.24 63.62
CA THR E 219 -56.00 -5.51 62.35
C THR E 219 -54.98 -6.09 61.38
N HIS E 220 -55.14 -7.38 61.09
CA HIS E 220 -54.50 -8.09 59.99
C HIS E 220 -55.29 -7.79 58.72
N GLU E 221 -55.01 -8.51 57.64
CA GLU E 221 -55.94 -8.56 56.51
C GLU E 221 -57.31 -9.02 57.00
N GLY E 222 -58.33 -8.78 56.19
CA GLY E 222 -59.56 -8.13 56.62
C GLY E 222 -60.12 -8.49 57.98
N SER E 223 -60.09 -9.77 58.37
CA SER E 223 -60.47 -10.11 59.74
C SER E 223 -59.59 -9.37 60.75
N THR E 224 -60.07 -9.30 61.98
CA THR E 224 -59.55 -8.37 62.99
C THR E 224 -59.66 -9.01 64.37
N VAL E 225 -58.75 -8.63 65.26
CA VAL E 225 -58.68 -9.20 66.61
C VAL E 225 -58.46 -8.10 67.63
N GLU E 226 -58.73 -8.43 68.89
CA GLU E 226 -58.60 -7.50 69.99
C GLU E 226 -58.32 -8.29 71.27
N LYS E 227 -57.53 -7.68 72.16
CA LYS E 227 -57.27 -8.23 73.49
C LYS E 227 -57.54 -7.15 74.52
N THR E 228 -57.92 -7.58 75.72
CA THR E 228 -58.28 -6.68 76.82
C THR E 228 -57.56 -7.10 78.09
N VAL E 229 -57.21 -6.11 78.91
CA VAL E 229 -56.57 -6.34 80.20
C VAL E 229 -57.16 -5.33 81.19
N ALA E 230 -57.19 -5.72 82.46
CA ALA E 230 -57.70 -4.88 83.54
C ALA E 230 -56.82 -5.04 84.78
N PRO E 231 -56.74 -4.03 85.65
CA PRO E 231 -56.02 -4.24 86.92
C PRO E 231 -56.79 -5.16 87.85
N THR E 232 -56.08 -6.13 88.42
CA THR E 232 -56.67 -7.06 89.37
C THR E 232 -55.61 -7.39 90.42
N GLU E 233 -55.80 -6.88 91.63
CA GLU E 233 -54.88 -7.13 92.74
C GLU E 233 -55.32 -8.36 93.52
N CYS E 234 -54.35 -9.25 93.80
CA CYS E 234 -54.60 -10.48 94.54
C CYS E 234 -53.43 -10.71 95.48
N SER E 235 -53.38 -11.90 96.06
CA SER E 235 -52.32 -12.27 97.01
C SER E 235 -50.95 -12.24 96.35
#